data_1RA9
# 
_entry.id   1RA9 
# 
_audit_conform.dict_name       mmcif_pdbx.dic 
_audit_conform.dict_version    5.392 
_audit_conform.dict_location   http://mmcif.pdb.org/dictionaries/ascii/mmcif_pdbx.dic 
# 
loop_
_database_2.database_id 
_database_2.database_code 
_database_2.pdbx_database_accession 
_database_2.pdbx_DOI 
PDB   1RA9         pdb_00001ra9 10.2210/pdb1ra9/pdb 
WWPDB D_1000175962 ?            ?                   
# 
loop_
_pdbx_audit_revision_history.ordinal 
_pdbx_audit_revision_history.data_content_type 
_pdbx_audit_revision_history.major_revision 
_pdbx_audit_revision_history.minor_revision 
_pdbx_audit_revision_history.revision_date 
1 'Structure model' 1 0 1996-12-23 
2 'Structure model' 1 1 2008-03-24 
3 'Structure model' 1 2 2011-07-13 
4 'Structure model' 1 3 2023-08-09 
5 'Structure model' 1 4 2024-05-22 
# 
_pdbx_audit_revision_details.ordinal             1 
_pdbx_audit_revision_details.revision_ordinal    1 
_pdbx_audit_revision_details.data_content_type   'Structure model' 
_pdbx_audit_revision_details.provider            repository 
_pdbx_audit_revision_details.type                'Initial release' 
_pdbx_audit_revision_details.description         ? 
_pdbx_audit_revision_details.details             ? 
# 
loop_
_pdbx_audit_revision_group.ordinal 
_pdbx_audit_revision_group.revision_ordinal 
_pdbx_audit_revision_group.data_content_type 
_pdbx_audit_revision_group.group 
1 2 'Structure model' 'Version format compliance' 
2 3 'Structure model' 'Version format compliance' 
3 4 'Structure model' 'Database references'       
4 4 'Structure model' 'Derived calculations'      
5 4 'Structure model' 'Refinement description'    
6 5 'Structure model' 'Data collection'           
# 
loop_
_pdbx_audit_revision_category.ordinal 
_pdbx_audit_revision_category.revision_ordinal 
_pdbx_audit_revision_category.data_content_type 
_pdbx_audit_revision_category.category 
1 4 'Structure model' database_2                    
2 4 'Structure model' pdbx_initial_refinement_model 
3 4 'Structure model' struct_ref_seq_dif            
4 4 'Structure model' struct_site                   
5 5 'Structure model' chem_comp_atom                
6 5 'Structure model' chem_comp_bond                
# 
loop_
_pdbx_audit_revision_item.ordinal 
_pdbx_audit_revision_item.revision_ordinal 
_pdbx_audit_revision_item.data_content_type 
_pdbx_audit_revision_item.item 
1 4 'Structure model' '_database_2.pdbx_DOI'                
2 4 'Structure model' '_database_2.pdbx_database_accession' 
3 4 'Structure model' '_struct_ref_seq_dif.details'         
4 4 'Structure model' '_struct_site.pdbx_auth_asym_id'      
5 4 'Structure model' '_struct_site.pdbx_auth_comp_id'      
6 4 'Structure model' '_struct_site.pdbx_auth_seq_id'       
# 
_pdbx_database_status.status_code                     REL 
_pdbx_database_status.entry_id                        1RA9 
_pdbx_database_status.recvd_initial_deposition_date   1996-10-28 
_pdbx_database_status.deposit_site                    ? 
_pdbx_database_status.process_site                    BNL 
_pdbx_database_status.status_code_sf                  REL 
_pdbx_database_status.status_code_mr                  ? 
_pdbx_database_status.SG_entry                        ? 
_pdbx_database_status.pdb_format_compatible           Y 
_pdbx_database_status.status_code_cs                  ? 
_pdbx_database_status.status_code_nmr_data            ? 
_pdbx_database_status.methods_development_category    ? 
# 
loop_
_audit_author.name 
_audit_author.pdbx_ordinal 
'Sawaya, M.R.' 1 
'Kraut, J.'    2 
# 
loop_
_citation.id 
_citation.title 
_citation.journal_abbrev 
_citation.journal_volume 
_citation.page_first 
_citation.page_last 
_citation.year 
_citation.journal_id_ASTM 
_citation.country 
_citation.journal_id_ISSN 
_citation.journal_id_CSD 
_citation.book_publisher 
_citation.pdbx_database_id_PubMed 
_citation.pdbx_database_id_DOI 
primary 'Loop and subdomain movements in the mechanism of Escherichia coli dihydrofolate reductase: crystallographic evidence.' 
Biochemistry 36 586  603 1997 BICHAW US 0006-2960 0033 ? 9012674 10.1021/bi962337c 
1       
;Isomorphous Crystal Structures of Escherichia Coli Dihydrofolate Reductase Complexed with Folate, 5-Deazafolate, and 5,10-Dideazatetrahydrofolate: Mechanistic Implications
;
Biochemistry 34 2710 ?   1995 BICHAW US 0006-2960 0033 ? ?       ?                 
2       
;Crystal Structure of Unliganded Escherichia Coli Dihydrofolate Reductase. Ligand-Induced Conformational Changes and Cooperativity in Binding
;
Biochemistry 30 2227 ?   1991 BICHAW US 0006-2960 0033 ? ?       ?                 
3       
;Crystal Structures of Escherichia Coli Dihydrofolate Reductase: The Nadp+ Holoenzyme and the Folate.Nadp+ Ternary Complex. Substrate Binding and a Model for the Transition State
;
Biochemistry 29 3263 ?   1990 BICHAW US 0006-2960 0033 ? ?       ?                 
# 
loop_
_citation_author.citation_id 
_citation_author.name 
_citation_author.ordinal 
_citation_author.identifier_ORCID 
primary 'Sawaya, M.R.' 1  ? 
primary 'Kraut, J.'    2  ? 
1       'Reyes, V.M.'  3  ? 
1       'Sawaya, M.R.' 4  ? 
1       'Brown, K.A.'  5  ? 
1       'Kraut, J.'    6  ? 
2       'Bystroff, C.' 7  ? 
2       'Kraut, J.'    8  ? 
3       'Bystroff, C.' 9  ? 
3       'Oatley, S.J.' 10 ? 
3       'Kraut, J.'    11 ? 
# 
loop_
_entity.id 
_entity.type 
_entity.src_method 
_entity.pdbx_description 
_entity.formula_weight 
_entity.pdbx_number_of_molecules 
_entity.pdbx_ec 
_entity.pdbx_mutation 
_entity.pdbx_fragment 
_entity.details 
1 polymer     man 'DIHYDROFOLATE REDUCTASE'                          18020.326 1   1.5.1.3 ? ? ? 
2 non-polymer syn 'NADP NICOTINAMIDE-ADENINE-DINUCLEOTIDE PHOSPHATE' 743.405   1   ?       ? ? ? 
3 water       nat water                                              18.015    163 ?       ? ? ? 
# 
_entity_name_com.entity_id   1 
_entity_name_com.name        DHFR 
# 
_entity_poly.entity_id                      1 
_entity_poly.type                           'polypeptide(L)' 
_entity_poly.nstd_linkage                   no 
_entity_poly.nstd_monomer                   no 
_entity_poly.pdbx_seq_one_letter_code       
;MISLIAALAVDRVIGMENAMPWNLPADLAWFKRNTLDKPVIMGRHTWESIGRPLPGRKNIILSSQPGTDDRVTWVKSVDE
AIAACGDVPEIMVIGGGRVYEQFLPKAQKLYLTHIDAEVEGDTHFPDYEPDDWESVFSEFHDADAQNSHSYCFEILERR
;
_entity_poly.pdbx_seq_one_letter_code_can   
;MISLIAALAVDRVIGMENAMPWNLPADLAWFKRNTLDKPVIMGRHTWESIGRPLPGRKNIILSSQPGTDDRVTWVKSVDE
AIAACGDVPEIMVIGGGRVYEQFLPKAQKLYLTHIDAEVEGDTHFPDYEPDDWESVFSEFHDADAQNSHSYCFEILERR
;
_entity_poly.pdbx_strand_id                 A 
_entity_poly.pdbx_target_identifier         ? 
# 
loop_
_pdbx_entity_nonpoly.entity_id 
_pdbx_entity_nonpoly.name 
_pdbx_entity_nonpoly.comp_id 
2 'NADP NICOTINAMIDE-ADENINE-DINUCLEOTIDE PHOSPHATE' NAP 
3 water                                              HOH 
# 
loop_
_entity_poly_seq.entity_id 
_entity_poly_seq.num 
_entity_poly_seq.mon_id 
_entity_poly_seq.hetero 
1 1   MET n 
1 2   ILE n 
1 3   SER n 
1 4   LEU n 
1 5   ILE n 
1 6   ALA n 
1 7   ALA n 
1 8   LEU n 
1 9   ALA n 
1 10  VAL n 
1 11  ASP n 
1 12  ARG n 
1 13  VAL n 
1 14  ILE n 
1 15  GLY n 
1 16  MET n 
1 17  GLU n 
1 18  ASN n 
1 19  ALA n 
1 20  MET n 
1 21  PRO n 
1 22  TRP n 
1 23  ASN n 
1 24  LEU n 
1 25  PRO n 
1 26  ALA n 
1 27  ASP n 
1 28  LEU n 
1 29  ALA n 
1 30  TRP n 
1 31  PHE n 
1 32  LYS n 
1 33  ARG n 
1 34  ASN n 
1 35  THR n 
1 36  LEU n 
1 37  ASP n 
1 38  LYS n 
1 39  PRO n 
1 40  VAL n 
1 41  ILE n 
1 42  MET n 
1 43  GLY n 
1 44  ARG n 
1 45  HIS n 
1 46  THR n 
1 47  TRP n 
1 48  GLU n 
1 49  SER n 
1 50  ILE n 
1 51  GLY n 
1 52  ARG n 
1 53  PRO n 
1 54  LEU n 
1 55  PRO n 
1 56  GLY n 
1 57  ARG n 
1 58  LYS n 
1 59  ASN n 
1 60  ILE n 
1 61  ILE n 
1 62  LEU n 
1 63  SER n 
1 64  SER n 
1 65  GLN n 
1 66  PRO n 
1 67  GLY n 
1 68  THR n 
1 69  ASP n 
1 70  ASP n 
1 71  ARG n 
1 72  VAL n 
1 73  THR n 
1 74  TRP n 
1 75  VAL n 
1 76  LYS n 
1 77  SER n 
1 78  VAL n 
1 79  ASP n 
1 80  GLU n 
1 81  ALA n 
1 82  ILE n 
1 83  ALA n 
1 84  ALA n 
1 85  CYS n 
1 86  GLY n 
1 87  ASP n 
1 88  VAL n 
1 89  PRO n 
1 90  GLU n 
1 91  ILE n 
1 92  MET n 
1 93  VAL n 
1 94  ILE n 
1 95  GLY n 
1 96  GLY n 
1 97  GLY n 
1 98  ARG n 
1 99  VAL n 
1 100 TYR n 
1 101 GLU n 
1 102 GLN n 
1 103 PHE n 
1 104 LEU n 
1 105 PRO n 
1 106 LYS n 
1 107 ALA n 
1 108 GLN n 
1 109 LYS n 
1 110 LEU n 
1 111 TYR n 
1 112 LEU n 
1 113 THR n 
1 114 HIS n 
1 115 ILE n 
1 116 ASP n 
1 117 ALA n 
1 118 GLU n 
1 119 VAL n 
1 120 GLU n 
1 121 GLY n 
1 122 ASP n 
1 123 THR n 
1 124 HIS n 
1 125 PHE n 
1 126 PRO n 
1 127 ASP n 
1 128 TYR n 
1 129 GLU n 
1 130 PRO n 
1 131 ASP n 
1 132 ASP n 
1 133 TRP n 
1 134 GLU n 
1 135 SER n 
1 136 VAL n 
1 137 PHE n 
1 138 SER n 
1 139 GLU n 
1 140 PHE n 
1 141 HIS n 
1 142 ASP n 
1 143 ALA n 
1 144 ASP n 
1 145 ALA n 
1 146 GLN n 
1 147 ASN n 
1 148 SER n 
1 149 HIS n 
1 150 SER n 
1 151 TYR n 
1 152 CYS n 
1 153 PHE n 
1 154 GLU n 
1 155 ILE n 
1 156 LEU n 
1 157 GLU n 
1 158 ARG n 
1 159 ARG n 
# 
_entity_src_gen.entity_id                          1 
_entity_src_gen.pdbx_src_id                        1 
_entity_src_gen.pdbx_alt_source_flag               sample 
_entity_src_gen.pdbx_seq_type                      ? 
_entity_src_gen.pdbx_beg_seq_num                   ? 
_entity_src_gen.pdbx_end_seq_num                   ? 
_entity_src_gen.gene_src_common_name               ? 
_entity_src_gen.gene_src_genus                     Escherichia 
_entity_src_gen.pdbx_gene_src_gene                 ? 
_entity_src_gen.gene_src_species                   ? 
_entity_src_gen.gene_src_strain                    RT500 
_entity_src_gen.gene_src_tissue                    ? 
_entity_src_gen.gene_src_tissue_fraction           ? 
_entity_src_gen.gene_src_details                   ? 
_entity_src_gen.pdbx_gene_src_fragment             ? 
_entity_src_gen.pdbx_gene_src_scientific_name      'Escherichia coli' 
_entity_src_gen.pdbx_gene_src_ncbi_taxonomy_id     562 
_entity_src_gen.pdbx_gene_src_variant              ? 
_entity_src_gen.pdbx_gene_src_cell_line            ? 
_entity_src_gen.pdbx_gene_src_atcc                 ? 
_entity_src_gen.pdbx_gene_src_organ                ? 
_entity_src_gen.pdbx_gene_src_organelle            ? 
_entity_src_gen.pdbx_gene_src_cell                 ? 
_entity_src_gen.pdbx_gene_src_cellular_location    ? 
_entity_src_gen.host_org_common_name               ? 
_entity_src_gen.pdbx_host_org_scientific_name      'Escherichia coli' 
_entity_src_gen.pdbx_host_org_ncbi_taxonomy_id     562 
_entity_src_gen.host_org_genus                     Escherichia 
_entity_src_gen.pdbx_host_org_gene                 ? 
_entity_src_gen.pdbx_host_org_organ                ? 
_entity_src_gen.host_org_species                   ? 
_entity_src_gen.pdbx_host_org_tissue               ? 
_entity_src_gen.pdbx_host_org_tissue_fraction      ? 
_entity_src_gen.pdbx_host_org_strain               ? 
_entity_src_gen.pdbx_host_org_variant              ? 
_entity_src_gen.pdbx_host_org_cell_line            ? 
_entity_src_gen.pdbx_host_org_atcc                 ? 
_entity_src_gen.pdbx_host_org_culture_collection   ? 
_entity_src_gen.pdbx_host_org_cell                 ? 
_entity_src_gen.pdbx_host_org_organelle            ? 
_entity_src_gen.pdbx_host_org_cellular_location    ? 
_entity_src_gen.pdbx_host_org_vector_type          ? 
_entity_src_gen.pdbx_host_org_vector               ? 
_entity_src_gen.host_org_details                   ? 
_entity_src_gen.expression_system_id               ? 
_entity_src_gen.plasmid_name                       PRWA-1 
_entity_src_gen.plasmid_details                    ? 
_entity_src_gen.pdbx_description                   ? 
# 
loop_
_chem_comp.id 
_chem_comp.type 
_chem_comp.mon_nstd_flag 
_chem_comp.name 
_chem_comp.pdbx_synonyms 
_chem_comp.formula 
_chem_comp.formula_weight 
ALA 'L-peptide linking' y ALANINE                                            ?                                            
'C3 H7 N O2'        89.093  
ARG 'L-peptide linking' y ARGININE                                           ?                                            
'C6 H15 N4 O2 1'    175.209 
ASN 'L-peptide linking' y ASPARAGINE                                         ?                                            
'C4 H8 N2 O3'       132.118 
ASP 'L-peptide linking' y 'ASPARTIC ACID'                                    ?                                            
'C4 H7 N O4'        133.103 
CYS 'L-peptide linking' y CYSTEINE                                           ?                                            
'C3 H7 N O2 S'      121.158 
GLN 'L-peptide linking' y GLUTAMINE                                          ?                                            
'C5 H10 N2 O3'      146.144 
GLU 'L-peptide linking' y 'GLUTAMIC ACID'                                    ?                                            
'C5 H9 N O4'        147.129 
GLY 'peptide linking'   y GLYCINE                                            ?                                            
'C2 H5 N O2'        75.067  
HIS 'L-peptide linking' y HISTIDINE                                          ?                                            
'C6 H10 N3 O2 1'    156.162 
HOH non-polymer         . WATER                                              ?                                            'H2 O' 
18.015  
ILE 'L-peptide linking' y ISOLEUCINE                                         ?                                            
'C6 H13 N O2'       131.173 
LEU 'L-peptide linking' y LEUCINE                                            ?                                            
'C6 H13 N O2'       131.173 
LYS 'L-peptide linking' y LYSINE                                             ?                                            
'C6 H15 N2 O2 1'    147.195 
MET 'L-peptide linking' y METHIONINE                                         ?                                            
'C5 H11 N O2 S'     149.211 
NAP non-polymer         . 'NADP NICOTINAMIDE-ADENINE-DINUCLEOTIDE PHOSPHATE' 
;2'-MONOPHOSPHOADENOSINE 5'-DIPHOSPHORIBOSE
;
'C21 H28 N7 O17 P3' 743.405 
PHE 'L-peptide linking' y PHENYLALANINE                                      ?                                            
'C9 H11 N O2'       165.189 
PRO 'L-peptide linking' y PROLINE                                            ?                                            
'C5 H9 N O2'        115.130 
SER 'L-peptide linking' y SERINE                                             ?                                            
'C3 H7 N O3'        105.093 
THR 'L-peptide linking' y THREONINE                                          ?                                            
'C4 H9 N O3'        119.119 
TRP 'L-peptide linking' y TRYPTOPHAN                                         ?                                            
'C11 H12 N2 O2'     204.225 
TYR 'L-peptide linking' y TYROSINE                                           ?                                            
'C9 H11 N O3'       181.189 
VAL 'L-peptide linking' y VALINE                                             ?                                            
'C5 H11 N O2'       117.146 
# 
loop_
_pdbx_poly_seq_scheme.asym_id 
_pdbx_poly_seq_scheme.entity_id 
_pdbx_poly_seq_scheme.seq_id 
_pdbx_poly_seq_scheme.mon_id 
_pdbx_poly_seq_scheme.ndb_seq_num 
_pdbx_poly_seq_scheme.pdb_seq_num 
_pdbx_poly_seq_scheme.auth_seq_num 
_pdbx_poly_seq_scheme.pdb_mon_id 
_pdbx_poly_seq_scheme.auth_mon_id 
_pdbx_poly_seq_scheme.pdb_strand_id 
_pdbx_poly_seq_scheme.pdb_ins_code 
_pdbx_poly_seq_scheme.hetero 
A 1 1   MET 1   1   1   MET MET A . n 
A 1 2   ILE 2   2   2   ILE ILE A . n 
A 1 3   SER 3   3   3   SER SER A . n 
A 1 4   LEU 4   4   4   LEU LEU A . n 
A 1 5   ILE 5   5   5   ILE ILE A . n 
A 1 6   ALA 6   6   6   ALA ALA A . n 
A 1 7   ALA 7   7   7   ALA ALA A . n 
A 1 8   LEU 8   8   8   LEU LEU A . n 
A 1 9   ALA 9   9   9   ALA ALA A . n 
A 1 10  VAL 10  10  10  VAL VAL A . n 
A 1 11  ASP 11  11  11  ASP ASP A . n 
A 1 12  ARG 12  12  12  ARG ARG A . n 
A 1 13  VAL 13  13  13  VAL VAL A . n 
A 1 14  ILE 14  14  14  ILE ILE A . n 
A 1 15  GLY 15  15  15  GLY GLY A . n 
A 1 16  MET 16  16  16  MET MET A . n 
A 1 17  GLU 17  17  17  GLU GLU A . n 
A 1 18  ASN 18  18  18  ASN ASN A . n 
A 1 19  ALA 19  19  19  ALA ALA A . n 
A 1 20  MET 20  20  20  MET MET A . n 
A 1 21  PRO 21  21  21  PRO PRO A . n 
A 1 22  TRP 22  22  22  TRP TRP A . n 
A 1 23  ASN 23  23  23  ASN ASN A . n 
A 1 24  LEU 24  24  24  LEU LEU A . n 
A 1 25  PRO 25  25  25  PRO PRO A . n 
A 1 26  ALA 26  26  26  ALA ALA A . n 
A 1 27  ASP 27  27  27  ASP ASP A . n 
A 1 28  LEU 28  28  28  LEU LEU A . n 
A 1 29  ALA 29  29  29  ALA ALA A . n 
A 1 30  TRP 30  30  30  TRP TRP A . n 
A 1 31  PHE 31  31  31  PHE PHE A . n 
A 1 32  LYS 32  32  32  LYS LYS A . n 
A 1 33  ARG 33  33  33  ARG ARG A . n 
A 1 34  ASN 34  34  34  ASN ASN A . n 
A 1 35  THR 35  35  35  THR THR A . n 
A 1 36  LEU 36  36  36  LEU LEU A . n 
A 1 37  ASP 37  37  37  ASP ASP A . n 
A 1 38  LYS 38  38  38  LYS LYS A . n 
A 1 39  PRO 39  39  39  PRO PRO A . n 
A 1 40  VAL 40  40  40  VAL VAL A . n 
A 1 41  ILE 41  41  41  ILE ILE A . n 
A 1 42  MET 42  42  42  MET MET A . n 
A 1 43  GLY 43  43  43  GLY GLY A . n 
A 1 44  ARG 44  44  44  ARG ARG A . n 
A 1 45  HIS 45  45  45  HIS HIS A . n 
A 1 46  THR 46  46  46  THR THR A . n 
A 1 47  TRP 47  47  47  TRP TRP A . n 
A 1 48  GLU 48  48  48  GLU GLU A . n 
A 1 49  SER 49  49  49  SER SER A . n 
A 1 50  ILE 50  50  50  ILE ILE A . n 
A 1 51  GLY 51  51  51  GLY GLY A . n 
A 1 52  ARG 52  52  52  ARG ARG A . n 
A 1 53  PRO 53  53  53  PRO PRO A . n 
A 1 54  LEU 54  54  54  LEU LEU A . n 
A 1 55  PRO 55  55  55  PRO PRO A . n 
A 1 56  GLY 56  56  56  GLY GLY A . n 
A 1 57  ARG 57  57  57  ARG ARG A . n 
A 1 58  LYS 58  58  58  LYS LYS A . n 
A 1 59  ASN 59  59  59  ASN ASN A . n 
A 1 60  ILE 60  60  60  ILE ILE A . n 
A 1 61  ILE 61  61  61  ILE ILE A . n 
A 1 62  LEU 62  62  62  LEU LEU A . n 
A 1 63  SER 63  63  63  SER SER A . n 
A 1 64  SER 64  64  64  SER SER A . n 
A 1 65  GLN 65  65  65  GLN GLN A . n 
A 1 66  PRO 66  66  66  PRO PRO A . n 
A 1 67  GLY 67  67  67  GLY GLY A . n 
A 1 68  THR 68  68  68  THR THR A . n 
A 1 69  ASP 69  69  69  ASP ASP A . n 
A 1 70  ASP 70  70  70  ASP ASP A . n 
A 1 71  ARG 71  71  71  ARG ARG A . n 
A 1 72  VAL 72  72  72  VAL VAL A . n 
A 1 73  THR 73  73  73  THR THR A . n 
A 1 74  TRP 74  74  74  TRP TRP A . n 
A 1 75  VAL 75  75  75  VAL VAL A . n 
A 1 76  LYS 76  76  76  LYS LYS A . n 
A 1 77  SER 77  77  77  SER SER A . n 
A 1 78  VAL 78  78  78  VAL VAL A . n 
A 1 79  ASP 79  79  79  ASP ASP A . n 
A 1 80  GLU 80  80  80  GLU GLU A . n 
A 1 81  ALA 81  81  81  ALA ALA A . n 
A 1 82  ILE 82  82  82  ILE ILE A . n 
A 1 83  ALA 83  83  83  ALA ALA A . n 
A 1 84  ALA 84  84  84  ALA ALA A . n 
A 1 85  CYS 85  85  85  CYS CYS A . n 
A 1 86  GLY 86  86  86  GLY GLY A . n 
A 1 87  ASP 87  87  87  ASP ASP A . n 
A 1 88  VAL 88  88  88  VAL VAL A . n 
A 1 89  PRO 89  89  89  PRO PRO A . n 
A 1 90  GLU 90  90  90  GLU GLU A . n 
A 1 91  ILE 91  91  91  ILE ILE A . n 
A 1 92  MET 92  92  92  MET MET A . n 
A 1 93  VAL 93  93  93  VAL VAL A . n 
A 1 94  ILE 94  94  94  ILE ILE A . n 
A 1 95  GLY 95  95  95  GLY GLY A . n 
A 1 96  GLY 96  96  96  GLY GLY A . n 
A 1 97  GLY 97  97  97  GLY GLY A . n 
A 1 98  ARG 98  98  98  ARG ARG A . n 
A 1 99  VAL 99  99  99  VAL VAL A . n 
A 1 100 TYR 100 100 100 TYR TYR A . n 
A 1 101 GLU 101 101 101 GLU GLU A . n 
A 1 102 GLN 102 102 102 GLN GLN A . n 
A 1 103 PHE 103 103 103 PHE PHE A . n 
A 1 104 LEU 104 104 104 LEU LEU A . n 
A 1 105 PRO 105 105 105 PRO PRO A . n 
A 1 106 LYS 106 106 106 LYS LYS A . n 
A 1 107 ALA 107 107 107 ALA ALA A . n 
A 1 108 GLN 108 108 108 GLN GLN A . n 
A 1 109 LYS 109 109 109 LYS LYS A . n 
A 1 110 LEU 110 110 110 LEU LEU A . n 
A 1 111 TYR 111 111 111 TYR TYR A . n 
A 1 112 LEU 112 112 112 LEU LEU A . n 
A 1 113 THR 113 113 113 THR THR A . n 
A 1 114 HIS 114 114 114 HIS HIS A . n 
A 1 115 ILE 115 115 115 ILE ILE A . n 
A 1 116 ASP 116 116 116 ASP ASP A . n 
A 1 117 ALA 117 117 117 ALA ALA A . n 
A 1 118 GLU 118 118 118 GLU GLU A . n 
A 1 119 VAL 119 119 119 VAL VAL A . n 
A 1 120 GLU 120 120 120 GLU GLU A . n 
A 1 121 GLY 121 121 121 GLY GLY A . n 
A 1 122 ASP 122 122 122 ASP ASP A . n 
A 1 123 THR 123 123 123 THR THR A . n 
A 1 124 HIS 124 124 124 HIS HIS A . n 
A 1 125 PHE 125 125 125 PHE PHE A . n 
A 1 126 PRO 126 126 126 PRO PRO A . n 
A 1 127 ASP 127 127 127 ASP ASP A . n 
A 1 128 TYR 128 128 128 TYR TYR A . n 
A 1 129 GLU 129 129 129 GLU GLU A . n 
A 1 130 PRO 130 130 130 PRO PRO A . n 
A 1 131 ASP 131 131 131 ASP ASP A . n 
A 1 132 ASP 132 132 132 ASP ASP A . n 
A 1 133 TRP 133 133 133 TRP TRP A . n 
A 1 134 GLU 134 134 134 GLU GLU A . n 
A 1 135 SER 135 135 135 SER SER A . n 
A 1 136 VAL 136 136 136 VAL VAL A . n 
A 1 137 PHE 137 137 137 PHE PHE A . n 
A 1 138 SER 138 138 138 SER SER A . n 
A 1 139 GLU 139 139 139 GLU GLU A . n 
A 1 140 PHE 140 140 140 PHE PHE A . n 
A 1 141 HIS 141 141 141 HIS HIS A . n 
A 1 142 ASP 142 142 142 ASP ASP A . n 
A 1 143 ALA 143 143 143 ALA ALA A . n 
A 1 144 ASP 144 144 144 ASP ASP A . n 
A 1 145 ALA 145 145 145 ALA ALA A . n 
A 1 146 GLN 146 146 146 GLN GLN A . n 
A 1 147 ASN 147 147 147 ASN ASN A . n 
A 1 148 SER 148 148 148 SER SER A . n 
A 1 149 HIS 149 149 149 HIS HIS A . n 
A 1 150 SER 150 150 150 SER SER A . n 
A 1 151 TYR 151 151 151 TYR TYR A . n 
A 1 152 CYS 152 152 152 CYS CYS A . n 
A 1 153 PHE 153 153 153 PHE PHE A . n 
A 1 154 GLU 154 154 154 GLU GLU A . n 
A 1 155 ILE 155 155 155 ILE ILE A . n 
A 1 156 LEU 156 156 156 LEU LEU A . n 
A 1 157 GLU 157 157 157 GLU GLU A . n 
A 1 158 ARG 158 158 158 ARG ARG A . n 
A 1 159 ARG 159 159 159 ARG ARG A . n 
# 
loop_
_pdbx_nonpoly_scheme.asym_id 
_pdbx_nonpoly_scheme.entity_id 
_pdbx_nonpoly_scheme.mon_id 
_pdbx_nonpoly_scheme.ndb_seq_num 
_pdbx_nonpoly_scheme.pdb_seq_num 
_pdbx_nonpoly_scheme.auth_seq_num 
_pdbx_nonpoly_scheme.pdb_mon_id 
_pdbx_nonpoly_scheme.auth_mon_id 
_pdbx_nonpoly_scheme.pdb_strand_id 
_pdbx_nonpoly_scheme.pdb_ins_code 
B 2 NAP 1   164 164 NAP NAP A . 
C 3 HOH 1   700 700 HOH HOH A . 
C 3 HOH 2   701 701 HOH HOH A . 
C 3 HOH 3   702 702 HOH HOH A . 
C 3 HOH 4   703 703 HOH HOH A . 
C 3 HOH 5   704 704 HOH HOH A . 
C 3 HOH 6   705 705 HOH HOH A . 
C 3 HOH 7   706 706 HOH HOH A . 
C 3 HOH 8   707 707 HOH HOH A . 
C 3 HOH 9   708 708 HOH HOH A . 
C 3 HOH 10  709 709 HOH HOH A . 
C 3 HOH 11  710 710 HOH HOH A . 
C 3 HOH 12  712 712 HOH HOH A . 
C 3 HOH 13  714 714 HOH HOH A . 
C 3 HOH 14  715 715 HOH HOH A . 
C 3 HOH 15  716 716 HOH HOH A . 
C 3 HOH 16  717 717 HOH HOH A . 
C 3 HOH 17  718 718 HOH HOH A . 
C 3 HOH 18  719 719 HOH HOH A . 
C 3 HOH 19  720 720 HOH HOH A . 
C 3 HOH 20  721 721 HOH HOH A . 
C 3 HOH 21  722 722 HOH HOH A . 
C 3 HOH 22  723 723 HOH HOH A . 
C 3 HOH 23  724 724 HOH HOH A . 
C 3 HOH 24  726 726 HOH HOH A . 
C 3 HOH 25  727 727 HOH HOH A . 
C 3 HOH 26  729 729 HOH HOH A . 
C 3 HOH 27  730 730 HOH HOH A . 
C 3 HOH 28  731 731 HOH HOH A . 
C 3 HOH 29  733 733 HOH HOH A . 
C 3 HOH 30  734 734 HOH HOH A . 
C 3 HOH 31  735 735 HOH HOH A . 
C 3 HOH 32  736 736 HOH HOH A . 
C 3 HOH 33  738 738 HOH HOH A . 
C 3 HOH 34  739 739 HOH HOH A . 
C 3 HOH 35  740 740 HOH HOH A . 
C 3 HOH 36  741 741 HOH HOH A . 
C 3 HOH 37  742 742 HOH HOH A . 
C 3 HOH 38  743 743 HOH HOH A . 
C 3 HOH 39  744 744 HOH HOH A . 
C 3 HOH 40  745 745 HOH HOH A . 
C 3 HOH 41  746 746 HOH HOH A . 
C 3 HOH 42  747 747 HOH HOH A . 
C 3 HOH 43  748 748 HOH HOH A . 
C 3 HOH 44  749 749 HOH HOH A . 
C 3 HOH 45  750 750 HOH HOH A . 
C 3 HOH 46  751 751 HOH HOH A . 
C 3 HOH 47  752 752 HOH HOH A . 
C 3 HOH 48  753 753 HOH HOH A . 
C 3 HOH 49  754 754 HOH HOH A . 
C 3 HOH 50  755 755 HOH HOH A . 
C 3 HOH 51  756 756 HOH HOH A . 
C 3 HOH 52  757 757 HOH HOH A . 
C 3 HOH 53  758 758 HOH HOH A . 
C 3 HOH 54  759 759 HOH HOH A . 
C 3 HOH 55  760 760 HOH HOH A . 
C 3 HOH 56  761 761 HOH HOH A . 
C 3 HOH 57  762 762 HOH HOH A . 
C 3 HOH 58  763 763 HOH HOH A . 
C 3 HOH 59  764 764 HOH HOH A . 
C 3 HOH 60  765 765 HOH HOH A . 
C 3 HOH 61  766 766 HOH HOH A . 
C 3 HOH 62  767 767 HOH HOH A . 
C 3 HOH 63  768 768 HOH HOH A . 
C 3 HOH 64  769 769 HOH HOH A . 
C 3 HOH 65  770 770 HOH HOH A . 
C 3 HOH 66  771 771 HOH HOH A . 
C 3 HOH 67  772 772 HOH HOH A . 
C 3 HOH 68  773 773 HOH HOH A . 
C 3 HOH 69  774 774 HOH HOH A . 
C 3 HOH 70  775 775 HOH HOH A . 
C 3 HOH 71  776 776 HOH HOH A . 
C 3 HOH 72  779 779 HOH HOH A . 
C 3 HOH 73  780 780 HOH HOH A . 
C 3 HOH 74  781 781 HOH HOH A . 
C 3 HOH 75  782 782 HOH HOH A . 
C 3 HOH 76  783 783 HOH HOH A . 
C 3 HOH 77  784 784 HOH HOH A . 
C 3 HOH 78  785 785 HOH HOH A . 
C 3 HOH 79  786 786 HOH HOH A . 
C 3 HOH 80  787 787 HOH HOH A . 
C 3 HOH 81  789 789 HOH HOH A . 
C 3 HOH 82  790 790 HOH HOH A . 
C 3 HOH 83  791 791 HOH HOH A . 
C 3 HOH 84  792 792 HOH HOH A . 
C 3 HOH 85  793 793 HOH HOH A . 
C 3 HOH 86  794 794 HOH HOH A . 
C 3 HOH 87  795 795 HOH HOH A . 
C 3 HOH 88  796 796 HOH HOH A . 
C 3 HOH 89  797 797 HOH HOH A . 
C 3 HOH 90  798 798 HOH HOH A . 
C 3 HOH 91  799 799 HOH HOH A . 
C 3 HOH 92  800 800 HOH HOH A . 
C 3 HOH 93  801 801 HOH HOH A . 
C 3 HOH 94  802 802 HOH HOH A . 
C 3 HOH 95  803 803 HOH HOH A . 
C 3 HOH 96  804 804 HOH HOH A . 
C 3 HOH 97  805 805 HOH HOH A . 
C 3 HOH 98  806 806 HOH HOH A . 
C 3 HOH 99  808 808 HOH HOH A . 
C 3 HOH 100 809 809 HOH HOH A . 
C 3 HOH 101 810 810 HOH HOH A . 
C 3 HOH 102 812 812 HOH HOH A . 
C 3 HOH 103 813 813 HOH HOH A . 
C 3 HOH 104 814 814 HOH HOH A . 
C 3 HOH 105 815 815 HOH HOH A . 
C 3 HOH 106 816 816 HOH HOH A . 
C 3 HOH 107 817 817 HOH HOH A . 
C 3 HOH 108 818 818 HOH HOH A . 
C 3 HOH 109 819 819 HOH HOH A . 
C 3 HOH 110 820 820 HOH HOH A . 
C 3 HOH 111 822 822 HOH HOH A . 
C 3 HOH 112 823 823 HOH HOH A . 
C 3 HOH 113 824 824 HOH HOH A . 
C 3 HOH 114 825 825 HOH HOH A . 
C 3 HOH 115 826 826 HOH HOH A . 
C 3 HOH 116 828 828 HOH HOH A . 
C 3 HOH 117 829 829 HOH HOH A . 
C 3 HOH 118 830 830 HOH HOH A . 
C 3 HOH 119 831 831 HOH HOH A . 
C 3 HOH 120 832 832 HOH HOH A . 
C 3 HOH 121 833 833 HOH HOH A . 
C 3 HOH 122 834 834 HOH HOH A . 
C 3 HOH 123 835 835 HOH HOH A . 
C 3 HOH 124 837 837 HOH HOH A . 
C 3 HOH 125 838 838 HOH HOH A . 
C 3 HOH 126 839 839 HOH HOH A . 
C 3 HOH 127 841 841 HOH HOH A . 
C 3 HOH 128 842 842 HOH HOH A . 
C 3 HOH 129 843 843 HOH HOH A . 
C 3 HOH 130 844 844 HOH HOH A . 
C 3 HOH 131 845 845 HOH HOH A . 
C 3 HOH 132 846 846 HOH HOH A . 
C 3 HOH 133 847 847 HOH HOH A . 
C 3 HOH 134 848 848 HOH HOH A . 
C 3 HOH 135 849 849 HOH HOH A . 
C 3 HOH 136 850 850 HOH HOH A . 
C 3 HOH 137 851 851 HOH HOH A . 
C 3 HOH 138 852 852 HOH HOH A . 
C 3 HOH 139 853 853 HOH HOH A . 
C 3 HOH 140 855 855 HOH HOH A . 
C 3 HOH 141 856 856 HOH HOH A . 
C 3 HOH 142 858 858 HOH HOH A . 
C 3 HOH 143 859 859 HOH HOH A . 
C 3 HOH 144 860 860 HOH HOH A . 
C 3 HOH 145 861 861 HOH HOH A . 
C 3 HOH 146 862 862 HOH HOH A . 
C 3 HOH 147 863 863 HOH HOH A . 
C 3 HOH 148 864 864 HOH HOH A . 
C 3 HOH 149 865 865 HOH HOH A . 
C 3 HOH 150 866 866 HOH HOH A . 
C 3 HOH 151 867 867 HOH HOH A . 
C 3 HOH 152 868 868 HOH HOH A . 
C 3 HOH 153 869 869 HOH HOH A . 
C 3 HOH 154 870 870 HOH HOH A . 
C 3 HOH 155 871 871 HOH HOH A . 
C 3 HOH 156 872 872 HOH HOH A . 
C 3 HOH 157 873 873 HOH HOH A . 
C 3 HOH 158 874 874 HOH HOH A . 
C 3 HOH 159 875 875 HOH HOH A . 
C 3 HOH 160 877 877 HOH HOH A . 
C 3 HOH 161 879 879 HOH HOH A . 
C 3 HOH 162 880 880 HOH HOH A . 
C 3 HOH 163 881 881 HOH HOH A . 
# 
loop_
_pdbx_unobs_or_zero_occ_atoms.id 
_pdbx_unobs_or_zero_occ_atoms.PDB_model_num 
_pdbx_unobs_or_zero_occ_atoms.polymer_flag 
_pdbx_unobs_or_zero_occ_atoms.occupancy_flag 
_pdbx_unobs_or_zero_occ_atoms.auth_asym_id 
_pdbx_unobs_or_zero_occ_atoms.auth_comp_id 
_pdbx_unobs_or_zero_occ_atoms.auth_seq_id 
_pdbx_unobs_or_zero_occ_atoms.PDB_ins_code 
_pdbx_unobs_or_zero_occ_atoms.auth_atom_id 
_pdbx_unobs_or_zero_occ_atoms.label_alt_id 
_pdbx_unobs_or_zero_occ_atoms.label_asym_id 
_pdbx_unobs_or_zero_occ_atoms.label_comp_id 
_pdbx_unobs_or_zero_occ_atoms.label_seq_id 
_pdbx_unobs_or_zero_occ_atoms.label_atom_id 
1  1 Y 0 A GLU 17  ? CG  ? A GLU 17 CG  
2  1 Y 0 A GLU 17  ? CD  ? A GLU 17 CD  
3  1 Y 0 A GLU 17  ? OE1 ? A GLU 17 OE1 
4  1 Y 0 A GLU 17  ? OE2 ? A GLU 17 OE2 
5  1 Y 0 A ARG 52  ? NE  ? A ARG 52 NE  
6  1 Y 0 A ARG 52  ? CZ  ? A ARG 52 CZ  
7  1 Y 0 A ARG 52  ? NH1 ? A ARG 52 NH1 
8  1 Y 0 A ARG 52  ? NH2 ? A ARG 52 NH2 
9  1 N 1 A NAP 164 ? C5D ? B NAP 1  C5D 
10 1 N 1 A NAP 164 ? C4D ? B NAP 1  C4D 
11 1 N 1 A NAP 164 ? O4D ? B NAP 1  O4D 
12 1 N 1 A NAP 164 ? C3D ? B NAP 1  C3D 
13 1 N 1 A NAP 164 ? O3D ? B NAP 1  O3D 
14 1 N 1 A NAP 164 ? C2D ? B NAP 1  C2D 
15 1 N 1 A NAP 164 ? O2D ? B NAP 1  O2D 
16 1 N 1 A NAP 164 ? C1D ? B NAP 1  C1D 
17 1 N 1 A NAP 164 ? N1N ? B NAP 1  N1N 
18 1 N 1 A NAP 164 ? C2N ? B NAP 1  C2N 
19 1 N 1 A NAP 164 ? C3N ? B NAP 1  C3N 
20 1 N 1 A NAP 164 ? C7N ? B NAP 1  C7N 
21 1 N 1 A NAP 164 ? O7N ? B NAP 1  O7N 
22 1 N 1 A NAP 164 ? N7N ? B NAP 1  N7N 
23 1 N 1 A NAP 164 ? C4N ? B NAP 1  C4N 
24 1 N 1 A NAP 164 ? C5N ? B NAP 1  C5N 
25 1 N 1 A NAP 164 ? C6N ? B NAP 1  C6N 
# 
loop_
_software.name 
_software.classification 
_software.version 
_software.citation_id 
_software.pdbx_ordinal 
TNT  refinement       . ? 1 
UCSD 'data reduction' . ? 2 
UCSD 'data scaling'   . ? 3 
TNT  phasing          . ? 4 
# 
_cell.entry_id           1RA9 
_cell.length_a           74.860 
_cell.length_b           59.566 
_cell.length_c           38.914 
_cell.angle_alpha        90.00 
_cell.angle_beta         106.49 
_cell.angle_gamma        90.00 
_cell.Z_PDB              4 
_cell.pdbx_unique_axis   ? 
# 
_symmetry.entry_id                         1RA9 
_symmetry.space_group_name_H-M             'C 1 2 1' 
_symmetry.pdbx_full_space_group_name_H-M   ? 
_symmetry.cell_setting                     ? 
_symmetry.Int_Tables_number                5 
# 
_exptl.entry_id          1RA9 
_exptl.method            'X-RAY DIFFRACTION' 
_exptl.crystals_number   1 
# 
_exptl_crystal.id                    1 
_exptl_crystal.density_meas          ? 
_exptl_crystal.density_Matthews      2.31 
_exptl_crystal.density_percent_sol   46.8 
_exptl_crystal.description           ? 
# 
_exptl_crystal_grow.crystal_id      1 
_exptl_crystal_grow.method          ? 
_exptl_crystal_grow.temp            ? 
_exptl_crystal_grow.temp_details    ? 
_exptl_crystal_grow.pH              7.0 
_exptl_crystal_grow.pdbx_pH_range   ? 
_exptl_crystal_grow.pdbx_details    'pH 7.0' 
# 
_diffrn.id                     1 
_diffrn.ambient_temp           298 
_diffrn.ambient_temp_details   ? 
_diffrn.crystal_id             1 
# 
_diffrn_detector.diffrn_id              1 
_diffrn_detector.detector               'AREA DETECTOR' 
_diffrn_detector.type                   'XUONG-HAMLIN MULTIWIRE' 
_diffrn_detector.pdbx_collection_date   1994-12-27 
_diffrn_detector.details                ? 
# 
_diffrn_radiation.diffrn_id                        1 
_diffrn_radiation.wavelength_id                    1 
_diffrn_radiation.pdbx_monochromatic_or_laue_m_l   M 
_diffrn_radiation.monochromator                    'GRAPHITE(002)' 
_diffrn_radiation.pdbx_diffrn_protocol             ? 
_diffrn_radiation.pdbx_scattering_type             x-ray 
# 
_diffrn_radiation_wavelength.id           1 
_diffrn_radiation_wavelength.wavelength   1.5418 
_diffrn_radiation_wavelength.wt           1.0 
# 
_diffrn_source.diffrn_id                   1 
_diffrn_source.source                      'ROTATING ANODE' 
_diffrn_source.type                        'RIGAKU RUH2R' 
_diffrn_source.pdbx_synchrotron_site       ? 
_diffrn_source.pdbx_synchrotron_beamline   ? 
_diffrn_source.pdbx_wavelength             1.5418 
_diffrn_source.pdbx_wavelength_list        ? 
# 
_reflns.entry_id                     1RA9 
_reflns.observed_criterion_sigma_I   0. 
_reflns.observed_criterion_sigma_F   ? 
_reflns.d_resolution_low             100.0 
_reflns.d_resolution_high            1.55 
_reflns.number_obs                   22697 
_reflns.number_all                   ? 
_reflns.percent_possible_obs         95. 
_reflns.pdbx_Rmerge_I_obs            ? 
_reflns.pdbx_Rsym_value              0.0480000 
_reflns.pdbx_netI_over_sigmaI        12.8 
_reflns.B_iso_Wilson_estimate        ? 
_reflns.pdbx_redundancy              3.3 
_reflns.pdbx_diffrn_id               1 
_reflns.pdbx_ordinal                 1 
# 
_reflns_shell.d_res_high             1.55 
_reflns_shell.d_res_low              1.61 
_reflns_shell.percent_possible_all   81.4 
_reflns_shell.Rmerge_I_obs           ? 
_reflns_shell.pdbx_Rsym_value        0.2390000 
_reflns_shell.meanI_over_sigI_obs    2.0 
_reflns_shell.pdbx_redundancy        1.9 
_reflns_shell.pdbx_diffrn_id         ? 
_reflns_shell.pdbx_ordinal           1 
# 
_refine.entry_id                                 1RA9 
_refine.ls_number_reflns_obs                     22697 
_refine.ls_number_reflns_all                     22697 
_refine.pdbx_ls_sigma_I                          ? 
_refine.pdbx_ls_sigma_F                          0.0 
_refine.pdbx_data_cutoff_high_absF               ? 
_refine.pdbx_data_cutoff_low_absF                ? 
_refine.pdbx_data_cutoff_high_rms_absF           ? 
_refine.ls_d_res_low                             20.0 
_refine.ls_d_res_high                            1.55 
_refine.ls_percent_reflns_obs                    95.0 
_refine.ls_R_factor_obs                          ? 
_refine.ls_R_factor_all                          ? 
_refine.ls_R_factor_R_work                       0.1690000 
_refine.ls_R_factor_R_free                       ? 
_refine.ls_R_factor_R_free_error                 ? 
_refine.ls_R_factor_R_free_error_details         ? 
_refine.ls_percent_reflns_R_free                 ? 
_refine.ls_number_reflns_R_free                  ? 
_refine.ls_number_parameters                     ? 
_refine.ls_number_restraints                     ? 
_refine.occupancy_min                            ? 
_refine.occupancy_max                            ? 
_refine.B_iso_mean                               ? 
_refine.aniso_B[1][1]                            ? 
_refine.aniso_B[2][2]                            ? 
_refine.aniso_B[3][3]                            ? 
_refine.aniso_B[1][2]                            ? 
_refine.aniso_B[1][3]                            ? 
_refine.aniso_B[2][3]                            ? 
_refine.solvent_model_details                    'MOEWS AND KRETSINGER' 
_refine.solvent_model_param_ksol                 0.826 
_refine.solvent_model_param_bsol                 303.3 
_refine.pdbx_ls_cross_valid_method               ? 
_refine.details                                  ? 
_refine.pdbx_starting_model                      'PDB ENTRY 1RA3' 
_refine.pdbx_method_to_determine_struct          'DIFFERENCE FOURIER' 
_refine.pdbx_isotropic_thermal_model             TNT 
_refine.pdbx_stereochemistry_target_values       'TNT PROTGEO' 
_refine.pdbx_stereochem_target_val_spec_case     ? 
_refine.pdbx_R_Free_selection_details            ? 
_refine.pdbx_overall_ESU_R                       ? 
_refine.pdbx_overall_ESU_R_Free                  ? 
_refine.overall_SU_ML                            ? 
_refine.overall_SU_B                             ? 
_refine.pdbx_refine_id                           'X-RAY DIFFRACTION' 
_refine.pdbx_diffrn_id                           1 
_refine.pdbx_TLS_residual_ADP_flag               ? 
_refine.correlation_coeff_Fo_to_Fc               ? 
_refine.correlation_coeff_Fo_to_Fc_free          ? 
_refine.pdbx_solvent_vdw_probe_radii             ? 
_refine.pdbx_solvent_ion_probe_radii             ? 
_refine.pdbx_solvent_shrinkage_radii             ? 
_refine.pdbx_overall_phase_error                 ? 
_refine.overall_SU_R_Cruickshank_DPI             ? 
_refine.pdbx_overall_SU_R_free_Cruickshank_DPI   ? 
_refine.pdbx_overall_SU_R_Blow_DPI               ? 
_refine.pdbx_overall_SU_R_free_Blow_DPI          ? 
# 
_refine_hist.pdbx_refine_id                   'X-RAY DIFFRACTION' 
_refine_hist.cycle_id                         LAST 
_refine_hist.pdbx_number_atoms_protein        1268 
_refine_hist.pdbx_number_atoms_nucleic_acid   0 
_refine_hist.pdbx_number_atoms_ligand         31 
_refine_hist.number_atoms_solvent             163 
_refine_hist.number_atoms_total               1462 
_refine_hist.d_res_high                       1.55 
_refine_hist.d_res_low                        20.0 
# 
loop_
_refine_ls_restr.type 
_refine_ls_restr.dev_ideal 
_refine_ls_restr.dev_ideal_target 
_refine_ls_restr.weight 
_refine_ls_restr.number 
_refine_ls_restr.pdbx_refine_id 
_refine_ls_restr.pdbx_restraint_function 
t_bond_d           0.021 ? 0.020 1327 'X-RAY DIFFRACTION' ? 
t_angle_deg        3.0   ? 3.0   1803 'X-RAY DIFFRACTION' ? 
t_dihedral_angle_d 23.7  ? ?     757  'X-RAY DIFFRACTION' ? 
t_incorr_chiral_ct 0     ? ?     ?    'X-RAY DIFFRACTION' ? 
t_pseud_angle      ?     ? ?     ?    'X-RAY DIFFRACTION' ? 
t_trig_c_planes    0.019 ? 0.020 35   'X-RAY DIFFRACTION' ? 
t_gen_planes       0.009 ? 0.020 187  'X-RAY DIFFRACTION' ? 
t_it               6.1   ? 6.0   1327 'X-RAY DIFFRACTION' ? 
t_nbd              0.018 ? 0.020 15   'X-RAY DIFFRACTION' ? 
# 
_pdbx_refine.entry_id                                    1RA9 
_pdbx_refine.R_factor_all_no_cutoff                      ? 
_pdbx_refine.R_factor_obs_no_cutoff                      0.1690000 
_pdbx_refine.free_R_factor_no_cutoff                     ? 
_pdbx_refine.free_R_val_test_set_size_perc_no_cutoff     ? 
_pdbx_refine.free_R_val_test_set_ct_no_cutoff            ? 
_pdbx_refine.R_factor_all_4sig_cutoff                    ? 
_pdbx_refine.R_factor_obs_4sig_cutoff                    ? 
_pdbx_refine.free_R_factor_4sig_cutoff                   ? 
_pdbx_refine.free_R_val_test_set_size_perc_4sig_cutoff   ? 
_pdbx_refine.free_R_val_test_set_ct_4sig_cutoff          ? 
_pdbx_refine.number_reflns_obs_4sig_cutoff               ? 
_pdbx_refine.pdbx_refine_id                              'X-RAY DIFFRACTION' 
_pdbx_refine.free_R_error_no_cutoff                      ? 
# 
_struct.entry_id                  1RA9 
_struct.title                     
'DIHYDROFOLATE REDUCTASE COMPLEXED WITH NICOTINAMIDE ADENINE DINUCLEOTIDE PHOSPHATE (OXIDIZED FORM)' 
_struct.pdbx_model_details        ? 
_struct.pdbx_CASP_flag            ? 
_struct.pdbx_model_type_details   ? 
# 
_struct_keywords.entry_id        1RA9 
_struct_keywords.pdbx_keywords   OXIDOREDUCTASE 
_struct_keywords.text            'OXIDOREDUCTASE, NADP, TRIMETHOPRIM RESISTANCE, METHOTREXATE RESISTANCE, ONE-CARBON METABOLISM' 
# 
loop_
_struct_asym.id 
_struct_asym.pdbx_blank_PDB_chainid_flag 
_struct_asym.pdbx_modified 
_struct_asym.entity_id 
_struct_asym.details 
A N N 1 ? 
B N N 2 ? 
C N N 3 ? 
# 
_struct_ref.id                         1 
_struct_ref.db_name                    UNP 
_struct_ref.db_code                    DYR_ECOLI 
_struct_ref.entity_id                  1 
_struct_ref.pdbx_db_accession          P0ABQ4 
_struct_ref.pdbx_align_begin           1 
_struct_ref.pdbx_seq_one_letter_code   
;MISLIAALAVDRVIGMENAMPWNLPADLAWFKRNTLNKPVIMGRHTWESIGRPLPGRKNIILSSQPGTDDRVTWVKSVDE
AIAACGDVPEIMVIGGGRVYEQFLPKAQKLYLTHIDAEVEGDTHFPDYEPDDWESVFSEFHDADAQNSHSYCFEILERR
;
_struct_ref.pdbx_db_isoform            ? 
# 
_struct_ref_seq.align_id                      1 
_struct_ref_seq.ref_id                        1 
_struct_ref_seq.pdbx_PDB_id_code              1RA9 
_struct_ref_seq.pdbx_strand_id                A 
_struct_ref_seq.seq_align_beg                 1 
_struct_ref_seq.pdbx_seq_align_beg_ins_code   ? 
_struct_ref_seq.seq_align_end                 159 
_struct_ref_seq.pdbx_seq_align_end_ins_code   ? 
_struct_ref_seq.pdbx_db_accession             P0ABQ4 
_struct_ref_seq.db_align_beg                  1 
_struct_ref_seq.pdbx_db_align_beg_ins_code    ? 
_struct_ref_seq.db_align_end                  159 
_struct_ref_seq.pdbx_db_align_end_ins_code    ? 
_struct_ref_seq.pdbx_auth_seq_align_beg       1 
_struct_ref_seq.pdbx_auth_seq_align_end       159 
# 
_struct_ref_seq_dif.align_id                     1 
_struct_ref_seq_dif.pdbx_pdb_id_code             1RA9 
_struct_ref_seq_dif.mon_id                       ASP 
_struct_ref_seq_dif.pdbx_pdb_strand_id           A 
_struct_ref_seq_dif.seq_num                      37 
_struct_ref_seq_dif.pdbx_pdb_ins_code            ? 
_struct_ref_seq_dif.pdbx_seq_db_name             UNP 
_struct_ref_seq_dif.pdbx_seq_db_accession_code   P0ABQ4 
_struct_ref_seq_dif.db_mon_id                    ASN 
_struct_ref_seq_dif.pdbx_seq_db_seq_num          37 
_struct_ref_seq_dif.details                      conflict 
_struct_ref_seq_dif.pdbx_auth_seq_num            37 
_struct_ref_seq_dif.pdbx_ordinal                 1 
# 
_pdbx_struct_assembly.id                   1 
_pdbx_struct_assembly.details              author_defined_assembly 
_pdbx_struct_assembly.method_details       ? 
_pdbx_struct_assembly.oligomeric_details   monomeric 
_pdbx_struct_assembly.oligomeric_count     1 
# 
_pdbx_struct_assembly_gen.assembly_id       1 
_pdbx_struct_assembly_gen.oper_expression   1 
_pdbx_struct_assembly_gen.asym_id_list      A,B,C 
# 
_pdbx_struct_oper_list.id                   1 
_pdbx_struct_oper_list.type                 'identity operation' 
_pdbx_struct_oper_list.name                 1_555 
_pdbx_struct_oper_list.symmetry_operation   x,y,z 
_pdbx_struct_oper_list.matrix[1][1]         1.0000000000 
_pdbx_struct_oper_list.matrix[1][2]         0.0000000000 
_pdbx_struct_oper_list.matrix[1][3]         0.0000000000 
_pdbx_struct_oper_list.vector[1]            0.0000000000 
_pdbx_struct_oper_list.matrix[2][1]         0.0000000000 
_pdbx_struct_oper_list.matrix[2][2]         1.0000000000 
_pdbx_struct_oper_list.matrix[2][3]         0.0000000000 
_pdbx_struct_oper_list.vector[2]            0.0000000000 
_pdbx_struct_oper_list.matrix[3][1]         0.0000000000 
_pdbx_struct_oper_list.matrix[3][2]         0.0000000000 
_pdbx_struct_oper_list.matrix[3][3]         1.0000000000 
_pdbx_struct_oper_list.vector[3]            0.0000000000 
# 
_struct_biol.id   1 
# 
loop_
_struct_conf.conf_type_id 
_struct_conf.id 
_struct_conf.pdbx_PDB_helix_id 
_struct_conf.beg_label_comp_id 
_struct_conf.beg_label_asym_id 
_struct_conf.beg_label_seq_id 
_struct_conf.pdbx_beg_PDB_ins_code 
_struct_conf.end_label_comp_id 
_struct_conf.end_label_asym_id 
_struct_conf.end_label_seq_id 
_struct_conf.pdbx_end_PDB_ins_code 
_struct_conf.beg_auth_comp_id 
_struct_conf.beg_auth_asym_id 
_struct_conf.beg_auth_seq_id 
_struct_conf.end_auth_comp_id 
_struct_conf.end_auth_asym_id 
_struct_conf.end_auth_seq_id 
_struct_conf.pdbx_PDB_helix_class 
_struct_conf.details 
_struct_conf.pdbx_PDB_helix_length 
HELX_P HELX_P1 2 PRO A 25 ? THR A 35  ? PRO A 25 THR A 35  1 ? 11 
HELX_P HELX_P2 3 ARG A 44 ? ILE A 50  ? ARG A 44 ILE A 50  1 ? 7  
HELX_P HELX_P3 4 VAL A 78 ? CYS A 85  ? VAL A 78 CYS A 85  1 ? 8  
HELX_P HELX_P4 5 GLY A 97 ? LYS A 106 ? GLY A 97 LYS A 106 1 ? 10 
# 
_struct_conf_type.id          HELX_P 
_struct_conf_type.criteria    ? 
_struct_conf_type.reference   ? 
# 
_struct_mon_prot_cis.pdbx_id                1 
_struct_mon_prot_cis.label_comp_id          GLY 
_struct_mon_prot_cis.label_seq_id           95 
_struct_mon_prot_cis.label_asym_id          A 
_struct_mon_prot_cis.label_alt_id           . 
_struct_mon_prot_cis.pdbx_PDB_ins_code      ? 
_struct_mon_prot_cis.auth_comp_id           GLY 
_struct_mon_prot_cis.auth_seq_id            95 
_struct_mon_prot_cis.auth_asym_id           A 
_struct_mon_prot_cis.pdbx_label_comp_id_2   GLY 
_struct_mon_prot_cis.pdbx_label_seq_id_2    96 
_struct_mon_prot_cis.pdbx_label_asym_id_2   A 
_struct_mon_prot_cis.pdbx_PDB_ins_code_2    ? 
_struct_mon_prot_cis.pdbx_auth_comp_id_2    GLY 
_struct_mon_prot_cis.pdbx_auth_seq_id_2     96 
_struct_mon_prot_cis.pdbx_auth_asym_id_2    A 
_struct_mon_prot_cis.pdbx_PDB_model_num     1 
_struct_mon_prot_cis.pdbx_omega_angle       0.93 
# 
_struct_sheet.id               8 
_struct_sheet.type             ? 
_struct_sheet.number_strands   8 
_struct_sheet.details          ? 
# 
loop_
_struct_sheet_order.sheet_id 
_struct_sheet_order.range_id_1 
_struct_sheet_order.range_id_2 
_struct_sheet_order.offset 
_struct_sheet_order.sense 
8 1 2 ? anti-parallel 
8 2 3 ? anti-parallel 
8 3 4 ? parallel      
8 4 5 ? parallel      
8 5 6 ? parallel      
8 6 7 ? parallel      
8 7 8 ? parallel      
# 
loop_
_struct_sheet_range.sheet_id 
_struct_sheet_range.id 
_struct_sheet_range.beg_label_comp_id 
_struct_sheet_range.beg_label_asym_id 
_struct_sheet_range.beg_label_seq_id 
_struct_sheet_range.pdbx_beg_PDB_ins_code 
_struct_sheet_range.end_label_comp_id 
_struct_sheet_range.end_label_asym_id 
_struct_sheet_range.end_label_seq_id 
_struct_sheet_range.pdbx_end_PDB_ins_code 
_struct_sheet_range.beg_auth_comp_id 
_struct_sheet_range.beg_auth_asym_id 
_struct_sheet_range.beg_auth_seq_id 
_struct_sheet_range.end_auth_comp_id 
_struct_sheet_range.end_auth_asym_id 
_struct_sheet_range.end_auth_seq_id 
8 1 TRP A 133 ? SER A 135 ? TRP A 133 SER A 135 
8 2 TYR A 151 ? ARG A 158 ? TYR A 151 ARG A 158 
8 3 ALA A 107 ? ILE A 115 ? ALA A 107 ILE A 115 
8 4 ILE A 2   ? ILE A 5   ? ILE A 2   ILE A 5   
8 5 ILE A 91  ? GLY A 95  ? ILE A 91  GLY A 95  
8 6 PRO A 39  ? GLY A 43  ? PRO A 39  GLY A 43  
8 7 LYS A 58  ? LEU A 62  ? LYS A 58  LEU A 62  
8 8 THR A 73  ? VAL A 75  ? THR A 73  VAL A 75  
# 
loop_
_pdbx_struct_sheet_hbond.sheet_id 
_pdbx_struct_sheet_hbond.range_id_1 
_pdbx_struct_sheet_hbond.range_id_2 
_pdbx_struct_sheet_hbond.range_1_label_atom_id 
_pdbx_struct_sheet_hbond.range_1_label_comp_id 
_pdbx_struct_sheet_hbond.range_1_label_asym_id 
_pdbx_struct_sheet_hbond.range_1_label_seq_id 
_pdbx_struct_sheet_hbond.range_1_PDB_ins_code 
_pdbx_struct_sheet_hbond.range_1_auth_atom_id 
_pdbx_struct_sheet_hbond.range_1_auth_comp_id 
_pdbx_struct_sheet_hbond.range_1_auth_asym_id 
_pdbx_struct_sheet_hbond.range_1_auth_seq_id 
_pdbx_struct_sheet_hbond.range_2_label_atom_id 
_pdbx_struct_sheet_hbond.range_2_label_comp_id 
_pdbx_struct_sheet_hbond.range_2_label_asym_id 
_pdbx_struct_sheet_hbond.range_2_label_seq_id 
_pdbx_struct_sheet_hbond.range_2_PDB_ins_code 
_pdbx_struct_sheet_hbond.range_2_auth_atom_id 
_pdbx_struct_sheet_hbond.range_2_auth_comp_id 
_pdbx_struct_sheet_hbond.range_2_auth_asym_id 
_pdbx_struct_sheet_hbond.range_2_auth_seq_id 
8 1 2 O GLU A 134 ? O GLU A 134 N GLU A 157 ? N GLU A 157 
8 2 3 O CYS A 152 ? O CYS A 152 N HIS A 114 ? N HIS A 114 
8 3 4 O GLN A 108 ? O GLN A 108 N ILE A 2   ? N ILE A 2   
8 4 5 O SER A 3   ? O SER A 3   N ILE A 91  ? N ILE A 91  
8 5 6 O MET A 92  ? O MET A 92  N PRO A 39  ? N PRO A 39  
8 6 7 O VAL A 40  ? O VAL A 40  N LYS A 58  ? N LYS A 58  
8 7 8 O ILE A 61  ? O ILE A 61  N THR A 73  ? N THR A 73  
# 
_struct_site.id                   AC1 
_struct_site.pdbx_evidence_code   Software 
_struct_site.pdbx_auth_asym_id    A 
_struct_site.pdbx_auth_comp_id    NAP 
_struct_site.pdbx_auth_seq_id     164 
_struct_site.pdbx_auth_ins_code   ? 
_struct_site.pdbx_num_residues    21 
_struct_site.details              'BINDING SITE FOR RESIDUE NAP A 164' 
# 
loop_
_struct_site_gen.id 
_struct_site_gen.site_id 
_struct_site_gen.pdbx_num_res 
_struct_site_gen.label_comp_id 
_struct_site_gen.label_asym_id 
_struct_site_gen.label_seq_id 
_struct_site_gen.pdbx_auth_ins_code 
_struct_site_gen.auth_comp_id 
_struct_site_gen.auth_asym_id 
_struct_site_gen.auth_seq_id 
_struct_site_gen.label_atom_id 
_struct_site_gen.label_alt_id 
_struct_site_gen.symmetry 
_struct_site_gen.details 
1  AC1 21 GLY A 43  ? GLY A 43  . ? 1_555 ? 
2  AC1 21 ARG A 44  ? ARG A 44  . ? 1_555 ? 
3  AC1 21 HIS A 45  ? HIS A 45  . ? 1_555 ? 
4  AC1 21 THR A 46  ? THR A 46  . ? 1_555 ? 
5  AC1 21 LEU A 62  ? LEU A 62  . ? 1_555 ? 
6  AC1 21 SER A 63  ? SER A 63  . ? 1_555 ? 
7  AC1 21 SER A 64  ? SER A 64  . ? 1_555 ? 
8  AC1 21 LYS A 76  ? LYS A 76  . ? 1_555 ? 
9  AC1 21 GLY A 96  ? GLY A 96  . ? 1_555 ? 
10 AC1 21 GLY A 97  ? GLY A 97  . ? 1_555 ? 
11 AC1 21 ARG A 98  ? ARG A 98  . ? 1_555 ? 
12 AC1 21 VAL A 99  ? VAL A 99  . ? 1_555 ? 
13 AC1 21 GLN A 102 ? GLN A 102 . ? 1_555 ? 
14 AC1 21 HOH C .   ? HOH A 702 . ? 1_555 ? 
15 AC1 21 HOH C .   ? HOH A 710 . ? 1_555 ? 
16 AC1 21 HOH C .   ? HOH A 715 . ? 1_555 ? 
17 AC1 21 HOH C .   ? HOH A 727 . ? 1_555 ? 
18 AC1 21 HOH C .   ? HOH A 771 . ? 1_555 ? 
19 AC1 21 HOH C .   ? HOH A 782 . ? 1_555 ? 
20 AC1 21 HOH C .   ? HOH A 785 . ? 1_555 ? 
21 AC1 21 HOH C .   ? HOH A 814 . ? 1_555 ? 
# 
loop_
_pdbx_validate_rmsd_bond.id 
_pdbx_validate_rmsd_bond.PDB_model_num 
_pdbx_validate_rmsd_bond.auth_atom_id_1 
_pdbx_validate_rmsd_bond.auth_asym_id_1 
_pdbx_validate_rmsd_bond.auth_comp_id_1 
_pdbx_validate_rmsd_bond.auth_seq_id_1 
_pdbx_validate_rmsd_bond.PDB_ins_code_1 
_pdbx_validate_rmsd_bond.label_alt_id_1 
_pdbx_validate_rmsd_bond.auth_atom_id_2 
_pdbx_validate_rmsd_bond.auth_asym_id_2 
_pdbx_validate_rmsd_bond.auth_comp_id_2 
_pdbx_validate_rmsd_bond.auth_seq_id_2 
_pdbx_validate_rmsd_bond.PDB_ins_code_2 
_pdbx_validate_rmsd_bond.label_alt_id_2 
_pdbx_validate_rmsd_bond.bond_value 
_pdbx_validate_rmsd_bond.bond_target_value 
_pdbx_validate_rmsd_bond.bond_deviation 
_pdbx_validate_rmsd_bond.bond_standard_deviation 
_pdbx_validate_rmsd_bond.linker_flag 
1  1 CD A GLU 80  ? ? OE1 A GLU 80  ? ? 1.377 1.252 0.125 0.011 N 
2  1 CD A GLU 90  ? ? OE1 A GLU 90  ? ? 1.323 1.252 0.071 0.011 N 
3  1 CD A GLU 101 ? ? OE1 A GLU 101 ? ? 1.343 1.252 0.091 0.011 N 
4  1 CD A GLU 118 ? ? OE1 A GLU 118 ? ? 1.333 1.252 0.081 0.011 N 
5  1 CD A GLU 120 ? ? OE2 A GLU 120 ? ? 1.329 1.252 0.077 0.011 N 
6  1 CD A GLU 129 ? ? OE1 A GLU 129 ? ? 1.330 1.252 0.078 0.011 N 
7  1 CD A GLU 134 ? ? OE1 A GLU 134 ? ? 1.334 1.252 0.082 0.011 N 
8  1 CD A GLU 139 ? ? OE2 A GLU 139 ? ? 1.331 1.252 0.079 0.011 N 
9  1 CD A GLU 154 ? ? OE1 A GLU 154 ? ? 1.338 1.252 0.086 0.011 N 
10 1 CD A GLU 157 ? ? OE2 A GLU 157 ? ? 1.329 1.252 0.077 0.011 N 
# 
loop_
_pdbx_validate_rmsd_angle.id 
_pdbx_validate_rmsd_angle.PDB_model_num 
_pdbx_validate_rmsd_angle.auth_atom_id_1 
_pdbx_validate_rmsd_angle.auth_asym_id_1 
_pdbx_validate_rmsd_angle.auth_comp_id_1 
_pdbx_validate_rmsd_angle.auth_seq_id_1 
_pdbx_validate_rmsd_angle.PDB_ins_code_1 
_pdbx_validate_rmsd_angle.label_alt_id_1 
_pdbx_validate_rmsd_angle.auth_atom_id_2 
_pdbx_validate_rmsd_angle.auth_asym_id_2 
_pdbx_validate_rmsd_angle.auth_comp_id_2 
_pdbx_validate_rmsd_angle.auth_seq_id_2 
_pdbx_validate_rmsd_angle.PDB_ins_code_2 
_pdbx_validate_rmsd_angle.label_alt_id_2 
_pdbx_validate_rmsd_angle.auth_atom_id_3 
_pdbx_validate_rmsd_angle.auth_asym_id_3 
_pdbx_validate_rmsd_angle.auth_comp_id_3 
_pdbx_validate_rmsd_angle.auth_seq_id_3 
_pdbx_validate_rmsd_angle.PDB_ins_code_3 
_pdbx_validate_rmsd_angle.label_alt_id_3 
_pdbx_validate_rmsd_angle.angle_value 
_pdbx_validate_rmsd_angle.angle_target_value 
_pdbx_validate_rmsd_angle.angle_deviation 
_pdbx_validate_rmsd_angle.angle_standard_deviation 
_pdbx_validate_rmsd_angle.linker_flag 
1  1 NE A ARG 12  ? ? CZ A ARG 12  ? ? NH2 A ARG 12  ? ? 115.14 120.30 -5.16  0.50 N 
2  1 CB A ASP 27  ? ? CG A ASP 27  ? ? OD2 A ASP 27  ? ? 112.75 118.30 -5.55  0.90 N 
3  1 NE A ARG 33  ? ? CZ A ARG 33  ? ? NH1 A ARG 33  ? ? 124.12 120.30 3.82   0.50 N 
4  1 CB A ASP 37  ? ? CG A ASP 37  ? ? OD1 A ASP 37  ? ? 128.83 118.30 10.53  0.90 N 
5  1 CB A ASP 37  ? ? CG A ASP 37  ? ? OD2 A ASP 37  ? ? 107.70 118.30 -10.60 0.90 N 
6  1 CD A ARG 44  ? ? NE A ARG 44  ? ? CZ  A ARG 44  ? ? 114.38 123.60 -9.22  1.40 N 
7  1 CB A ASP 87  ? ? CG A ASP 87  ? ? OD1 A ASP 87  ? ? 111.75 118.30 -6.55  0.90 N 
8  1 CB A ASP 87  ? ? CG A ASP 87  ? ? OD2 A ASP 87  ? ? 126.21 118.30 7.91   0.90 N 
9  1 NE A ARG 98  ? ? CZ A ARG 98  ? ? NH1 A ARG 98  ? ? 125.30 120.30 5.00   0.50 N 
10 1 CB A ASP 116 ? ? CG A ASP 116 ? ? OD1 A ASP 116 ? ? 109.78 118.30 -8.52  0.90 N 
11 1 CB A ASP 116 ? ? CG A ASP 116 ? ? OD2 A ASP 116 ? ? 125.13 118.30 6.83   0.90 N 
12 1 CB A ASP 122 ? ? CG A ASP 122 ? ? OD1 A ASP 122 ? ? 125.56 118.30 7.26   0.90 N 
13 1 CB A ASP 127 ? ? CG A ASP 127 ? ? OD1 A ASP 127 ? ? 111.70 118.30 -6.60  0.90 N 
14 1 CB A ASP 132 ? ? CG A ASP 132 ? ? OD2 A ASP 132 ? ? 110.85 118.30 -7.45  0.90 N 
15 1 CB A ASP 142 ? ? CG A ASP 142 ? ? OD2 A ASP 142 ? ? 123.74 118.30 5.44   0.90 N 
16 1 CD A ARG 159 ? ? NE A ARG 159 ? ? CZ  A ARG 159 ? ? 138.26 123.60 14.66  1.40 N 
17 1 NE A ARG 159 ? ? CZ A ARG 159 ? ? NH1 A ARG 159 ? ? 127.17 120.30 6.87   0.50 N 
# 
loop_
_chem_comp_atom.comp_id 
_chem_comp_atom.atom_id 
_chem_comp_atom.type_symbol 
_chem_comp_atom.pdbx_aromatic_flag 
_chem_comp_atom.pdbx_stereo_config 
_chem_comp_atom.pdbx_ordinal 
ALA N    N N N 1   
ALA CA   C N S 2   
ALA C    C N N 3   
ALA O    O N N 4   
ALA CB   C N N 5   
ALA OXT  O N N 6   
ALA H    H N N 7   
ALA H2   H N N 8   
ALA HA   H N N 9   
ALA HB1  H N N 10  
ALA HB2  H N N 11  
ALA HB3  H N N 12  
ALA HXT  H N N 13  
ARG N    N N N 14  
ARG CA   C N S 15  
ARG C    C N N 16  
ARG O    O N N 17  
ARG CB   C N N 18  
ARG CG   C N N 19  
ARG CD   C N N 20  
ARG NE   N N N 21  
ARG CZ   C N N 22  
ARG NH1  N N N 23  
ARG NH2  N N N 24  
ARG OXT  O N N 25  
ARG H    H N N 26  
ARG H2   H N N 27  
ARG HA   H N N 28  
ARG HB2  H N N 29  
ARG HB3  H N N 30  
ARG HG2  H N N 31  
ARG HG3  H N N 32  
ARG HD2  H N N 33  
ARG HD3  H N N 34  
ARG HE   H N N 35  
ARG HH11 H N N 36  
ARG HH12 H N N 37  
ARG HH21 H N N 38  
ARG HH22 H N N 39  
ARG HXT  H N N 40  
ASN N    N N N 41  
ASN CA   C N S 42  
ASN C    C N N 43  
ASN O    O N N 44  
ASN CB   C N N 45  
ASN CG   C N N 46  
ASN OD1  O N N 47  
ASN ND2  N N N 48  
ASN OXT  O N N 49  
ASN H    H N N 50  
ASN H2   H N N 51  
ASN HA   H N N 52  
ASN HB2  H N N 53  
ASN HB3  H N N 54  
ASN HD21 H N N 55  
ASN HD22 H N N 56  
ASN HXT  H N N 57  
ASP N    N N N 58  
ASP CA   C N S 59  
ASP C    C N N 60  
ASP O    O N N 61  
ASP CB   C N N 62  
ASP CG   C N N 63  
ASP OD1  O N N 64  
ASP OD2  O N N 65  
ASP OXT  O N N 66  
ASP H    H N N 67  
ASP H2   H N N 68  
ASP HA   H N N 69  
ASP HB2  H N N 70  
ASP HB3  H N N 71  
ASP HD2  H N N 72  
ASP HXT  H N N 73  
CYS N    N N N 74  
CYS CA   C N R 75  
CYS C    C N N 76  
CYS O    O N N 77  
CYS CB   C N N 78  
CYS SG   S N N 79  
CYS OXT  O N N 80  
CYS H    H N N 81  
CYS H2   H N N 82  
CYS HA   H N N 83  
CYS HB2  H N N 84  
CYS HB3  H N N 85  
CYS HG   H N N 86  
CYS HXT  H N N 87  
GLN N    N N N 88  
GLN CA   C N S 89  
GLN C    C N N 90  
GLN O    O N N 91  
GLN CB   C N N 92  
GLN CG   C N N 93  
GLN CD   C N N 94  
GLN OE1  O N N 95  
GLN NE2  N N N 96  
GLN OXT  O N N 97  
GLN H    H N N 98  
GLN H2   H N N 99  
GLN HA   H N N 100 
GLN HB2  H N N 101 
GLN HB3  H N N 102 
GLN HG2  H N N 103 
GLN HG3  H N N 104 
GLN HE21 H N N 105 
GLN HE22 H N N 106 
GLN HXT  H N N 107 
GLU N    N N N 108 
GLU CA   C N S 109 
GLU C    C N N 110 
GLU O    O N N 111 
GLU CB   C N N 112 
GLU CG   C N N 113 
GLU CD   C N N 114 
GLU OE1  O N N 115 
GLU OE2  O N N 116 
GLU OXT  O N N 117 
GLU H    H N N 118 
GLU H2   H N N 119 
GLU HA   H N N 120 
GLU HB2  H N N 121 
GLU HB3  H N N 122 
GLU HG2  H N N 123 
GLU HG3  H N N 124 
GLU HE2  H N N 125 
GLU HXT  H N N 126 
GLY N    N N N 127 
GLY CA   C N N 128 
GLY C    C N N 129 
GLY O    O N N 130 
GLY OXT  O N N 131 
GLY H    H N N 132 
GLY H2   H N N 133 
GLY HA2  H N N 134 
GLY HA3  H N N 135 
GLY HXT  H N N 136 
HIS N    N N N 137 
HIS CA   C N S 138 
HIS C    C N N 139 
HIS O    O N N 140 
HIS CB   C N N 141 
HIS CG   C Y N 142 
HIS ND1  N Y N 143 
HIS CD2  C Y N 144 
HIS CE1  C Y N 145 
HIS NE2  N Y N 146 
HIS OXT  O N N 147 
HIS H    H N N 148 
HIS H2   H N N 149 
HIS HA   H N N 150 
HIS HB2  H N N 151 
HIS HB3  H N N 152 
HIS HD1  H N N 153 
HIS HD2  H N N 154 
HIS HE1  H N N 155 
HIS HE2  H N N 156 
HIS HXT  H N N 157 
HOH O    O N N 158 
HOH H1   H N N 159 
HOH H2   H N N 160 
ILE N    N N N 161 
ILE CA   C N S 162 
ILE C    C N N 163 
ILE O    O N N 164 
ILE CB   C N S 165 
ILE CG1  C N N 166 
ILE CG2  C N N 167 
ILE CD1  C N N 168 
ILE OXT  O N N 169 
ILE H    H N N 170 
ILE H2   H N N 171 
ILE HA   H N N 172 
ILE HB   H N N 173 
ILE HG12 H N N 174 
ILE HG13 H N N 175 
ILE HG21 H N N 176 
ILE HG22 H N N 177 
ILE HG23 H N N 178 
ILE HD11 H N N 179 
ILE HD12 H N N 180 
ILE HD13 H N N 181 
ILE HXT  H N N 182 
LEU N    N N N 183 
LEU CA   C N S 184 
LEU C    C N N 185 
LEU O    O N N 186 
LEU CB   C N N 187 
LEU CG   C N N 188 
LEU CD1  C N N 189 
LEU CD2  C N N 190 
LEU OXT  O N N 191 
LEU H    H N N 192 
LEU H2   H N N 193 
LEU HA   H N N 194 
LEU HB2  H N N 195 
LEU HB3  H N N 196 
LEU HG   H N N 197 
LEU HD11 H N N 198 
LEU HD12 H N N 199 
LEU HD13 H N N 200 
LEU HD21 H N N 201 
LEU HD22 H N N 202 
LEU HD23 H N N 203 
LEU HXT  H N N 204 
LYS N    N N N 205 
LYS CA   C N S 206 
LYS C    C N N 207 
LYS O    O N N 208 
LYS CB   C N N 209 
LYS CG   C N N 210 
LYS CD   C N N 211 
LYS CE   C N N 212 
LYS NZ   N N N 213 
LYS OXT  O N N 214 
LYS H    H N N 215 
LYS H2   H N N 216 
LYS HA   H N N 217 
LYS HB2  H N N 218 
LYS HB3  H N N 219 
LYS HG2  H N N 220 
LYS HG3  H N N 221 
LYS HD2  H N N 222 
LYS HD3  H N N 223 
LYS HE2  H N N 224 
LYS HE3  H N N 225 
LYS HZ1  H N N 226 
LYS HZ2  H N N 227 
LYS HZ3  H N N 228 
LYS HXT  H N N 229 
MET N    N N N 230 
MET CA   C N S 231 
MET C    C N N 232 
MET O    O N N 233 
MET CB   C N N 234 
MET CG   C N N 235 
MET SD   S N N 236 
MET CE   C N N 237 
MET OXT  O N N 238 
MET H    H N N 239 
MET H2   H N N 240 
MET HA   H N N 241 
MET HB2  H N N 242 
MET HB3  H N N 243 
MET HG2  H N N 244 
MET HG3  H N N 245 
MET HE1  H N N 246 
MET HE2  H N N 247 
MET HE3  H N N 248 
MET HXT  H N N 249 
NAP PA   P N R 250 
NAP O1A  O N N 251 
NAP O2A  O N N 252 
NAP O5B  O N N 253 
NAP C5B  C N N 254 
NAP C4B  C N R 255 
NAP O4B  O N N 256 
NAP C3B  C N R 257 
NAP O3B  O N N 258 
NAP C2B  C N R 259 
NAP O2B  O N N 260 
NAP C1B  C N R 261 
NAP N9A  N Y N 262 
NAP C8A  C Y N 263 
NAP N7A  N Y N 264 
NAP C5A  C Y N 265 
NAP C6A  C Y N 266 
NAP N6A  N N N 267 
NAP N1A  N Y N 268 
NAP C2A  C Y N 269 
NAP N3A  N Y N 270 
NAP C4A  C Y N 271 
NAP O3   O N N 272 
NAP PN   P N N 273 
NAP O1N  O N N 274 
NAP O2N  O N N 275 
NAP O5D  O N N 276 
NAP C5D  C N N 277 
NAP C4D  C N R 278 
NAP O4D  O N N 279 
NAP C3D  C N S 280 
NAP O3D  O N N 281 
NAP C2D  C N R 282 
NAP O2D  O N N 283 
NAP C1D  C N R 284 
NAP N1N  N Y N 285 
NAP C2N  C Y N 286 
NAP C3N  C Y N 287 
NAP C7N  C N N 288 
NAP O7N  O N N 289 
NAP N7N  N N N 290 
NAP C4N  C Y N 291 
NAP C5N  C Y N 292 
NAP C6N  C Y N 293 
NAP P2B  P N N 294 
NAP O1X  O N N 295 
NAP O2X  O N N 296 
NAP O3X  O N N 297 
NAP HOA2 H N N 298 
NAP H51A H N N 299 
NAP H52A H N N 300 
NAP H4B  H N N 301 
NAP H3B  H N N 302 
NAP HO3A H N N 303 
NAP H2B  H N N 304 
NAP H1B  H N N 305 
NAP H8A  H N N 306 
NAP H61A H N N 307 
NAP H62A H N N 308 
NAP H2A  H N N 309 
NAP H51N H N N 310 
NAP H52N H N N 311 
NAP H4D  H N N 312 
NAP H3D  H N N 313 
NAP HO3N H N N 314 
NAP H2D  H N N 315 
NAP HO2N H N N 316 
NAP H1D  H N N 317 
NAP H2N  H N N 318 
NAP H71N H N N 319 
NAP H72N H N N 320 
NAP H4N  H N N 321 
NAP H5N  H N N 322 
NAP H6N  H N N 323 
NAP HOP2 H N N 324 
NAP HOP3 H N N 325 
PHE N    N N N 326 
PHE CA   C N S 327 
PHE C    C N N 328 
PHE O    O N N 329 
PHE CB   C N N 330 
PHE CG   C Y N 331 
PHE CD1  C Y N 332 
PHE CD2  C Y N 333 
PHE CE1  C Y N 334 
PHE CE2  C Y N 335 
PHE CZ   C Y N 336 
PHE OXT  O N N 337 
PHE H    H N N 338 
PHE H2   H N N 339 
PHE HA   H N N 340 
PHE HB2  H N N 341 
PHE HB3  H N N 342 
PHE HD1  H N N 343 
PHE HD2  H N N 344 
PHE HE1  H N N 345 
PHE HE2  H N N 346 
PHE HZ   H N N 347 
PHE HXT  H N N 348 
PRO N    N N N 349 
PRO CA   C N S 350 
PRO C    C N N 351 
PRO O    O N N 352 
PRO CB   C N N 353 
PRO CG   C N N 354 
PRO CD   C N N 355 
PRO OXT  O N N 356 
PRO H    H N N 357 
PRO HA   H N N 358 
PRO HB2  H N N 359 
PRO HB3  H N N 360 
PRO HG2  H N N 361 
PRO HG3  H N N 362 
PRO HD2  H N N 363 
PRO HD3  H N N 364 
PRO HXT  H N N 365 
SER N    N N N 366 
SER CA   C N S 367 
SER C    C N N 368 
SER O    O N N 369 
SER CB   C N N 370 
SER OG   O N N 371 
SER OXT  O N N 372 
SER H    H N N 373 
SER H2   H N N 374 
SER HA   H N N 375 
SER HB2  H N N 376 
SER HB3  H N N 377 
SER HG   H N N 378 
SER HXT  H N N 379 
THR N    N N N 380 
THR CA   C N S 381 
THR C    C N N 382 
THR O    O N N 383 
THR CB   C N R 384 
THR OG1  O N N 385 
THR CG2  C N N 386 
THR OXT  O N N 387 
THR H    H N N 388 
THR H2   H N N 389 
THR HA   H N N 390 
THR HB   H N N 391 
THR HG1  H N N 392 
THR HG21 H N N 393 
THR HG22 H N N 394 
THR HG23 H N N 395 
THR HXT  H N N 396 
TRP N    N N N 397 
TRP CA   C N S 398 
TRP C    C N N 399 
TRP O    O N N 400 
TRP CB   C N N 401 
TRP CG   C Y N 402 
TRP CD1  C Y N 403 
TRP CD2  C Y N 404 
TRP NE1  N Y N 405 
TRP CE2  C Y N 406 
TRP CE3  C Y N 407 
TRP CZ2  C Y N 408 
TRP CZ3  C Y N 409 
TRP CH2  C Y N 410 
TRP OXT  O N N 411 
TRP H    H N N 412 
TRP H2   H N N 413 
TRP HA   H N N 414 
TRP HB2  H N N 415 
TRP HB3  H N N 416 
TRP HD1  H N N 417 
TRP HE1  H N N 418 
TRP HE3  H N N 419 
TRP HZ2  H N N 420 
TRP HZ3  H N N 421 
TRP HH2  H N N 422 
TRP HXT  H N N 423 
TYR N    N N N 424 
TYR CA   C N S 425 
TYR C    C N N 426 
TYR O    O N N 427 
TYR CB   C N N 428 
TYR CG   C Y N 429 
TYR CD1  C Y N 430 
TYR CD2  C Y N 431 
TYR CE1  C Y N 432 
TYR CE2  C Y N 433 
TYR CZ   C Y N 434 
TYR OH   O N N 435 
TYR OXT  O N N 436 
TYR H    H N N 437 
TYR H2   H N N 438 
TYR HA   H N N 439 
TYR HB2  H N N 440 
TYR HB3  H N N 441 
TYR HD1  H N N 442 
TYR HD2  H N N 443 
TYR HE1  H N N 444 
TYR HE2  H N N 445 
TYR HH   H N N 446 
TYR HXT  H N N 447 
VAL N    N N N 448 
VAL CA   C N S 449 
VAL C    C N N 450 
VAL O    O N N 451 
VAL CB   C N N 452 
VAL CG1  C N N 453 
VAL CG2  C N N 454 
VAL OXT  O N N 455 
VAL H    H N N 456 
VAL H2   H N N 457 
VAL HA   H N N 458 
VAL HB   H N N 459 
VAL HG11 H N N 460 
VAL HG12 H N N 461 
VAL HG13 H N N 462 
VAL HG21 H N N 463 
VAL HG22 H N N 464 
VAL HG23 H N N 465 
VAL HXT  H N N 466 
# 
loop_
_chem_comp_bond.comp_id 
_chem_comp_bond.atom_id_1 
_chem_comp_bond.atom_id_2 
_chem_comp_bond.value_order 
_chem_comp_bond.pdbx_aromatic_flag 
_chem_comp_bond.pdbx_stereo_config 
_chem_comp_bond.pdbx_ordinal 
ALA N   CA   sing N N 1   
ALA N   H    sing N N 2   
ALA N   H2   sing N N 3   
ALA CA  C    sing N N 4   
ALA CA  CB   sing N N 5   
ALA CA  HA   sing N N 6   
ALA C   O    doub N N 7   
ALA C   OXT  sing N N 8   
ALA CB  HB1  sing N N 9   
ALA CB  HB2  sing N N 10  
ALA CB  HB3  sing N N 11  
ALA OXT HXT  sing N N 12  
ARG N   CA   sing N N 13  
ARG N   H    sing N N 14  
ARG N   H2   sing N N 15  
ARG CA  C    sing N N 16  
ARG CA  CB   sing N N 17  
ARG CA  HA   sing N N 18  
ARG C   O    doub N N 19  
ARG C   OXT  sing N N 20  
ARG CB  CG   sing N N 21  
ARG CB  HB2  sing N N 22  
ARG CB  HB3  sing N N 23  
ARG CG  CD   sing N N 24  
ARG CG  HG2  sing N N 25  
ARG CG  HG3  sing N N 26  
ARG CD  NE   sing N N 27  
ARG CD  HD2  sing N N 28  
ARG CD  HD3  sing N N 29  
ARG NE  CZ   sing N N 30  
ARG NE  HE   sing N N 31  
ARG CZ  NH1  sing N N 32  
ARG CZ  NH2  doub N N 33  
ARG NH1 HH11 sing N N 34  
ARG NH1 HH12 sing N N 35  
ARG NH2 HH21 sing N N 36  
ARG NH2 HH22 sing N N 37  
ARG OXT HXT  sing N N 38  
ASN N   CA   sing N N 39  
ASN N   H    sing N N 40  
ASN N   H2   sing N N 41  
ASN CA  C    sing N N 42  
ASN CA  CB   sing N N 43  
ASN CA  HA   sing N N 44  
ASN C   O    doub N N 45  
ASN C   OXT  sing N N 46  
ASN CB  CG   sing N N 47  
ASN CB  HB2  sing N N 48  
ASN CB  HB3  sing N N 49  
ASN CG  OD1  doub N N 50  
ASN CG  ND2  sing N N 51  
ASN ND2 HD21 sing N N 52  
ASN ND2 HD22 sing N N 53  
ASN OXT HXT  sing N N 54  
ASP N   CA   sing N N 55  
ASP N   H    sing N N 56  
ASP N   H2   sing N N 57  
ASP CA  C    sing N N 58  
ASP CA  CB   sing N N 59  
ASP CA  HA   sing N N 60  
ASP C   O    doub N N 61  
ASP C   OXT  sing N N 62  
ASP CB  CG   sing N N 63  
ASP CB  HB2  sing N N 64  
ASP CB  HB3  sing N N 65  
ASP CG  OD1  doub N N 66  
ASP CG  OD2  sing N N 67  
ASP OD2 HD2  sing N N 68  
ASP OXT HXT  sing N N 69  
CYS N   CA   sing N N 70  
CYS N   H    sing N N 71  
CYS N   H2   sing N N 72  
CYS CA  C    sing N N 73  
CYS CA  CB   sing N N 74  
CYS CA  HA   sing N N 75  
CYS C   O    doub N N 76  
CYS C   OXT  sing N N 77  
CYS CB  SG   sing N N 78  
CYS CB  HB2  sing N N 79  
CYS CB  HB3  sing N N 80  
CYS SG  HG   sing N N 81  
CYS OXT HXT  sing N N 82  
GLN N   CA   sing N N 83  
GLN N   H    sing N N 84  
GLN N   H2   sing N N 85  
GLN CA  C    sing N N 86  
GLN CA  CB   sing N N 87  
GLN CA  HA   sing N N 88  
GLN C   O    doub N N 89  
GLN C   OXT  sing N N 90  
GLN CB  CG   sing N N 91  
GLN CB  HB2  sing N N 92  
GLN CB  HB3  sing N N 93  
GLN CG  CD   sing N N 94  
GLN CG  HG2  sing N N 95  
GLN CG  HG3  sing N N 96  
GLN CD  OE1  doub N N 97  
GLN CD  NE2  sing N N 98  
GLN NE2 HE21 sing N N 99  
GLN NE2 HE22 sing N N 100 
GLN OXT HXT  sing N N 101 
GLU N   CA   sing N N 102 
GLU N   H    sing N N 103 
GLU N   H2   sing N N 104 
GLU CA  C    sing N N 105 
GLU CA  CB   sing N N 106 
GLU CA  HA   sing N N 107 
GLU C   O    doub N N 108 
GLU C   OXT  sing N N 109 
GLU CB  CG   sing N N 110 
GLU CB  HB2  sing N N 111 
GLU CB  HB3  sing N N 112 
GLU CG  CD   sing N N 113 
GLU CG  HG2  sing N N 114 
GLU CG  HG3  sing N N 115 
GLU CD  OE1  doub N N 116 
GLU CD  OE2  sing N N 117 
GLU OE2 HE2  sing N N 118 
GLU OXT HXT  sing N N 119 
GLY N   CA   sing N N 120 
GLY N   H    sing N N 121 
GLY N   H2   sing N N 122 
GLY CA  C    sing N N 123 
GLY CA  HA2  sing N N 124 
GLY CA  HA3  sing N N 125 
GLY C   O    doub N N 126 
GLY C   OXT  sing N N 127 
GLY OXT HXT  sing N N 128 
HIS N   CA   sing N N 129 
HIS N   H    sing N N 130 
HIS N   H2   sing N N 131 
HIS CA  C    sing N N 132 
HIS CA  CB   sing N N 133 
HIS CA  HA   sing N N 134 
HIS C   O    doub N N 135 
HIS C   OXT  sing N N 136 
HIS CB  CG   sing N N 137 
HIS CB  HB2  sing N N 138 
HIS CB  HB3  sing N N 139 
HIS CG  ND1  sing Y N 140 
HIS CG  CD2  doub Y N 141 
HIS ND1 CE1  doub Y N 142 
HIS ND1 HD1  sing N N 143 
HIS CD2 NE2  sing Y N 144 
HIS CD2 HD2  sing N N 145 
HIS CE1 NE2  sing Y N 146 
HIS CE1 HE1  sing N N 147 
HIS NE2 HE2  sing N N 148 
HIS OXT HXT  sing N N 149 
HOH O   H1   sing N N 150 
HOH O   H2   sing N N 151 
ILE N   CA   sing N N 152 
ILE N   H    sing N N 153 
ILE N   H2   sing N N 154 
ILE CA  C    sing N N 155 
ILE CA  CB   sing N N 156 
ILE CA  HA   sing N N 157 
ILE C   O    doub N N 158 
ILE C   OXT  sing N N 159 
ILE CB  CG1  sing N N 160 
ILE CB  CG2  sing N N 161 
ILE CB  HB   sing N N 162 
ILE CG1 CD1  sing N N 163 
ILE CG1 HG12 sing N N 164 
ILE CG1 HG13 sing N N 165 
ILE CG2 HG21 sing N N 166 
ILE CG2 HG22 sing N N 167 
ILE CG2 HG23 sing N N 168 
ILE CD1 HD11 sing N N 169 
ILE CD1 HD12 sing N N 170 
ILE CD1 HD13 sing N N 171 
ILE OXT HXT  sing N N 172 
LEU N   CA   sing N N 173 
LEU N   H    sing N N 174 
LEU N   H2   sing N N 175 
LEU CA  C    sing N N 176 
LEU CA  CB   sing N N 177 
LEU CA  HA   sing N N 178 
LEU C   O    doub N N 179 
LEU C   OXT  sing N N 180 
LEU CB  CG   sing N N 181 
LEU CB  HB2  sing N N 182 
LEU CB  HB3  sing N N 183 
LEU CG  CD1  sing N N 184 
LEU CG  CD2  sing N N 185 
LEU CG  HG   sing N N 186 
LEU CD1 HD11 sing N N 187 
LEU CD1 HD12 sing N N 188 
LEU CD1 HD13 sing N N 189 
LEU CD2 HD21 sing N N 190 
LEU CD2 HD22 sing N N 191 
LEU CD2 HD23 sing N N 192 
LEU OXT HXT  sing N N 193 
LYS N   CA   sing N N 194 
LYS N   H    sing N N 195 
LYS N   H2   sing N N 196 
LYS CA  C    sing N N 197 
LYS CA  CB   sing N N 198 
LYS CA  HA   sing N N 199 
LYS C   O    doub N N 200 
LYS C   OXT  sing N N 201 
LYS CB  CG   sing N N 202 
LYS CB  HB2  sing N N 203 
LYS CB  HB3  sing N N 204 
LYS CG  CD   sing N N 205 
LYS CG  HG2  sing N N 206 
LYS CG  HG3  sing N N 207 
LYS CD  CE   sing N N 208 
LYS CD  HD2  sing N N 209 
LYS CD  HD3  sing N N 210 
LYS CE  NZ   sing N N 211 
LYS CE  HE2  sing N N 212 
LYS CE  HE3  sing N N 213 
LYS NZ  HZ1  sing N N 214 
LYS NZ  HZ2  sing N N 215 
LYS NZ  HZ3  sing N N 216 
LYS OXT HXT  sing N N 217 
MET N   CA   sing N N 218 
MET N   H    sing N N 219 
MET N   H2   sing N N 220 
MET CA  C    sing N N 221 
MET CA  CB   sing N N 222 
MET CA  HA   sing N N 223 
MET C   O    doub N N 224 
MET C   OXT  sing N N 225 
MET CB  CG   sing N N 226 
MET CB  HB2  sing N N 227 
MET CB  HB3  sing N N 228 
MET CG  SD   sing N N 229 
MET CG  HG2  sing N N 230 
MET CG  HG3  sing N N 231 
MET SD  CE   sing N N 232 
MET CE  HE1  sing N N 233 
MET CE  HE2  sing N N 234 
MET CE  HE3  sing N N 235 
MET OXT HXT  sing N N 236 
NAP PA  O1A  doub N N 237 
NAP PA  O2A  sing N N 238 
NAP PA  O5B  sing N N 239 
NAP PA  O3   sing N N 240 
NAP O2A HOA2 sing N N 241 
NAP O5B C5B  sing N N 242 
NAP C5B C4B  sing N N 243 
NAP C5B H51A sing N N 244 
NAP C5B H52A sing N N 245 
NAP C4B O4B  sing N N 246 
NAP C4B C3B  sing N N 247 
NAP C4B H4B  sing N N 248 
NAP O4B C1B  sing N N 249 
NAP C3B O3B  sing N N 250 
NAP C3B C2B  sing N N 251 
NAP C3B H3B  sing N N 252 
NAP O3B HO3A sing N N 253 
NAP C2B O2B  sing N N 254 
NAP C2B C1B  sing N N 255 
NAP C2B H2B  sing N N 256 
NAP O2B P2B  sing N N 257 
NAP C1B N9A  sing N N 258 
NAP C1B H1B  sing N N 259 
NAP N9A C8A  sing Y N 260 
NAP N9A C4A  sing Y N 261 
NAP C8A N7A  doub Y N 262 
NAP C8A H8A  sing N N 263 
NAP N7A C5A  sing Y N 264 
NAP C5A C6A  sing Y N 265 
NAP C5A C4A  doub Y N 266 
NAP C6A N6A  sing N N 267 
NAP C6A N1A  doub Y N 268 
NAP N6A H61A sing N N 269 
NAP N6A H62A sing N N 270 
NAP N1A C2A  sing Y N 271 
NAP C2A N3A  doub Y N 272 
NAP C2A H2A  sing N N 273 
NAP N3A C4A  sing Y N 274 
NAP O3  PN   sing N N 275 
NAP PN  O1N  doub N N 276 
NAP PN  O2N  sing N N 277 
NAP PN  O5D  sing N N 278 
NAP O5D C5D  sing N N 279 
NAP C5D C4D  sing N N 280 
NAP C5D H51N sing N N 281 
NAP C5D H52N sing N N 282 
NAP C4D O4D  sing N N 283 
NAP C4D C3D  sing N N 284 
NAP C4D H4D  sing N N 285 
NAP O4D C1D  sing N N 286 
NAP C3D O3D  sing N N 287 
NAP C3D C2D  sing N N 288 
NAP C3D H3D  sing N N 289 
NAP O3D HO3N sing N N 290 
NAP C2D O2D  sing N N 291 
NAP C2D C1D  sing N N 292 
NAP C2D H2D  sing N N 293 
NAP O2D HO2N sing N N 294 
NAP C1D N1N  sing N N 295 
NAP C1D H1D  sing N N 296 
NAP N1N C2N  sing Y N 297 
NAP N1N C6N  doub Y N 298 
NAP C2N C3N  doub Y N 299 
NAP C2N H2N  sing N N 300 
NAP C3N C7N  sing N N 301 
NAP C3N C4N  sing Y N 302 
NAP C7N O7N  doub N N 303 
NAP C7N N7N  sing N N 304 
NAP N7N H71N sing N N 305 
NAP N7N H72N sing N N 306 
NAP C4N C5N  doub Y N 307 
NAP C4N H4N  sing N N 308 
NAP C5N C6N  sing Y N 309 
NAP C5N H5N  sing N N 310 
NAP C6N H6N  sing N N 311 
NAP P2B O1X  doub N N 312 
NAP P2B O2X  sing N N 313 
NAP P2B O3X  sing N N 314 
NAP O2X HOP2 sing N N 315 
NAP O3X HOP3 sing N N 316 
PHE N   CA   sing N N 317 
PHE N   H    sing N N 318 
PHE N   H2   sing N N 319 
PHE CA  C    sing N N 320 
PHE CA  CB   sing N N 321 
PHE CA  HA   sing N N 322 
PHE C   O    doub N N 323 
PHE C   OXT  sing N N 324 
PHE CB  CG   sing N N 325 
PHE CB  HB2  sing N N 326 
PHE CB  HB3  sing N N 327 
PHE CG  CD1  doub Y N 328 
PHE CG  CD2  sing Y N 329 
PHE CD1 CE1  sing Y N 330 
PHE CD1 HD1  sing N N 331 
PHE CD2 CE2  doub Y N 332 
PHE CD2 HD2  sing N N 333 
PHE CE1 CZ   doub Y N 334 
PHE CE1 HE1  sing N N 335 
PHE CE2 CZ   sing Y N 336 
PHE CE2 HE2  sing N N 337 
PHE CZ  HZ   sing N N 338 
PHE OXT HXT  sing N N 339 
PRO N   CA   sing N N 340 
PRO N   CD   sing N N 341 
PRO N   H    sing N N 342 
PRO CA  C    sing N N 343 
PRO CA  CB   sing N N 344 
PRO CA  HA   sing N N 345 
PRO C   O    doub N N 346 
PRO C   OXT  sing N N 347 
PRO CB  CG   sing N N 348 
PRO CB  HB2  sing N N 349 
PRO CB  HB3  sing N N 350 
PRO CG  CD   sing N N 351 
PRO CG  HG2  sing N N 352 
PRO CG  HG3  sing N N 353 
PRO CD  HD2  sing N N 354 
PRO CD  HD3  sing N N 355 
PRO OXT HXT  sing N N 356 
SER N   CA   sing N N 357 
SER N   H    sing N N 358 
SER N   H2   sing N N 359 
SER CA  C    sing N N 360 
SER CA  CB   sing N N 361 
SER CA  HA   sing N N 362 
SER C   O    doub N N 363 
SER C   OXT  sing N N 364 
SER CB  OG   sing N N 365 
SER CB  HB2  sing N N 366 
SER CB  HB3  sing N N 367 
SER OG  HG   sing N N 368 
SER OXT HXT  sing N N 369 
THR N   CA   sing N N 370 
THR N   H    sing N N 371 
THR N   H2   sing N N 372 
THR CA  C    sing N N 373 
THR CA  CB   sing N N 374 
THR CA  HA   sing N N 375 
THR C   O    doub N N 376 
THR C   OXT  sing N N 377 
THR CB  OG1  sing N N 378 
THR CB  CG2  sing N N 379 
THR CB  HB   sing N N 380 
THR OG1 HG1  sing N N 381 
THR CG2 HG21 sing N N 382 
THR CG2 HG22 sing N N 383 
THR CG2 HG23 sing N N 384 
THR OXT HXT  sing N N 385 
TRP N   CA   sing N N 386 
TRP N   H    sing N N 387 
TRP N   H2   sing N N 388 
TRP CA  C    sing N N 389 
TRP CA  CB   sing N N 390 
TRP CA  HA   sing N N 391 
TRP C   O    doub N N 392 
TRP C   OXT  sing N N 393 
TRP CB  CG   sing N N 394 
TRP CB  HB2  sing N N 395 
TRP CB  HB3  sing N N 396 
TRP CG  CD1  doub Y N 397 
TRP CG  CD2  sing Y N 398 
TRP CD1 NE1  sing Y N 399 
TRP CD1 HD1  sing N N 400 
TRP CD2 CE2  doub Y N 401 
TRP CD2 CE3  sing Y N 402 
TRP NE1 CE2  sing Y N 403 
TRP NE1 HE1  sing N N 404 
TRP CE2 CZ2  sing Y N 405 
TRP CE3 CZ3  doub Y N 406 
TRP CE3 HE3  sing N N 407 
TRP CZ2 CH2  doub Y N 408 
TRP CZ2 HZ2  sing N N 409 
TRP CZ3 CH2  sing Y N 410 
TRP CZ3 HZ3  sing N N 411 
TRP CH2 HH2  sing N N 412 
TRP OXT HXT  sing N N 413 
TYR N   CA   sing N N 414 
TYR N   H    sing N N 415 
TYR N   H2   sing N N 416 
TYR CA  C    sing N N 417 
TYR CA  CB   sing N N 418 
TYR CA  HA   sing N N 419 
TYR C   O    doub N N 420 
TYR C   OXT  sing N N 421 
TYR CB  CG   sing N N 422 
TYR CB  HB2  sing N N 423 
TYR CB  HB3  sing N N 424 
TYR CG  CD1  doub Y N 425 
TYR CG  CD2  sing Y N 426 
TYR CD1 CE1  sing Y N 427 
TYR CD1 HD1  sing N N 428 
TYR CD2 CE2  doub Y N 429 
TYR CD2 HD2  sing N N 430 
TYR CE1 CZ   doub Y N 431 
TYR CE1 HE1  sing N N 432 
TYR CE2 CZ   sing Y N 433 
TYR CE2 HE2  sing N N 434 
TYR CZ  OH   sing N N 435 
TYR OH  HH   sing N N 436 
TYR OXT HXT  sing N N 437 
VAL N   CA   sing N N 438 
VAL N   H    sing N N 439 
VAL N   H2   sing N N 440 
VAL CA  C    sing N N 441 
VAL CA  CB   sing N N 442 
VAL CA  HA   sing N N 443 
VAL C   O    doub N N 444 
VAL C   OXT  sing N N 445 
VAL CB  CG1  sing N N 446 
VAL CB  CG2  sing N N 447 
VAL CB  HB   sing N N 448 
VAL CG1 HG11 sing N N 449 
VAL CG1 HG12 sing N N 450 
VAL CG1 HG13 sing N N 451 
VAL CG2 HG21 sing N N 452 
VAL CG2 HG22 sing N N 453 
VAL CG2 HG23 sing N N 454 
VAL OXT HXT  sing N N 455 
# 
_pdbx_initial_refinement_model.id               1 
_pdbx_initial_refinement_model.entity_id_list   ? 
_pdbx_initial_refinement_model.type             'experimental model' 
_pdbx_initial_refinement_model.source_name      PDB 
_pdbx_initial_refinement_model.accession_code   1RA3 
_pdbx_initial_refinement_model.details          'PDB ENTRY 1RA3' 
# 
_atom_sites.entry_id                    1RA9 
_atom_sites.fract_transf_matrix[1][1]   -0.01277166 
_atom_sites.fract_transf_matrix[1][2]   -0.00239178 
_atom_sites.fract_transf_matrix[1][3]   -0.00502338 
_atom_sites.fract_transf_matrix[2][1]   0.00609329 
_atom_sites.fract_transf_matrix[2][2]   -0.01233726 
_atom_sites.fract_transf_matrix[2][3]   -0.00961773 
_atom_sites.fract_transf_matrix[3][1]   -0.01125580 
_atom_sites.fract_transf_matrix[3][2]   -0.01816630 
_atom_sites.fract_transf_matrix[3][3]   0.01617196 
_atom_sites.fract_transf_vector[1]      0.249209 
_atom_sites.fract_transf_vector[2]      0.304185 
_atom_sites.fract_transf_vector[3]      0.327752 
# 
loop_
_atom_type.symbol 
C 
N 
O 
P 
S 
# 
loop_
_atom_site.group_PDB 
_atom_site.id 
_atom_site.type_symbol 
_atom_site.label_atom_id 
_atom_site.label_alt_id 
_atom_site.label_comp_id 
_atom_site.label_asym_id 
_atom_site.label_entity_id 
_atom_site.label_seq_id 
_atom_site.pdbx_PDB_ins_code 
_atom_site.Cartn_x 
_atom_site.Cartn_y 
_atom_site.Cartn_z 
_atom_site.occupancy 
_atom_site.B_iso_or_equiv 
_atom_site.pdbx_formal_charge 
_atom_site.auth_seq_id 
_atom_site.auth_comp_id 
_atom_site.auth_asym_id 
_atom_site.auth_atom_id 
_atom_site.pdbx_PDB_model_num 
ATOM   1    N N   . MET A 1 1   ? 9.583   4.628   11.788  1.00 27.18 ? 1   MET A N   1 
ATOM   2    C CA  . MET A 1 1   ? 9.755   3.524   10.854  1.00 21.73 ? 1   MET A CA  1 
ATOM   3    C C   . MET A 1 1   ? 8.714   3.610   9.716   1.00 16.43 ? 1   MET A C   1 
ATOM   4    O O   . MET A 1 1   ? 7.543   4.112   9.834   1.00 16.88 ? 1   MET A O   1 
ATOM   5    C CB  . MET A 1 1   ? 9.682   2.123   11.464  1.00 26.96 ? 1   MET A CB  1 
ATOM   6    C CG  . MET A 1 1   ? 8.413   1.441   10.978  1.00 47.11 ? 1   MET A CG  1 
ATOM   7    S SD  . MET A 1 1   ? 7.622   0.374   12.205  1.00 74.04 ? 1   MET A SD  1 
ATOM   8    C CE  . MET A 1 1   ? 8.993   -0.787  12.506  1.00 57.15 ? 1   MET A CE  1 
ATOM   9    N N   . ILE A 1 2   ? 9.208   3.072   8.604   1.00 10.33 ? 2   ILE A N   1 
ATOM   10   C CA  . ILE A 1 2   ? 8.459   3.034   7.380   1.00 9.67  ? 2   ILE A CA  1 
ATOM   11   C C   . ILE A 1 2   ? 7.898   1.671   7.111   1.00 8.68  ? 2   ILE A C   1 
ATOM   12   O O   . ILE A 1 2   ? 8.567   0.643   7.170   1.00 13.86 ? 2   ILE A O   1 
ATOM   13   C CB  . ILE A 1 2   ? 9.463   3.396   6.224   1.00 21.68 ? 2   ILE A CB  1 
ATOM   14   C CG1 . ILE A 1 2   ? 9.971   4.832   6.512   1.00 21.39 ? 2   ILE A CG1 1 
ATOM   15   C CG2 . ILE A 1 2   ? 8.785   3.337   4.813   1.00 18.84 ? 2   ILE A CG2 1 
ATOM   16   C CD1 . ILE A 1 2   ? 10.720  5.489   5.357   1.00 28.54 ? 2   ILE A CD1 1 
ATOM   17   N N   . SER A 1 3   ? 6.620   1.662   6.765   1.00 7.51  ? 3   SER A N   1 
ATOM   18   C CA  . SER A 1 3   ? 5.975   0.414   6.435   1.00 8.34  ? 3   SER A CA  1 
ATOM   19   C C   . SER A 1 3   ? 5.243   0.532   5.094   1.00 11.46 ? 3   SER A C   1 
ATOM   20   O O   . SER A 1 3   ? 4.721   1.568   4.748   1.00 11.91 ? 3   SER A O   1 
ATOM   21   C CB  . SER A 1 3   ? 4.856   0.177   7.434   1.00 13.51 ? 3   SER A CB  1 
ATOM   22   O OG  . SER A 1 3   ? 5.335   0.045   8.743   1.00 13.46 ? 3   SER A OG  1 
ATOM   23   N N   . LEU A 1 4   ? 5.172   -0.554  4.372   1.00 7.40  ? 4   LEU A N   1 
ATOM   24   C CA  . LEU A 1 4   ? 4.430   -0.590  3.101   1.00 6.31  ? 4   LEU A CA  1 
ATOM   25   C C   . LEU A 1 4   ? 3.190   -1.445  3.329   1.00 10.59 ? 4   LEU A C   1 
ATOM   26   O O   . LEU A 1 4   ? 3.233   -2.469  4.008   1.00 12.40 ? 4   LEU A O   1 
ATOM   27   C CB  . LEU A 1 4   ? 5.165   -1.291  1.953   1.00 10.18 ? 4   LEU A CB  1 
ATOM   28   C CG  . LEU A 1 4   ? 6.621   -0.934  1.671   1.00 17.03 ? 4   LEU A CG  1 
ATOM   29   C CD1 . LEU A 1 4   ? 6.994   -1.435  0.284   1.00 10.70 ? 4   LEU A CD1 1 
ATOM   30   C CD2 . LEU A 1 4   ? 7.017   0.498   1.885   1.00 11.45 ? 4   LEU A CD2 1 
ATOM   31   N N   . ILE A 1 5   ? 2.072   -1.094  2.771   1.00 5.79  ? 5   ILE A N   1 
ATOM   32   C CA  . ILE A 1 5   ? 0.840   -1.873  2.863   1.00 6.31  ? 5   ILE A CA  1 
ATOM   33   C C   . ILE A 1 5   ? 0.388   -2.090  1.401   1.00 10.74 ? 5   ILE A C   1 
ATOM   34   O O   . ILE A 1 5   ? 0.305   -1.129  0.593   1.00 10.75 ? 5   ILE A O   1 
ATOM   35   C CB  . ILE A 1 5   ? -0.216  -1.269  3.729   1.00 8.93  ? 5   ILE A CB  1 
ATOM   36   C CG1 . ILE A 1 5   ? -1.470  -2.144  3.768   1.00 8.67  ? 5   ILE A CG1 1 
ATOM   37   C CG2 . ILE A 1 5   ? -0.525  0.223   3.428   1.00 8.43  ? 5   ILE A CG2 1 
ATOM   38   C CD1 . ILE A 1 5   ? -2.320  -1.933  5.037   1.00 8.76  ? 5   ILE A CD1 1 
ATOM   39   N N   . ALA A 1 6   ? 0.107   -3.343  1.045   1.00 6.90  ? 6   ALA A N   1 
ATOM   40   C CA  . ALA A 1 6   ? -0.277  -3.669  -0.339  1.00 9.81  ? 6   ALA A CA  1 
ATOM   41   C C   . ALA A 1 6   ? -1.105  -4.924  -0.440  1.00 14.38 ? 6   ALA A C   1 
ATOM   42   O O   . ALA A 1 6   ? -1.019  -5.787  0.437   1.00 11.23 ? 6   ALA A O   1 
ATOM   43   C CB  . ALA A 1 6   ? 0.995   -3.931  -1.194  1.00 10.70 ? 6   ALA A CB  1 
ATOM   44   N N   . ALA A 1 7   ? -1.896  -5.026  -1.526  1.00 9.68  ? 7   ALA A N   1 
ATOM   45   C CA  . ALA A 1 7   ? -2.735  -6.198  -1.750  1.00 10.33 ? 7   ALA A CA  1 
ATOM   46   C C   . ALA A 1 7   ? -2.209  -6.772  -3.035  1.00 13.61 ? 7   ALA A C   1 
ATOM   47   O O   . ALA A 1 7   ? -2.147  -6.122  -4.055  1.00 12.34 ? 7   ALA A O   1 
ATOM   48   C CB  . ALA A 1 7   ? -4.215  -5.804  -1.798  1.00 12.15 ? 7   ALA A CB  1 
ATOM   49   N N   . LEU A 1 8   ? -1.771  -7.997  -3.000  1.00 6.13  ? 8   LEU A N   1 
ATOM   50   C CA  . LEU A 1 8   ? -1.217  -8.622  -4.198  1.00 10.10 ? 8   LEU A CA  1 
ATOM   51   C C   . LEU A 1 8   ? -1.872  -9.909  -4.638  1.00 17.94 ? 8   LEU A C   1 
ATOM   52   O O   . LEU A 1 8   ? -2.237  -10.707 -3.790  1.00 13.71 ? 8   LEU A O   1 
ATOM   53   C CB  . LEU A 1 8   ? 0.291   -8.845  -4.240  1.00 19.37 ? 8   LEU A CB  1 
ATOM   54   C CG  . LEU A 1 8   ? 1.112   -8.941  -3.023  1.00 22.50 ? 8   LEU A CG  1 
ATOM   55   C CD1 . LEU A 1 8   ? 2.526   -9.355  -3.454  1.00 19.28 ? 8   LEU A CD1 1 
ATOM   56   C CD2 . LEU A 1 8   ? 1.269   -7.523  -2.483  1.00 32.17 ? 8   LEU A CD2 1 
ATOM   57   N N   . ALA A 1 9   ? -2.009  -10.082 -5.992  1.00 11.72 ? 9   ALA A N   1 
ATOM   58   C CA  . ALA A 1 9   ? -2.579  -11.297 -6.510  1.00 12.49 ? 9   ALA A CA  1 
ATOM   59   C C   . ALA A 1 9   ? -1.447  -12.176 -6.897  1.00 7.89  ? 9   ALA A C   1 
ATOM   60   O O   . ALA A 1 9   ? -0.339  -11.934 -6.487  1.00 12.39 ? 9   ALA A O   1 
ATOM   61   C CB  . ALA A 1 9   ? -3.442  -11.065 -7.716  1.00 18.70 ? 9   ALA A CB  1 
ATOM   62   N N   . VAL A 1 10  ? -1.710  -13.257 -7.680  1.00 13.92 ? 10  VAL A N   1 
ATOM   63   C CA  . VAL A 1 10  ? -0.573  -14.096 -8.012  1.00 18.68 ? 10  VAL A CA  1 
ATOM   64   C C   . VAL A 1 10  ? 0.421   -13.346 -8.903  1.00 18.02 ? 10  VAL A C   1 
ATOM   65   O O   . VAL A 1 10  ? 0.053   -12.382 -9.609  1.00 17.91 ? 10  VAL A O   1 
ATOM   66   C CB  . VAL A 1 10  ? -0.860  -15.532 -8.450  1.00 30.59 ? 10  VAL A CB  1 
ATOM   67   C CG1 . VAL A 1 10  ? -1.987  -16.154 -7.613  1.00 20.46 ? 10  VAL A CG1 1 
ATOM   68   C CG2 . VAL A 1 10  ? -1.157  -15.621 -9.908  1.00 22.67 ? 10  VAL A CG2 1 
ATOM   69   N N   . ASP A 1 11  ? 1.683   -13.770 -8.859  1.00 19.46 ? 11  ASP A N   1 
ATOM   70   C CA  . ASP A 1 11  ? 2.692   -13.092 -9.659  1.00 20.49 ? 11  ASP A CA  1 
ATOM   71   C C   . ASP A 1 11  ? 2.932   -11.673 -9.180  1.00 18.01 ? 11  ASP A C   1 
ATOM   72   O O   . ASP A 1 11  ? 3.502   -10.862 -9.919  1.00 17.66 ? 11  ASP A O   1 
ATOM   73   C CB  . ASP A 1 11  ? 2.370   -13.127 -11.166 1.00 15.80 ? 11  ASP A CB  1 
ATOM   74   C CG  . ASP A 1 11  ? 2.445   -14.580 -11.645 1.00 26.40 ? 11  ASP A CG  1 
ATOM   75   O OD1 . ASP A 1 11  ? 3.265   -15.374 -11.167 1.00 29.65 ? 11  ASP A OD1 1 
ATOM   76   O OD2 . ASP A 1 11  ? 1.599   -14.889 -12.606 1.00 26.36 ? 11  ASP A OD2 1 
ATOM   77   N N   . ARG A 1 12  ? 2.522   -11.353 -7.951  1.00 10.75 ? 12  ARG A N   1 
ATOM   78   C CA  . ARG A 1 12  ? 2.724   -10.037 -7.379  1.00 9.06  ? 12  ARG A CA  1 
ATOM   79   C C   . ARG A 1 12  ? 1.973   -8.942  -8.104  1.00 8.57  ? 12  ARG A C   1 
ATOM   80   O O   . ARG A 1 12  ? 2.325   -7.820  -7.874  1.00 11.20 ? 12  ARG A O   1 
ATOM   81   C CB  . ARG A 1 12  ? 4.166   -9.590  -7.117  1.00 9.65  ? 12  ARG A CB  1 
ATOM   82   C CG  . ARG A 1 12  ? 4.896   -10.666 -6.291  1.00 24.70 ? 12  ARG A CG  1 
ATOM   83   C CD  . ARG A 1 12  ? 6.352   -10.439 -5.917  1.00 23.13 ? 12  ARG A CD  1 
ATOM   84   N NE  . ARG A 1 12  ? 6.920   -9.578  -6.881  1.00 39.62 ? 12  ARG A NE  1 
ATOM   85   C CZ  . ARG A 1 12  ? 7.589   -9.892  -7.956  1.00 34.67 ? 12  ARG A CZ  1 
ATOM   86   N NH1 . ARG A 1 12  ? 7.861   -11.131 -8.287  1.00 33.10 ? 12  ARG A NH1 1 
ATOM   87   N NH2 . ARG A 1 12  ? 7.997   -8.865  -8.685  1.00 30.40 ? 12  ARG A NH2 1 
ATOM   88   N N   . VAL A 1 13  ? 0.990   -9.260  -8.893  1.00 8.39  ? 13  VAL A N   1 
ATOM   89   C CA  . VAL A 1 13  ? 0.296   -8.177  -9.557  1.00 7.87  ? 13  VAL A CA  1 
ATOM   90   C C   . VAL A 1 13  ? -0.484  -7.314  -8.566  1.00 12.78 ? 13  VAL A C   1 
ATOM   91   O O   . VAL A 1 13  ? -1.222  -7.812  -7.676  1.00 12.61 ? 13  VAL A O   1 
ATOM   92   C CB  . VAL A 1 13  ? -0.687  -8.811  -10.498 1.00 10.13 ? 13  VAL A CB  1 
ATOM   93   C CG1 . VAL A 1 13  ? -1.609  -7.740  -11.090 1.00 14.60 ? 13  VAL A CG1 1 
ATOM   94   C CG2 . VAL A 1 13  ? 0.145   -9.480  -11.625 1.00 15.16 ? 13  VAL A CG2 1 
ATOM   95   N N   . ILE A 1 14  ? -0.324  -6.017  -8.725  1.00 11.00 ? 14  ILE A N   1 
ATOM   96   C CA  . ILE A 1 14  ? -1.031  -5.100  -7.852  1.00 12.48 ? 14  ILE A CA  1 
ATOM   97   C C   . ILE A 1 14  ? -1.940  -4.109  -8.602  1.00 14.25 ? 14  ILE A C   1 
ATOM   98   O O   . ILE A 1 14  ? -2.800  -3.495  -8.000  1.00 16.36 ? 14  ILE A O   1 
ATOM   99   C CB  . ILE A 1 14  ? -0.105  -4.265  -6.947  1.00 14.58 ? 14  ILE A CB  1 
ATOM   100  C CG1 . ILE A 1 14  ? 0.844   -3.496  -7.860  1.00 18.77 ? 14  ILE A CG1 1 
ATOM   101  C CG2 . ILE A 1 14  ? 0.685   -5.108  -5.937  1.00 13.94 ? 14  ILE A CG2 1 
ATOM   102  C CD1 . ILE A 1 14  ? 1.835   -2.620  -7.074  1.00 20.79 ? 14  ILE A CD1 1 
ATOM   103  N N   . GLY A 1 15  ? -1.756  -3.945  -9.892  1.00 16.10 ? 15  GLY A N   1 
ATOM   104  C CA  . GLY A 1 15  ? -2.588  -2.987  -10.616 1.00 15.42 ? 15  GLY A CA  1 
ATOM   105  C C   . GLY A 1 15  ? -2.602  -3.295  -12.127 1.00 11.81 ? 15  GLY A C   1 
ATOM   106  O O   . GLY A 1 15  ? -1.798  -4.045  -12.687 1.00 14.48 ? 15  GLY A O   1 
ATOM   107  N N   . MET A 1 16  ? -3.576  -2.693  -12.760 1.00 21.90 ? 16  MET A N   1 
ATOM   108  C CA  . MET A 1 16  ? -3.824  -2.814  -14.203 1.00 26.52 ? 16  MET A CA  1 
ATOM   109  C C   . MET A 1 16  ? -4.571  -1.581  -14.619 1.00 17.86 ? 16  MET A C   1 
ATOM   110  O O   . MET A 1 16  ? -4.904  -0.766  -13.795 1.00 17.57 ? 16  MET A O   1 
ATOM   111  C CB  . MET A 1 16  ? -4.663  -4.054  -14.489 1.00 28.98 ? 16  MET A CB  1 
ATOM   112  C CG  . MET A 1 16  ? -5.958  -4.225  -13.704 1.00 44.85 ? 16  MET A CG  1 
ATOM   113  S SD  . MET A 1 16  ? -7.176  -5.137  -14.702 1.00 47.71 ? 16  MET A SD  1 
ATOM   114  C CE  . MET A 1 16  ? -6.809  -4.221  -16.231 1.00 23.41 ? 16  MET A CE  1 
ATOM   115  N N   . GLU A 1 17  ? -4.848  -1.448  -15.890 1.00 23.57 ? 17  GLU A N   1 
ATOM   116  C CA  . GLU A 1 17  ? -5.556  -0.307  -16.435 1.00 27.24 ? 17  GLU A CA  1 
ATOM   117  C C   . GLU A 1 17  ? -6.966  -0.128  -15.863 1.00 25.71 ? 17  GLU A C   1 
ATOM   118  O O   . GLU A 1 17  ? -7.354  0.971   -15.414 1.00 28.08 ? 17  GLU A O   1 
ATOM   119  C CB  . GLU A 1 17  ? -5.706  -0.573  -17.967 1.00 33.51 ? 17  GLU A CB  1 
ATOM   120  C CG  . GLU A 1 17  ? -6.479  0.550   -18.695 0.00 20.00 ? 17  GLU A CG  1 
ATOM   121  C CD  . GLU A 1 17  ? -6.597  0.289   -20.184 0.00 20.00 ? 17  GLU A CD  1 
ATOM   122  O OE1 . GLU A 1 17  ? -6.111  -0.769  -20.641 0.00 20.00 ? 17  GLU A OE1 1 
ATOM   123  O OE2 . GLU A 1 17  ? -7.175  1.137   -20.893 0.00 20.00 ? 17  GLU A OE2 1 
ATOM   124  N N   . ASN A 1 18  ? -7.718  -1.248  -15.879 1.00 17.35 ? 18  ASN A N   1 
ATOM   125  C CA  . ASN A 1 18  ? -9.104  -1.241  -15.404 1.00 16.24 ? 18  ASN A CA  1 
ATOM   126  C C   . ASN A 1 18  ? -9.295  -1.639  -13.972 1.00 18.49 ? 18  ASN A C   1 
ATOM   127  O O   . ASN A 1 18  ? -8.317  -2.026  -13.387 1.00 14.38 ? 18  ASN A O   1 
ATOM   128  C CB  . ASN A 1 18  ? -10.032 -2.003  -16.333 1.00 19.31 ? 18  ASN A CB  1 
ATOM   129  C CG  . ASN A 1 18  ? -9.840  -1.501  -17.803 1.00 22.78 ? 18  ASN A CG  1 
ATOM   130  O OD1 . ASN A 1 18  ? -9.656  -2.299  -18.747 1.00 28.13 ? 18  ASN A OD1 1 
ATOM   131  N ND2 . ASN A 1 18  ? -9.750  -0.186  -17.963 1.00 20.52 ? 18  ASN A ND2 1 
ATOM   132  N N   . ALA A 1 19  ? -10.518 -1.528  -13.481 1.00 17.06 ? 19  ALA A N   1 
ATOM   133  C CA  . ALA A 1 19  ? -10.844 -1.904  -12.098 1.00 18.39 ? 19  ALA A CA  1 
ATOM   134  C C   . ALA A 1 19  ? -10.496 -3.405  -11.945 1.00 17.93 ? 19  ALA A C   1 
ATOM   135  O O   . ALA A 1 19  ? -10.687 -4.182  -12.847 1.00 13.99 ? 19  ALA A O   1 
ATOM   136  C CB  . ALA A 1 19  ? -12.338 -1.685  -11.873 1.00 16.46 ? 19  ALA A CB  1 
ATOM   137  N N   . MET A 1 20  ? -9.962  -3.809  -10.763 1.00 20.26 ? 20  MET A N   1 
ATOM   138  C CA  . MET A 1 20  ? -9.603  -5.194  -10.479 1.00 19.94 ? 20  MET A CA  1 
ATOM   139  C C   . MET A 1 20  ? -10.872 -6.018  -10.444 1.00 13.56 ? 20  MET A C   1 
ATOM   140  O O   . MET A 1 20  ? -11.940 -5.586  -9.984  1.00 16.21 ? 20  MET A O   1 
ATOM   141  C CB  . MET A 1 20  ? -8.829  -5.299  -9.124  1.00 25.62 ? 20  MET A CB  1 
ATOM   142  C CG  . MET A 1 20  ? -7.343  -4.821  -9.293  1.00 36.16 ? 20  MET A CG  1 
ATOM   143  S SD  . MET A 1 20  ? -6.374  -5.569  -10.692 1.00 42.03 ? 20  MET A SD  1 
ATOM   144  C CE  . MET A 1 20  ? -5.017  -6.430  -9.865  1.00 58.02 ? 20  MET A CE  1 
ATOM   145  N N   . PRO A 1 21  ? -10.794 -7.221  -10.941 1.00 15.09 ? 21  PRO A N   1 
ATOM   146  C CA  . PRO A 1 21  ? -12.019 -8.018  -10.942 1.00 19.92 ? 21  PRO A CA  1 
ATOM   147  C C   . PRO A 1 21  ? -12.173 -8.842  -9.655  1.00 26.75 ? 21  PRO A C   1 
ATOM   148  O O   . PRO A 1 21  ? -12.099 -10.105 -9.707  1.00 25.30 ? 21  PRO A O   1 
ATOM   149  C CB  . PRO A 1 21  ? -11.851 -8.984  -12.087 1.00 22.77 ? 21  PRO A CB  1 
ATOM   150  C CG  . PRO A 1 21  ? -10.336 -9.206  -12.144 1.00 21.92 ? 21  PRO A CG  1 
ATOM   151  C CD  . PRO A 1 21  ? -9.724  -7.869  -11.712 1.00 18.20 ? 21  PRO A CD  1 
ATOM   152  N N   . TRP A 1 22  ? -12.345 -8.156  -8.533  1.00 27.11 ? 22  TRP A N   1 
ATOM   153  C CA  . TRP A 1 22  ? -12.509 -8.809  -7.206  1.00 24.32 ? 22  TRP A CA  1 
ATOM   154  C C   . TRP A 1 22  ? -13.217 -7.889  -6.299  1.00 29.04 ? 22  TRP A C   1 
ATOM   155  O O   . TRP A 1 22  ? -13.247 -6.697  -6.552  1.00 27.87 ? 22  TRP A O   1 
ATOM   156  C CB  . TRP A 1 22  ? -11.246 -9.329  -6.555  1.00 18.85 ? 22  TRP A CB  1 
ATOM   157  C CG  . TRP A 1 22  ? -10.245 -8.313  -6.210  1.00 21.29 ? 22  TRP A CG  1 
ATOM   158  C CD1 . TRP A 1 22  ? -10.453 -7.246  -5.406  1.00 26.88 ? 22  TRP A CD1 1 
ATOM   159  C CD2 . TRP A 1 22  ? -8.878  -8.272  -6.600  1.00 15.30 ? 22  TRP A CD2 1 
ATOM   160  N NE1 . TRP A 1 22  ? -9.305  -6.523  -5.259  1.00 28.66 ? 22  TRP A NE1 1 
ATOM   161  C CE2 . TRP A 1 22  ? -8.313  -7.100  -5.983  1.00 15.58 ? 22  TRP A CE2 1 
ATOM   162  C CE3 . TRP A 1 22  ? -8.068  -9.052  -7.374  1.00 23.35 ? 22  TRP A CE3 1 
ATOM   163  C CZ2 . TRP A 1 22  ? -6.990  -6.722  -6.136  1.00 24.07 ? 22  TRP A CZ2 1 
ATOM   164  C CZ3 . TRP A 1 22  ? -6.748  -8.661  -7.494  1.00 29.74 ? 22  TRP A CZ3 1 
ATOM   165  C CH2 . TRP A 1 22  ? -6.218  -7.520  -6.913  1.00 20.50 ? 22  TRP A CH2 1 
ATOM   166  N N   . ASN A 1 23  ? -13.796 -8.416  -5.251  1.00 23.99 ? 23  ASN A N   1 
ATOM   167  C CA  . ASN A 1 23  ? -14.527 -7.544  -4.336  1.00 18.80 ? 23  ASN A CA  1 
ATOM   168  C C   . ASN A 1 23  ? -14.126 -8.072  -2.993  1.00 14.59 ? 23  ASN A C   1 
ATOM   169  O O   . ASN A 1 23  ? -14.530 -9.157  -2.628  1.00 14.96 ? 23  ASN A O   1 
ATOM   170  C CB  . ASN A 1 23  ? -16.018 -7.843  -4.510  1.00 30.84 ? 23  ASN A CB  1 
ATOM   171  C CG  . ASN A 1 23  ? -16.834 -6.612  -4.300  1.00 47.86 ? 23  ASN A CG  1 
ATOM   172  O OD1 . ASN A 1 23  ? -17.509 -6.140  -5.239  1.00 52.26 ? 23  ASN A OD1 1 
ATOM   173  N ND2 . ASN A 1 23  ? -16.603 -6.024  -3.134  1.00 48.19 ? 23  ASN A ND2 1 
ATOM   174  N N   . LEU A 1 24  ? -13.305 -7.284  -2.363  1.00 10.96 ? 24  LEU A N   1 
ATOM   175  C CA  . LEU A 1 24  ? -12.756 -7.633  -1.086  1.00 13.75 ? 24  LEU A CA  1 
ATOM   176  C C   . LEU A 1 24  ? -12.950 -6.658  0.024   1.00 11.51 ? 24  LEU A C   1 
ATOM   177  O O   . LEU A 1 24  ? -11.968 -6.081  0.475   1.00 13.25 ? 24  LEU A O   1 
ATOM   178  C CB  . LEU A 1 24  ? -11.257 -7.886  -1.247  1.00 17.24 ? 24  LEU A CB  1 
ATOM   179  C CG  . LEU A 1 24  ? -10.920 -8.986  -2.258  1.00 26.05 ? 24  LEU A CG  1 
ATOM   180  C CD1 . LEU A 1 24  ? -9.420  -9.020  -2.503  1.00 29.51 ? 24  LEU A CD1 1 
ATOM   181  C CD2 . LEU A 1 24  ? -11.428 -10.373 -1.860  1.00 18.41 ? 24  LEU A CD2 1 
ATOM   182  N N   . PRO A 1 25  ? -14.185 -6.504  0.503   1.00 15.37 ? 25  PRO A N   1 
ATOM   183  C CA  . PRO A 1 25  ? -14.394 -5.585  1.631   1.00 12.16 ? 25  PRO A CA  1 
ATOM   184  C C   . PRO A 1 25  ? -13.543 -5.909  2.864   1.00 13.79 ? 25  PRO A C   1 
ATOM   185  O O   . PRO A 1 25  ? -13.205 -5.062  3.670   1.00 17.00 ? 25  PRO A O   1 
ATOM   186  C CB  . PRO A 1 25  ? -15.906 -5.708  1.971   1.00 18.09 ? 25  PRO A CB  1 
ATOM   187  C CG  . PRO A 1 25  ? -16.494 -6.834  1.141   1.00 22.31 ? 25  PRO A CG  1 
ATOM   188  C CD  . PRO A 1 25  ? -15.477 -7.187  0.089   1.00 13.46 ? 25  PRO A CD  1 
ATOM   189  N N   . ALA A 1 26  ? -13.146 -7.152  3.078   1.00 13.24 ? 26  ALA A N   1 
ATOM   190  C CA  . ALA A 1 26  ? -12.339 -7.463  4.254   1.00 14.89 ? 26  ALA A CA  1 
ATOM   191  C C   . ALA A 1 26  ? -10.995 -6.802  4.137   1.00 12.46 ? 26  ALA A C   1 
ATOM   192  O O   . ALA A 1 26  ? -10.364 -6.354  5.100   1.00 13.83 ? 26  ALA A O   1 
ATOM   193  C CB  . ALA A 1 26  ? -12.200 -8.982  4.447   1.00 12.57 ? 26  ALA A CB  1 
ATOM   194  N N   . ASP A 1 27  ? -10.520 -6.712  2.900   1.00 12.45 ? 27  ASP A N   1 
ATOM   195  C CA  . ASP A 1 27  ? -9.209  -6.063  2.776   1.00 11.64 ? 27  ASP A CA  1 
ATOM   196  C C   . ASP A 1 27  ? -9.274  -4.543  3.037   1.00 9.27  ? 27  ASP A C   1 
ATOM   197  O O   . ASP A 1 27  ? -8.374  -3.878  3.548   1.00 12.00 ? 27  ASP A O   1 
ATOM   198  C CB  . ASP A 1 27  ? -8.585  -6.378  1.399   1.00 20.92 ? 27  ASP A CB  1 
ATOM   199  C CG  . ASP A 1 27  ? -7.291  -5.657  1.176   1.00 19.80 ? 27  ASP A CG  1 
ATOM   200  O OD1 . ASP A 1 27  ? -6.319  -5.854  1.852   1.00 17.92 ? 27  ASP A OD1 1 
ATOM   201  O OD2 . ASP A 1 27  ? -7.367  -4.764  0.224   1.00 19.61 ? 27  ASP A OD2 1 
ATOM   202  N N   . LEU A 1 28  ? -10.399 -3.986  2.694   1.00 14.17 ? 28  LEU A N   1 
ATOM   203  C CA  . LEU A 1 28  ? -10.574 -2.575  2.949   1.00 17.73 ? 28  LEU A CA  1 
ATOM   204  C C   . LEU A 1 28  ? -10.610 -2.316  4.450   1.00 16.82 ? 28  LEU A C   1 
ATOM   205  O O   . LEU A 1 28  ? -10.100 -1.302  4.923   1.00 17.38 ? 28  LEU A O   1 
ATOM   206  C CB  . LEU A 1 28  ? -11.984 -2.144  2.525   1.00 31.89 ? 28  LEU A CB  1 
ATOM   207  C CG  . LEU A 1 28  ? -12.146 -1.702  1.098   1.00 48.88 ? 28  LEU A CG  1 
ATOM   208  C CD1 . LEU A 1 28  ? -12.474 -0.219  1.237   1.00 54.53 ? 28  LEU A CD1 1 
ATOM   209  C CD2 . LEU A 1 28  ? -10.874 -1.965  0.273   1.00 61.38 ? 28  LEU A CD2 1 
ATOM   210  N N   . ALA A 1 29  ? -11.220 -3.200  5.192   1.00 14.60 ? 29  ALA A N   1 
ATOM   211  C CA  . ALA A 1 29  ? -11.295 -3.040  6.641   1.00 13.31 ? 29  ALA A CA  1 
ATOM   212  C C   . ALA A 1 29  ? -9.910  -3.137  7.214   1.00 13.06 ? 29  ALA A C   1 
ATOM   213  O O   . ALA A 1 29  ? -9.501  -2.405  8.106   1.00 13.62 ? 29  ALA A O   1 
ATOM   214  C CB  . ALA A 1 29  ? -12.249 -4.049  7.338   1.00 16.68 ? 29  ALA A CB  1 
ATOM   215  N N   . TRP A 1 30  ? -9.162  -4.071  6.681   1.00 10.14 ? 30  TRP A N   1 
ATOM   216  C CA  . TRP A 1 30  ? -7.795  -4.234  7.155   1.00 11.58 ? 30  TRP A CA  1 
ATOM   217  C C   . TRP A 1 30  ? -6.946  -2.990  6.840   1.00 11.18 ? 30  TRP A C   1 
ATOM   218  O O   . TRP A 1 30  ? -6.154  -2.481  7.663   1.00 13.28 ? 30  TRP A O   1 
ATOM   219  C CB  . TRP A 1 30  ? -7.281  -5.454  6.388   1.00 12.06 ? 30  TRP A CB  1 
ATOM   220  C CG  . TRP A 1 30  ? -5.792  -5.706  6.399   1.00 15.68 ? 30  TRP A CG  1 
ATOM   221  C CD1 . TRP A 1 30  ? -4.947  -5.367  5.371   1.00 14.20 ? 30  TRP A CD1 1 
ATOM   222  C CD2 . TRP A 1 30  ? -4.951  -6.359  7.394   1.00 17.26 ? 30  TRP A CD2 1 
ATOM   223  N NE1 . TRP A 1 30  ? -3.657  -5.733  5.669   1.00 14.62 ? 30  TRP A NE1 1 
ATOM   224  C CE2 . TRP A 1 30  ? -3.630  -6.349  6.881   1.00 14.32 ? 30  TRP A CE2 1 
ATOM   225  C CE3 . TRP A 1 30  ? -5.222  -6.950  8.648   1.00 14.94 ? 30  TRP A CE3 1 
ATOM   226  C CZ2 . TRP A 1 30  ? -2.543  -6.928  7.545   1.00 16.37 ? 30  TRP A CZ2 1 
ATOM   227  C CZ3 . TRP A 1 30  ? -4.178  -7.496  9.316   1.00 18.77 ? 30  TRP A CZ3 1 
ATOM   228  C CH2 . TRP A 1 30  ? -2.861  -7.478  8.776   1.00 16.19 ? 30  TRP A CH2 1 
ATOM   229  N N   . PHE A 1 31  ? -7.103  -2.515  5.591   1.00 10.30 ? 31  PHE A N   1 
ATOM   230  C CA  . PHE A 1 31  ? -6.364  -1.341  5.193   1.00 14.00 ? 31  PHE A CA  1 
ATOM   231  C C   . PHE A 1 31  ? -6.684  -0.159  6.146   1.00 15.99 ? 31  PHE A C   1 
ATOM   232  O O   . PHE A 1 31  ? -5.838  0.505   6.656   1.00 12.72 ? 31  PHE A O   1 
ATOM   233  C CB  . PHE A 1 31  ? -6.835  -0.971  3.766   1.00 14.40 ? 31  PHE A CB  1 
ATOM   234  C CG  . PHE A 1 31  ? -6.145  0.304   3.296   1.00 12.65 ? 31  PHE A CG  1 
ATOM   235  C CD1 . PHE A 1 31  ? -4.834  0.294   2.838   1.00 14.71 ? 31  PHE A CD1 1 
ATOM   236  C CD2 . PHE A 1 31  ? -6.835  1.507   3.346   1.00 18.67 ? 31  PHE A CD2 1 
ATOM   237  C CE1 . PHE A 1 31  ? -4.187  1.447   2.416   1.00 15.62 ? 31  PHE A CE1 1 
ATOM   238  C CE2 . PHE A 1 31  ? -6.206  2.677   2.928   1.00 23.26 ? 31  PHE A CE2 1 
ATOM   239  C CZ  . PHE A 1 31  ? -4.890  2.648   2.464   1.00 21.80 ? 31  PHE A CZ  1 
ATOM   240  N N   . LYS A 1 32  ? -7.942  0.126   6.439   1.00 13.62 ? 32  LYS A N   1 
ATOM   241  C CA  . LYS A 1 32  ? -8.346  1.222   7.331   1.00 19.90 ? 32  LYS A CA  1 
ATOM   242  C C   . LYS A 1 32  ? -7.760  1.113   8.726   1.00 23.19 ? 32  LYS A C   1 
ATOM   243  O O   . LYS A 1 32  ? -7.203  2.027   9.294   1.00 18.54 ? 32  LYS A O   1 
ATOM   244  C CB  . LYS A 1 32  ? -9.867  1.094   7.350   1.00 25.02 ? 32  LYS A CB  1 
ATOM   245  C CG  . LYS A 1 32  ? -10.753 1.989   8.203   1.00 51.24 ? 32  LYS A CG  1 
ATOM   246  C CD  . LYS A 1 32  ? -12.198 2.031   7.660   1.00 62.77 ? 32  LYS A CD  1 
ATOM   247  C CE  . LYS A 1 32  ? -12.364 2.605   6.238   1.00 59.69 ? 32  LYS A CE  1 
ATOM   248  N NZ  . LYS A 1 32  ? -13.719 2.507   5.653   1.00 65.90 ? 32  LYS A NZ  1 
ATOM   249  N N   . ARG A 1 33  ? -7.893  -0.075  9.292   1.00 17.48 ? 33  ARG A N   1 
ATOM   250  C CA  . ARG A 1 33  ? -7.419  -0.324  10.591  1.00 17.24 ? 33  ARG A CA  1 
ATOM   251  C C   . ARG A 1 33  ? -5.947  -0.049  10.716  1.00 17.27 ? 33  ARG A C   1 
ATOM   252  O O   . ARG A 1 33  ? -5.440  0.575   11.684  1.00 19.73 ? 33  ARG A O   1 
ATOM   253  C CB  . ARG A 1 33  ? -7.755  -1.795  10.818  1.00 25.46 ? 33  ARG A CB  1 
ATOM   254  C CG  . ARG A 1 33  ? -7.581  -2.321  12.232  1.00 40.18 ? 33  ARG A CG  1 
ATOM   255  C CD  . ARG A 1 33  ? -8.609  -3.433  12.538  1.00 63.16 ? 33  ARG A CD  1 
ATOM   256  N NE  . ARG A 1 33  ? -8.444  -4.714  11.799  1.00 74.59 ? 33  ARG A NE  1 
ATOM   257  C CZ  . ARG A 1 33  ? -9.293  -5.351  10.918  1.00 70.47 ? 33  ARG A CZ  1 
ATOM   258  N NH1 . ARG A 1 33  ? -10.501 -4.880  10.560  1.00 65.87 ? 33  ARG A NH1 1 
ATOM   259  N NH2 . ARG A 1 33  ? -8.915  -6.525  10.369  1.00 57.60 ? 33  ARG A NH2 1 
ATOM   260  N N   . ASN A 1 34  ? -5.195  -0.545  9.709   1.00 15.05 ? 34  ASN A N   1 
ATOM   261  C CA  . ASN A 1 34  ? -3.765  -0.371  9.756   1.00 13.78 ? 34  ASN A CA  1 
ATOM   262  C C   . ASN A 1 34  ? -3.243  1.053   9.392   1.00 12.30 ? 34  ASN A C   1 
ATOM   263  O O   . ASN A 1 34  ? -2.087  1.347   9.666   1.00 14.66 ? 34  ASN A O   1 
ATOM   264  C CB  . ASN A 1 34  ? -3.015  -1.492  8.992   1.00 11.80 ? 34  ASN A CB  1 
ATOM   265  C CG  . ASN A 1 34  ? -3.168  -2.791  9.693   1.00 20.34 ? 34  ASN A CG  1 
ATOM   266  O OD1 . ASN A 1 34  ? -2.745  -2.905  10.846  1.00 19.58 ? 34  ASN A OD1 1 
ATOM   267  N ND2 . ASN A 1 34  ? -3.795  -3.734  9.019   1.00 15.34 ? 34  ASN A ND2 1 
ATOM   268  N N   . THR A 1 35  ? -4.014  1.883   8.771   1.00 12.35 ? 35  THR A N   1 
ATOM   269  C CA  . THR A 1 35  ? -3.522  3.191   8.430   1.00 13.18 ? 35  THR A CA  1 
ATOM   270  C C   . THR A 1 35  ? -4.209  4.314   9.175   1.00 21.66 ? 35  THR A C   1 
ATOM   271  O O   . THR A 1 35  ? -3.812  5.447   9.020   1.00 16.67 ? 35  THR A O   1 
ATOM   272  C CB  . THR A 1 35  ? -3.788  3.455   6.937   1.00 9.82  ? 35  THR A CB  1 
ATOM   273  O OG1 . THR A 1 35  ? -5.168  3.335   6.661   1.00 13.60 ? 35  THR A OG1 1 
ATOM   274  C CG2 . THR A 1 35  ? -3.091  2.393   6.048   1.00 11.86 ? 35  THR A CG2 1 
ATOM   275  N N   . LEU A 1 36  ? -5.232  4.031   9.959   1.00 19.18 ? 36  LEU A N   1 
ATOM   276  C CA  . LEU A 1 36  ? -5.894  5.107   10.651  1.00 19.84 ? 36  LEU A CA  1 
ATOM   277  C C   . LEU A 1 36  ? -4.995  5.965   11.481  1.00 12.49 ? 36  LEU A C   1 
ATOM   278  O O   . LEU A 1 36  ? -4.146  5.443   12.190  1.00 17.18 ? 36  LEU A O   1 
ATOM   279  C CB  . LEU A 1 36  ? -7.097  4.646   11.444  1.00 31.21 ? 36  LEU A CB  1 
ATOM   280  C CG  . LEU A 1 36  ? -8.065  5.818   11.645  1.00 45.92 ? 36  LEU A CG  1 
ATOM   281  C CD1 . LEU A 1 36  ? -7.884  6.942   10.614  1.00 40.70 ? 36  LEU A CD1 1 
ATOM   282  C CD2 . LEU A 1 36  ? -9.465  5.269   11.537  1.00 52.64 ? 36  LEU A CD2 1 
ATOM   283  N N   . ASP A 1 37  ? -5.198  7.314   11.333  1.00 14.07 ? 37  ASP A N   1 
ATOM   284  C CA  . ASP A 1 37  ? -4.423  8.293   12.048  1.00 11.91 ? 37  ASP A CA  1 
ATOM   285  C C   . ASP A 1 37  ? -2.942  8.226   11.856  1.00 15.45 ? 37  ASP A C   1 
ATOM   286  O O   . ASP A 1 37  ? -2.114  8.564   12.727  1.00 17.92 ? 37  ASP A O   1 
ATOM   287  C CB  . ASP A 1 37  ? -4.822  8.336   13.519  1.00 15.92 ? 37  ASP A CB  1 
ATOM   288  C CG  . ASP A 1 37  ? -6.315  8.601   13.651  1.00 25.32 ? 37  ASP A CG  1 
ATOM   289  O OD1 . ASP A 1 37  ? -7.032  9.412   13.009  1.00 24.41 ? 37  ASP A OD1 1 
ATOM   290  O OD2 . ASP A 1 37  ? -6.796  7.741   14.496  1.00 31.10 ? 37  ASP A OD2 1 
ATOM   291  N N   . LYS A 1 38  ? -2.505  7.786   10.679  1.00 13.87 ? 38  LYS A N   1 
ATOM   292  C CA  . LYS A 1 38  ? -1.060  7.763   10.493  1.00 11.91 ? 38  LYS A CA  1 
ATOM   293  C C   . LYS A 1 38  ? -0.876  8.463   9.133   1.00 13.84 ? 38  LYS A C   1 
ATOM   294  O O   . LYS A 1 38  ? -1.796  8.465   8.287   1.00 17.31 ? 38  LYS A O   1 
ATOM   295  C CB  . LYS A 1 38  ? -0.569  6.289   10.305  1.00 14.77 ? 38  LYS A CB  1 
ATOM   296  C CG  . LYS A 1 38  ? -0.812  5.381   11.515  1.00 18.16 ? 38  LYS A CG  1 
ATOM   297  C CD  . LYS A 1 38  ? -0.320  3.929   11.299  1.00 16.22 ? 38  LYS A CD  1 
ATOM   298  C CE  . LYS A 1 38  ? -0.618  2.923   12.426  1.00 20.97 ? 38  LYS A CE  1 
ATOM   299  N NZ  . LYS A 1 38  ? -0.296  1.506   12.089  1.00 13.20 ? 38  LYS A NZ  1 
ATOM   300  N N   . PRO A 1 39  ? 0.311   9.021   8.917   1.00 15.41 ? 39  PRO A N   1 
ATOM   301  C CA  . PRO A 1 39  ? 0.502   9.660   7.638   1.00 13.35 ? 39  PRO A CA  1 
ATOM   302  C C   . PRO A 1 39  ? 0.644   8.588   6.566   1.00 17.31 ? 39  PRO A C   1 
ATOM   303  O O   . PRO A 1 39  ? 1.237   7.486   6.781   1.00 12.53 ? 39  PRO A O   1 
ATOM   304  C CB  . PRO A 1 39  ? 1.815   10.414  7.782   1.00 15.36 ? 39  PRO A CB  1 
ATOM   305  C CG  . PRO A 1 39  ? 2.504   9.951   9.046   1.00 24.25 ? 39  PRO A CG  1 
ATOM   306  C CD  . PRO A 1 39  ? 1.520   9.079   9.804   1.00 17.36 ? 39  PRO A CD  1 
ATOM   307  N N   . VAL A 1 40  ? 0.105   8.912   5.374   1.00 15.06 ? 40  VAL A N   1 
ATOM   308  C CA  . VAL A 1 40  ? 0.184   7.991   4.245   1.00 9.35  ? 40  VAL A CA  1 
ATOM   309  C C   . VAL A 1 40  ? 0.901   8.692   3.070   1.00 14.10 ? 40  VAL A C   1 
ATOM   310  O O   . VAL A 1 40  ? 0.621   9.866   2.819   1.00 14.90 ? 40  VAL A O   1 
ATOM   311  C CB  . VAL A 1 40  ? -1.183  7.542   3.777   1.00 12.01 ? 40  VAL A CB  1 
ATOM   312  C CG1 . VAL A 1 40  ? -1.854  6.669   4.841   1.00 15.02 ? 40  VAL A CG1 1 
ATOM   313  C CG2 . VAL A 1 40  ? -2.148  8.701   3.495   1.00 15.53 ? 40  VAL A CG2 1 
ATOM   314  N N   . ILE A 1 41  ? 1.784   7.973   2.451   1.00 9.79  ? 41  ILE A N   1 
ATOM   315  C CA  . ILE A 1 41  ? 2.592   8.430   1.283   1.00 9.02  ? 41  ILE A CA  1 
ATOM   316  C C   . ILE A 1 41  ? 2.076   7.654   0.112   1.00 9.60  ? 41  ILE A C   1 
ATOM   317  O O   . ILE A 1 41  ? 1.911   6.437   0.137   1.00 6.84  ? 41  ILE A O   1 
ATOM   318  C CB  . ILE A 1 41  ? 4.086   8.168   1.412   1.00 13.64 ? 41  ILE A CB  1 
ATOM   319  C CG1 . ILE A 1 41  ? 4.693   9.008   2.562   1.00 11.42 ? 41  ILE A CG1 1 
ATOM   320  C CG2 . ILE A 1 41  ? 4.788   8.427   0.066   1.00 15.40 ? 41  ILE A CG2 1 
ATOM   321  C CD1 . ILE A 1 41  ? 6.161   8.674   2.802   1.00 9.12  ? 41  ILE A CD1 1 
ATOM   322  N N   . MET A 1 42  ? 1.807   8.354   -1.028  1.00 10.77 ? 42  MET A N   1 
ATOM   323  C CA  . MET A 1 42  ? 1.303   7.652   -2.246  1.00 9.73  ? 42  MET A CA  1 
ATOM   324  C C   . MET A 1 42  ? 1.796   8.404   -3.496  1.00 10.95 ? 42  MET A C   1 
ATOM   325  O O   . MET A 1 42  ? 2.123   9.580   -3.396  1.00 10.25 ? 42  MET A O   1 
ATOM   326  C CB  . MET A 1 42  ? -0.229  7.549   -2.339  1.00 9.33  ? 42  MET A CB  1 
ATOM   327  C CG  . MET A 1 42  ? -0.888  8.916   -2.584  1.00 10.12 ? 42  MET A CG  1 
ATOM   328  S SD  . MET A 1 42  ? -2.642  8.870   -2.221  1.00 16.10 ? 42  MET A SD  1 
ATOM   329  C CE  . MET A 1 42  ? -2.462  9.283   -0.493  1.00 14.26 ? 42  MET A CE  1 
ATOM   330  N N   . GLY A 1 43  ? 1.873   7.692   -4.613  1.00 12.79 ? 43  GLY A N   1 
ATOM   331  C CA  . GLY A 1 43  ? 2.309   8.258   -5.907  1.00 9.10  ? 43  GLY A CA  1 
ATOM   332  C C   . GLY A 1 43  ? 1.068   8.908   -6.515  1.00 10.84 ? 43  GLY A C   1 
ATOM   333  O O   . GLY A 1 43  ? -0.084  8.669   -6.116  1.00 11.40 ? 43  GLY A O   1 
ATOM   334  N N   . ARG A 1 44  ? 1.339   9.761   -7.512  1.00 17.31 ? 44  ARG A N   1 
ATOM   335  C CA  . ARG A 1 44  ? 0.266   10.492  -8.205  1.00 14.11 ? 44  ARG A CA  1 
ATOM   336  C C   . ARG A 1 44  ? -0.826  9.623   -8.829  1.00 8.31  ? 44  ARG A C   1 
ATOM   337  O O   . ARG A 1 44  ? -2.038  9.900   -8.801  1.00 12.90 ? 44  ARG A O   1 
ATOM   338  C CB  . ARG A 1 44  ? 0.915   11.519  -9.151  1.00 15.90 ? 44  ARG A CB  1 
ATOM   339  C CG  . ARG A 1 44  ? -0.031  12.629  -9.559  1.00 21.19 ? 44  ARG A CG  1 
ATOM   340  C CD  . ARG A 1 44  ? -0.459  12.500  -11.009 1.00 23.86 ? 44  ARG A CD  1 
ATOM   341  N NE  . ARG A 1 44  ? 0.645   12.396  -11.949 1.00 14.35 ? 44  ARG A NE  1 
ATOM   342  C CZ  . ARG A 1 44  ? 0.283   11.993  -13.198 1.00 20.80 ? 44  ARG A CZ  1 
ATOM   343  N NH1 . ARG A 1 44  ? -1.015  11.746  -13.496 1.00 22.84 ? 44  ARG A NH1 1 
ATOM   344  N NH2 . ARG A 1 44  ? 1.228   11.838  -14.122 1.00 19.98 ? 44  ARG A NH2 1 
ATOM   345  N N   . HIS A 1 45  ? -0.376  8.531   -9.384  1.00 10.41 ? 45  HIS A N   1 
ATOM   346  C CA  . HIS A 1 45  ? -1.401  7.700   -9.974  1.00 13.98 ? 45  HIS A CA  1 
ATOM   347  C C   . HIS A 1 45  ? -2.358  7.145   -8.940  1.00 14.88 ? 45  HIS A C   1 
ATOM   348  O O   . HIS A 1 45  ? -3.546  7.081   -9.164  1.00 14.78 ? 45  HIS A O   1 
ATOM   349  C CB  . HIS A 1 45  ? -0.798  6.606   -10.889 1.00 18.63 ? 45  HIS A CB  1 
ATOM   350  C CG  . HIS A 1 45  ? -0.090  7.268   -12.041 1.00 28.61 ? 45  HIS A CG  1 
ATOM   351  N ND1 . HIS A 1 45  ? -0.769  8.135   -12.903 1.00 42.51 ? 45  HIS A ND1 1 
ATOM   352  C CD2 . HIS A 1 45  ? 1.187   7.198   -12.466 1.00 32.17 ? 45  HIS A CD2 1 
ATOM   353  C CE1 . HIS A 1 45  ? 0.117   8.552   -13.809 1.00 35.98 ? 45  HIS A CE1 1 
ATOM   354  N NE2 . HIS A 1 45  ? 1.304   8.008   -13.582 1.00 20.19 ? 45  HIS A NE2 1 
ATOM   355  N N   . THR A 1 46  ? -1.835  6.714   -7.807  1.00 14.38 ? 46  THR A N   1 
ATOM   356  C CA  . THR A 1 46  ? -2.693  6.160   -6.768  1.00 12.63 ? 46  THR A CA  1 
ATOM   357  C C   . THR A 1 46  ? -3.671  7.212   -6.262  1.00 15.21 ? 46  THR A C   1 
ATOM   358  O O   . THR A 1 46  ? -4.882  7.039   -6.006  1.00 16.28 ? 46  THR A O   1 
ATOM   359  C CB  . THR A 1 46  ? -1.716  5.673   -5.631  1.00 10.42 ? 46  THR A CB  1 
ATOM   360  O OG1 . THR A 1 46  ? -1.013  4.521   -6.131  1.00 14.27 ? 46  THR A OG1 1 
ATOM   361  C CG2 . THR A 1 46  ? -2.525  5.153   -4.460  1.00 13.61 ? 46  THR A CG2 1 
ATOM   362  N N   . TRP A 1 47  ? -3.108  8.421   -6.115  1.00 13.90 ? 47  TRP A N   1 
ATOM   363  C CA  . TRP A 1 47  ? -3.915  9.561   -5.646  1.00 12.33 ? 47  TRP A CA  1 
ATOM   364  C C   . TRP A 1 47  ? -5.140  9.786   -6.532  1.00 17.50 ? 47  TRP A C   1 
ATOM   365  O O   . TRP A 1 47  ? -6.236  9.976   -6.015  1.00 16.43 ? 47  TRP A O   1 
ATOM   366  C CB  . TRP A 1 47  ? -3.029  10.777  -5.594  1.00 16.87 ? 47  TRP A CB  1 
ATOM   367  C CG  . TRP A 1 47  ? -3.855  12.021  -5.595  1.00 24.57 ? 47  TRP A CG  1 
ATOM   368  C CD1 . TRP A 1 47  ? -3.912  12.925  -6.623  1.00 24.01 ? 47  TRP A CD1 1 
ATOM   369  C CD2 . TRP A 1 47  ? -4.723  12.537  -4.535  1.00 12.58 ? 47  TRP A CD2 1 
ATOM   370  N NE1 . TRP A 1 47  ? -4.760  13.965  -6.283  1.00 22.38 ? 47  TRP A NE1 1 
ATOM   371  C CE2 . TRP A 1 47  ? -5.275  13.760  -5.001  1.00 19.42 ? 47  TRP A CE2 1 
ATOM   372  C CE3 . TRP A 1 47  ? -5.095  12.102  -3.275  1.00 19.12 ? 47  TRP A CE3 1 
ATOM   373  C CZ2 . TRP A 1 47  ? -6.175  14.522  -4.208  1.00 21.66 ? 47  TRP A CZ2 1 
ATOM   374  C CZ3 . TRP A 1 47  ? -5.980  12.862  -2.488  1.00 24.04 ? 47  TRP A CZ3 1 
ATOM   375  C CH2 . TRP A 1 47  ? -6.521  14.049  -2.941  1.00 19.64 ? 47  TRP A CH2 1 
ATOM   376  N N   . GLU A 1 48  ? -4.893  9.749   -7.861  1.00 14.69 ? 48  GLU A N   1 
ATOM   377  C CA  . GLU A 1 48  ? -5.910  9.911   -8.870  1.00 15.99 ? 48  GLU A CA  1 
ATOM   378  C C   . GLU A 1 48  ? -6.902  8.790   -8.753  1.00 22.79 ? 48  GLU A C   1 
ATOM   379  O O   . GLU A 1 48  ? -8.096  8.972   -8.874  1.00 29.41 ? 48  GLU A O   1 
ATOM   380  C CB  . GLU A 1 48  ? -5.319  10.008  -10.284 1.00 15.25 ? 48  GLU A CB  1 
ATOM   381  C CG  . GLU A 1 48  ? -4.633  11.365  -10.418 1.00 22.33 ? 48  GLU A CG  1 
ATOM   382  C CD  . GLU A 1 48  ? -4.026  11.697  -11.768 1.00 29.26 ? 48  GLU A CD  1 
ATOM   383  O OE1 . GLU A 1 48  ? -4.107  10.790  -12.657 1.00 32.12 ? 48  GLU A OE1 1 
ATOM   384  O OE2 . GLU A 1 48  ? -3.631  12.786  -12.054 1.00 32.68 ? 48  GLU A OE2 1 
ATOM   385  N N   . SER A 1 49  ? -6.426  7.604   -8.489  1.00 21.58 ? 49  SER A N   1 
ATOM   386  C CA  . SER A 1 49  ? -7.377  6.546   -8.380  1.00 19.52 ? 49  SER A CA  1 
ATOM   387  C C   . SER A 1 49  ? -8.283  6.642   -7.181  1.00 23.27 ? 49  SER A C   1 
ATOM   388  O O   . SER A 1 49  ? -9.422  6.272   -7.306  1.00 33.38 ? 49  SER A O   1 
ATOM   389  C CB  . SER A 1 49  ? -6.789  5.170   -8.660  1.00 29.70 ? 49  SER A CB  1 
ATOM   390  O OG  . SER A 1 49  ? -5.745  4.874   -7.781  1.00 41.55 ? 49  SER A OG  1 
ATOM   391  N N   . ILE A 1 50  ? -7.823  7.118   -6.024  1.00 24.71 ? 50  ILE A N   1 
ATOM   392  C CA  . ILE A 1 50  ? -8.640  7.256   -4.809  1.00 22.91 ? 50  ILE A CA  1 
ATOM   393  C C   . ILE A 1 50  ? -9.504  8.512   -4.920  1.00 38.60 ? 50  ILE A C   1 
ATOM   394  O O   . ILE A 1 50  ? -10.595 8.567   -4.397  1.00 44.82 ? 50  ILE A O   1 
ATOM   395  C CB  . ILE A 1 50  ? -7.752  7.466   -3.584  1.00 27.83 ? 50  ILE A CB  1 
ATOM   396  C CG1 . ILE A 1 50  ? -6.934  6.259   -3.306  1.00 31.72 ? 50  ILE A CG1 1 
ATOM   397  C CG2 . ILE A 1 50  ? -8.555  7.825   -2.361  1.00 29.58 ? 50  ILE A CG2 1 
ATOM   398  C CD1 . ILE A 1 50  ? -5.986  6.533   -2.156  1.00 30.34 ? 50  ILE A CD1 1 
ATOM   399  N N   . GLY A 1 51  ? -9.010  9.558   -5.568  1.00 39.54 ? 51  GLY A N   1 
ATOM   400  C CA  . GLY A 1 51  ? -9.761  10.806  -5.756  1.00 40.91 ? 51  GLY A CA  1 
ATOM   401  C C   . GLY A 1 51  ? -10.095 11.819  -4.660  1.00 41.89 ? 51  GLY A C   1 
ATOM   402  O O   . GLY A 1 51  ? -10.558 12.914  -4.970  1.00 50.36 ? 51  GLY A O   1 
ATOM   403  N N   . ARG A 1 52  ? -9.888  11.486  -3.397  1.00 26.55 ? 52  ARG A N   1 
ATOM   404  C CA  . ARG A 1 52  ? -10.156 12.358  -2.261  1.00 31.06 ? 52  ARG A CA  1 
ATOM   405  C C   . ARG A 1 52  ? -9.147  11.931  -1.269  1.00 27.61 ? 52  ARG A C   1 
ATOM   406  O O   . ARG A 1 52  ? -8.594  10.836  -1.373  1.00 31.13 ? 52  ARG A O   1 
ATOM   407  C CB  . ARG A 1 52  ? -11.481 12.146  -1.534  1.00 32.75 ? 52  ARG A CB  1 
ATOM   408  C CG  . ARG A 1 52  ? -11.863 10.668  -1.499  1.00 42.37 ? 52  ARG A CG  1 
ATOM   409  C CD  . ARG A 1 52  ? -13.181 10.402  -0.783  1.00 54.81 ? 52  ARG A CD  1 
ATOM   410  N NE  . ARG A 1 52  ? -13.605 8.985   -0.729  0.00 20.00 ? 52  ARG A NE  1 
ATOM   411  C CZ  . ARG A 1 52  ? -14.705 8.525   -0.151  0.00 20.00 ? 52  ARG A CZ  1 
ATOM   412  N NH1 . ARG A 1 52  ? -15.549 9.364   0.428   0.00 20.00 ? 52  ARG A NH1 1 
ATOM   413  N NH2 . ARG A 1 52  ? -14.957 7.223   -0.153  0.00 20.00 ? 52  ARG A NH2 1 
ATOM   414  N N   . PRO A 1 53  ? -8.915  12.779  -0.324  1.00 25.76 ? 53  PRO A N   1 
ATOM   415  C CA  . PRO A 1 53  ? -7.941  12.443  0.670   1.00 23.87 ? 53  PRO A CA  1 
ATOM   416  C C   . PRO A 1 53  ? -8.473  11.387  1.610   1.00 24.45 ? 53  PRO A C   1 
ATOM   417  O O   . PRO A 1 53  ? -9.664  11.294  1.824   1.00 25.39 ? 53  PRO A O   1 
ATOM   418  C CB  . PRO A 1 53  ? -7.741  13.725  1.451   1.00 27.89 ? 53  PRO A CB  1 
ATOM   419  C CG  . PRO A 1 53  ? -8.404  14.867  0.670   1.00 25.31 ? 53  PRO A CG  1 
ATOM   420  C CD  . PRO A 1 53  ? -9.386  14.198  -0.282  1.00 29.21 ? 53  PRO A CD  1 
ATOM   421  N N   . LEU A 1 54  ? -7.586  10.602  2.141   1.00 18.68 ? 54  LEU A N   1 
ATOM   422  C CA  . LEU A 1 54  ? -8.039  9.605   3.074   1.00 25.99 ? 54  LEU A CA  1 
ATOM   423  C C   . LEU A 1 54  ? -8.315  10.378  4.348   1.00 16.54 ? 54  LEU A C   1 
ATOM   424  O O   . LEU A 1 54  ? -7.446  11.104  4.881   1.00 21.36 ? 54  LEU A O   1 
ATOM   425  C CB  . LEU A 1 54  ? -6.950  8.623   3.458   1.00 20.77 ? 54  LEU A CB  1 
ATOM   426  C CG  . LEU A 1 54  ? -6.605  7.915   2.208   1.00 29.39 ? 54  LEU A CG  1 
ATOM   427  C CD1 . LEU A 1 54  ? -5.727  6.766   2.634   1.00 31.31 ? 54  LEU A CD1 1 
ATOM   428  C CD2 . LEU A 1 54  ? -7.898  7.447   1.601   1.00 34.92 ? 54  LEU A CD2 1 
ATOM   429  N N   . PRO A 1 55  ? -9.562  10.212  4.861   1.00 32.49 ? 55  PRO A N   1 
ATOM   430  C CA  . PRO A 1 55  ? -9.903  10.914  6.070   1.00 19.07 ? 55  PRO A CA  1 
ATOM   431  C C   . PRO A 1 55  ? -9.093  10.430  7.225   1.00 36.97 ? 55  PRO A C   1 
ATOM   432  O O   . PRO A 1 55  ? -8.716  9.270   7.279   1.00 46.06 ? 55  PRO A O   1 
ATOM   433  C CB  . PRO A 1 55  ? -11.317 10.508  6.430   1.00 24.39 ? 55  PRO A CB  1 
ATOM   434  C CG  . PRO A 1 55  ? -11.852 9.590   5.373   1.00 27.82 ? 55  PRO A CG  1 
ATOM   435  C CD  . PRO A 1 55  ? -10.718 9.379   4.377   1.00 27.56 ? 55  PRO A CD  1 
ATOM   436  N N   . GLY A 1 56  ? -8.833  11.329  8.143   1.00 32.56 ? 56  GLY A N   1 
ATOM   437  C CA  . GLY A 1 56  ? -8.095  11.015  9.362   1.00 40.31 ? 56  GLY A CA  1 
ATOM   438  C C   . GLY A 1 56  ? -6.756  10.341  9.211   1.00 55.16 ? 56  GLY A C   1 
ATOM   439  O O   . GLY A 1 56  ? -6.482  9.313   9.889   1.00 57.79 ? 56  GLY A O   1 
ATOM   440  N N   . ARG A 1 57  ? -5.980  10.996  8.322   1.00 53.79 ? 57  ARG A N   1 
ATOM   441  C CA  . ARG A 1 57  ? -4.620  10.687  7.910   1.00 36.98 ? 57  ARG A CA  1 
ATOM   442  C C   . ARG A 1 57  ? -4.016  11.850  7.154   1.00 49.22 ? 57  ARG A C   1 
ATOM   443  O O   . ARG A 1 57  ? -4.682  12.432  6.297   1.00 45.83 ? 57  ARG A O   1 
ATOM   444  C CB  . ARG A 1 57  ? -4.579  9.494   6.981   1.00 30.39 ? 57  ARG A CB  1 
ATOM   445  C CG  . ARG A 1 57  ? -4.783  8.202   7.725   1.00 30.44 ? 57  ARG A CG  1 
ATOM   446  C CD  . ARG A 1 57  ? -5.483  7.123   6.937   1.00 29.15 ? 57  ARG A CD  1 
ATOM   447  N NE  . ARG A 1 57  ? -6.928  7.255   7.006   1.00 35.56 ? 57  ARG A NE  1 
ATOM   448  C CZ  . ARG A 1 57  ? -7.763  6.397   6.384   1.00 56.26 ? 57  ARG A CZ  1 
ATOM   449  N NH1 . ARG A 1 57  ? -7.331  5.361   5.668   1.00 58.85 ? 57  ARG A NH1 1 
ATOM   450  N NH2 . ARG A 1 57  ? -9.085  6.551   6.457   1.00 59.57 ? 57  ARG A NH2 1 
ATOM   451  N N   . LYS A 1 58  ? -2.744  12.174  7.464   1.00 46.82 ? 58  LYS A N   1 
ATOM   452  C CA  . LYS A 1 58  ? -2.022  13.228  6.778   1.00 33.69 ? 58  LYS A CA  1 
ATOM   453  C C   . LYS A 1 58  ? -1.725  12.580  5.386   1.00 20.42 ? 58  LYS A C   1 
ATOM   454  O O   . LYS A 1 58  ? -1.193  11.454  5.308   1.00 19.32 ? 58  LYS A O   1 
ATOM   455  C CB  . LYS A 1 58  ? -0.816  13.573  7.604   1.00 29.04 ? 58  LYS A CB  1 
ATOM   456  C CG  . LYS A 1 58  ? 0.080   14.768  7.254   1.00 35.53 ? 58  LYS A CG  1 
ATOM   457  C CD  . LYS A 1 58  ? 1.255   14.919  8.246   1.00 46.69 ? 58  LYS A CD  1 
ATOM   458  C CE  . LYS A 1 58  ? 2.063   16.223  8.228   1.00 61.31 ? 58  LYS A CE  1 
ATOM   459  N NZ  . LYS A 1 58  ? 3.014   16.365  9.361   1.00 60.46 ? 58  LYS A NZ  1 
ATOM   460  N N   . ASN A 1 59  ? -2.095  13.250  4.272   1.00 20.19 ? 59  ASN A N   1 
ATOM   461  C CA  . ASN A 1 59  ? -1.874  12.687  2.924   1.00 11.53 ? 59  ASN A CA  1 
ATOM   462  C C   . ASN A 1 59  ? -0.729  13.402  2.184   1.00 16.78 ? 59  ASN A C   1 
ATOM   463  O O   . ASN A 1 59  ? -0.755  14.626  1.971   1.00 15.79 ? 59  ASN A O   1 
ATOM   464  C CB  . ASN A 1 59  ? -3.188  12.703  2.126   1.00 13.00 ? 59  ASN A CB  1 
ATOM   465  C CG  . ASN A 1 59  ? -4.382  11.851  2.616   1.00 14.56 ? 59  ASN A CG  1 
ATOM   466  O OD1 . ASN A 1 59  ? -5.033  11.254  1.763   1.00 18.04 ? 59  ASN A OD1 1 
ATOM   467  N ND2 . ASN A 1 59  ? -4.861  12.063  3.842   1.00 19.63 ? 59  ASN A ND2 1 
ATOM   468  N N   . ILE A 1 60  ? 0.305   12.637  1.802   1.00 12.75 ? 60  ILE A N   1 
ATOM   469  C CA  . ILE A 1 60  ? 1.485   13.086  1.097   1.00 9.25  ? 60  ILE A CA  1 
ATOM   470  C C   . ILE A 1 60  ? 1.526   12.423  -0.251  1.00 15.16 ? 60  ILE A C   1 
ATOM   471  O O   . ILE A 1 60  ? 1.541   11.172  -0.403  1.00 12.19 ? 60  ILE A O   1 
ATOM   472  C CB  . ILE A 1 60  ? 2.683   12.869  1.935   1.00 10.46 ? 60  ILE A CB  1 
ATOM   473  C CG1 . ILE A 1 60  ? 2.573   13.802  3.165   1.00 16.77 ? 60  ILE A CG1 1 
ATOM   474  C CG2 . ILE A 1 60  ? 3.967   13.161  1.180   1.00 11.67 ? 60  ILE A CG2 1 
ATOM   475  C CD1 . ILE A 1 60  ? 2.957   13.096  4.415   1.00 29.84 ? 60  ILE A CD1 1 
ATOM   476  N N   . ILE A 1 61  ? 1.502   13.291  -1.313  1.00 11.14 ? 61  ILE A N   1 
ATOM   477  C CA  . ILE A 1 61  ? 1.513   12.742  -2.645  1.00 10.08 ? 61  ILE A CA  1 
ATOM   478  C C   . ILE A 1 61  ? 2.820   13.057  -3.352  1.00 13.67 ? 61  ILE A C   1 
ATOM   479  O O   . ILE A 1 61  ? 3.237   14.195  -3.332  1.00 16.54 ? 61  ILE A O   1 
ATOM   480  C CB  . ILE A 1 61  ? 0.474   13.427  -3.493  1.00 12.45 ? 61  ILE A CB  1 
ATOM   481  C CG1 . ILE A 1 61  ? -0.803  13.756  -2.773  1.00 19.08 ? 61  ILE A CG1 1 
ATOM   482  C CG2 . ILE A 1 61  ? 0.243   12.627  -4.755  1.00 15.60 ? 61  ILE A CG2 1 
ATOM   483  C CD1 . ILE A 1 61  ? -1.543  12.565  -2.288  1.00 14.18 ? 61  ILE A CD1 1 
ATOM   484  N N   . LEU A 1 62  ? 3.466   12.073  -3.957  1.00 12.11 ? 62  LEU A N   1 
ATOM   485  C CA  . LEU A 1 62  ? 4.687   12.384  -4.646  1.00 8.95  ? 62  LEU A CA  1 
ATOM   486  C C   . LEU A 1 62  ? 4.349   12.691  -6.131  1.00 13.09 ? 62  LEU A C   1 
ATOM   487  O O   . LEU A 1 62  ? 3.577   11.994  -6.790  1.00 10.19 ? 62  LEU A O   1 
ATOM   488  C CB  . LEU A 1 62  ? 5.476   11.078  -4.747  1.00 16.93 ? 62  LEU A CB  1 
ATOM   489  C CG  . LEU A 1 62  ? 6.439   10.912  -3.614  1.00 27.41 ? 62  LEU A CG  1 
ATOM   490  C CD1 . LEU A 1 62  ? 6.593   9.397   -3.450  1.00 32.43 ? 62  LEU A CD1 1 
ATOM   491  C CD2 . LEU A 1 62  ? 7.785   11.565  -4.003  1.00 23.01 ? 62  LEU A CD2 1 
ATOM   492  N N   . SER A 1 63  ? 4.954   13.736  -6.710  1.00 13.93 ? 63  SER A N   1 
ATOM   493  C CA  . SER A 1 63  ? 4.709   14.039  -8.146  1.00 16.05 ? 63  SER A CA  1 
ATOM   494  C C   . SER A 1 63  ? 5.868   14.930  -8.638  1.00 12.22 ? 63  SER A C   1 
ATOM   495  O O   . SER A 1 63  ? 6.375   15.721  -7.841  1.00 13.69 ? 63  SER A O   1 
ATOM   496  C CB  . SER A 1 63  ? 3.331   14.668  -8.456  1.00 17.82 ? 63  SER A CB  1 
ATOM   497  O OG  . SER A 1 63  ? 3.269   15.130  -9.842  1.00 14.18 ? 63  SER A OG  1 
ATOM   498  N N   . SER A 1 64  ? 6.288   14.796  -9.885  1.00 11.91 ? 64  SER A N   1 
ATOM   499  C CA  . SER A 1 64  ? 7.353   15.682  -10.303 1.00 14.60 ? 64  SER A CA  1 
ATOM   500  C C   . SER A 1 64  ? 6.705   17.071  -10.591 1.00 16.45 ? 64  SER A C   1 
ATOM   501  O O   . SER A 1 64  ? 7.390   18.116  -10.611 1.00 21.97 ? 64  SER A O   1 
ATOM   502  C CB  . SER A 1 64  ? 8.010   15.133  -11.613 1.00 17.35 ? 64  SER A CB  1 
ATOM   503  O OG  . SER A 1 64  ? 7.020   15.060  -12.645 1.00 13.70 ? 64  SER A OG  1 
ATOM   504  N N   . GLN A 1 65  ? 5.409   17.110  -10.839 1.00 16.28 ? 65  GLN A N   1 
ATOM   505  C CA  . GLN A 1 65  ? 4.721   18.344  -11.157 1.00 18.24 ? 65  GLN A CA  1 
ATOM   506  C C   . GLN A 1 65  ? 4.060   19.081  -9.993  1.00 26.39 ? 65  GLN A C   1 
ATOM   507  O O   . GLN A 1 65  ? 3.865   18.539  -8.939  1.00 21.37 ? 65  GLN A O   1 
ATOM   508  C CB  . GLN A 1 65  ? 3.664   18.014  -12.224 1.00 14.00 ? 65  GLN A CB  1 
ATOM   509  C CG  . GLN A 1 65  ? 4.305   17.335  -13.453 1.00 20.06 ? 65  GLN A CG  1 
ATOM   510  C CD  . GLN A 1 65  ? 5.524   18.073  -13.989 1.00 27.80 ? 65  GLN A CD  1 
ATOM   511  O OE1 . GLN A 1 65  ? 6.691   17.628  -13.953 1.00 26.96 ? 65  GLN A OE1 1 
ATOM   512  N NE2 . GLN A 1 65  ? 5.299   19.260  -14.475 1.00 21.79 ? 65  GLN A NE2 1 
ATOM   513  N N   . PRO A 1 66  ? 3.679   20.342  -10.166 1.00 26.49 ? 66  PRO A N   1 
ATOM   514  C CA  . PRO A 1 66  ? 3.034   21.063  -9.126  1.00 24.17 ? 66  PRO A CA  1 
ATOM   515  C C   . PRO A 1 66  ? 1.717   20.407  -8.766  1.00 18.25 ? 66  PRO A C   1 
ATOM   516  O O   . PRO A 1 66  ? 1.022   19.844  -9.618  1.00 20.01 ? 66  PRO A O   1 
ATOM   517  C CB  . PRO A 1 66  ? 2.785   22.478  -9.697  1.00 27.16 ? 66  PRO A CB  1 
ATOM   518  C CG  . PRO A 1 66  ? 3.954   22.673  -10.657 1.00 28.06 ? 66  PRO A CG  1 
ATOM   519  C CD  . PRO A 1 66  ? 4.324   21.285  -11.140 1.00 33.56 ? 66  PRO A CD  1 
ATOM   520  N N   . GLY A 1 67  ? 1.392   20.520  -7.458  1.00 18.05 ? 67  GLY A N   1 
ATOM   521  C CA  . GLY A 1 67  ? 0.177   19.962  -6.921  1.00 17.62 ? 67  GLY A CA  1 
ATOM   522  C C   . GLY A 1 67  ? -1.066  20.695  -7.322  1.00 25.15 ? 67  GLY A C   1 
ATOM   523  O O   . GLY A 1 67  ? -1.074  21.911  -7.433  1.00 24.46 ? 67  GLY A O   1 
ATOM   524  N N   . THR A 1 68  ? -2.088  19.904  -7.538  1.00 18.19 ? 68  THR A N   1 
ATOM   525  C CA  . THR A 1 68  ? -3.415  20.320  -7.974  1.00 23.85 ? 68  THR A CA  1 
ATOM   526  C C   . THR A 1 68  ? -4.541  20.135  -6.944  1.00 33.12 ? 68  THR A C   1 
ATOM   527  O O   . THR A 1 68  ? -5.728  20.058  -7.283  1.00 31.44 ? 68  THR A O   1 
ATOM   528  C CB  . THR A 1 68  ? -3.790  19.585  -9.288  1.00 35.98 ? 68  THR A CB  1 
ATOM   529  O OG1 . THR A 1 68  ? -3.919  18.191  -9.040  1.00 39.68 ? 68  THR A OG1 1 
ATOM   530  C CG2 . THR A 1 68  ? -2.733  19.818  -10.373 1.00 31.49 ? 68  THR A CG2 1 
ATOM   531  N N   . ASP A 1 69  ? -4.197  20.040  -5.665  1.00 23.24 ? 69  ASP A N   1 
ATOM   532  C CA  . ASP A 1 69  ? -5.244  19.887  -4.730  1.00 14.95 ? 69  ASP A CA  1 
ATOM   533  C C   . ASP A 1 69  ? -4.606  20.321  -3.441  1.00 14.56 ? 69  ASP A C   1 
ATOM   534  O O   . ASP A 1 69  ? -3.751  19.631  -2.940  1.00 17.50 ? 69  ASP A O   1 
ATOM   535  C CB  . ASP A 1 69  ? -5.802  18.460  -4.657  1.00 17.18 ? 69  ASP A CB  1 
ATOM   536  C CG  . ASP A 1 69  ? -7.017  18.462  -3.800  1.00 20.52 ? 69  ASP A CG  1 
ATOM   537  O OD1 . ASP A 1 69  ? -7.078  19.074  -2.738  1.00 24.68 ? 69  ASP A OD1 1 
ATOM   538  O OD2 . ASP A 1 69  ? -7.980  17.689  -4.260  1.00 30.81 ? 69  ASP A OD2 1 
ATOM   539  N N   . ASP A 1 70  ? -5.015  21.505  -2.959  1.00 11.14 ? 70  ASP A N   1 
ATOM   540  C CA  . ASP A 1 70  ? -4.461  22.032  -1.744  1.00 10.79 ? 70  ASP A CA  1 
ATOM   541  C C   . ASP A 1 70  ? -4.906  21.268  -0.496  1.00 12.93 ? 70  ASP A C   1 
ATOM   542  O O   . ASP A 1 70  ? -4.391  21.598  0.519   1.00 18.18 ? 70  ASP A O   1 
ATOM   543  C CB  . ASP A 1 70  ? -4.726  23.577  -1.530  1.00 10.04 ? 70  ASP A CB  1 
ATOM   544  C CG  . ASP A 1 70  ? -3.944  24.370  -2.557  1.00 13.81 ? 70  ASP A CG  1 
ATOM   545  O OD1 . ASP A 1 70  ? -3.126  23.864  -3.285  1.00 18.53 ? 70  ASP A OD1 1 
ATOM   546  O OD2 . ASP A 1 70  ? -4.272  25.587  -2.620  1.00 16.86 ? 70  ASP A OD2 1 
ATOM   547  N N   . ARG A 1 71  ? -5.779  20.307  -0.591  1.00 17.58 ? 71  ARG A N   1 
ATOM   548  C CA  . ARG A 1 71  ? -6.170  19.569  0.602   1.00 22.19 ? 71  ARG A CA  1 
ATOM   549  C C   . ARG A 1 71  ? -5.120  18.565  1.082   1.00 23.98 ? 71  ARG A C   1 
ATOM   550  O O   . ARG A 1 71  ? -5.188  18.079  2.212   1.00 23.33 ? 71  ARG A O   1 
ATOM   551  C CB  . ARG A 1 71  ? -7.418  18.777  0.311   1.00 23.07 ? 71  ARG A CB  1 
ATOM   552  C CG  . ARG A 1 71  ? -8.617  19.704  0.191   1.00 27.02 ? 71  ARG A CG  1 
ATOM   553  C CD  . ARG A 1 71  ? -9.849  18.945  -0.305  1.00 29.05 ? 71  ARG A CD  1 
ATOM   554  N NE  . ARG A 1 71  ? -9.641  18.213  -1.555  1.00 27.12 ? 71  ARG A NE  1 
ATOM   555  C CZ  . ARG A 1 71  ? -10.502 17.307  -2.043  1.00 31.59 ? 71  ARG A CZ  1 
ATOM   556  N NH1 . ARG A 1 71  ? -11.632 17.010  -1.372  1.00 41.55 ? 71  ARG A NH1 1 
ATOM   557  N NH2 . ARG A 1 71  ? -10.218 16.684  -3.210  1.00 29.39 ? 71  ARG A NH2 1 
ATOM   558  N N   . VAL A 1 72  ? -4.130  18.274  0.244   1.00 14.90 ? 72  VAL A N   1 
ATOM   559  C CA  . VAL A 1 72  ? -3.070  17.319  0.596   1.00 15.55 ? 72  VAL A CA  1 
ATOM   560  C C   . VAL A 1 72  ? -1.698  17.952  0.432   1.00 18.65 ? 72  VAL A C   1 
ATOM   561  O O   . VAL A 1 72  ? -1.651  19.109  -0.033  1.00 18.59 ? 72  VAL A O   1 
ATOM   562  C CB  . VAL A 1 72  ? -3.262  16.070  -0.290  1.00 18.14 ? 72  VAL A CB  1 
ATOM   563  C CG1 . VAL A 1 72  ? -4.596  15.405  0.084   1.00 17.25 ? 72  VAL A CG1 1 
ATOM   564  C CG2 . VAL A 1 72  ? -3.272  16.402  -1.766  1.00 18.45 ? 72  VAL A CG2 1 
ATOM   565  N N   . THR A 1 73  ? -0.631  17.237  0.811   1.00 11.32 ? 73  THR A N   1 
ATOM   566  C CA  . THR A 1 73  ? 0.699   17.749  0.687   1.00 13.23 ? 73  THR A CA  1 
ATOM   567  C C   . THR A 1 73  ? 1.400   17.154  -0.476  1.00 16.90 ? 73  THR A C   1 
ATOM   568  O O   . THR A 1 73  ? 1.436   15.930  -0.600  1.00 16.79 ? 73  THR A O   1 
ATOM   569  C CB  . THR A 1 73  ? 1.487   17.404  1.941   1.00 18.75 ? 73  THR A CB  1 
ATOM   570  O OG1 . THR A 1 73  ? 0.808   18.013  2.991   1.00 21.26 ? 73  THR A OG1 1 
ATOM   571  C CG2 . THR A 1 73  ? 2.951   17.875  1.883   1.00 16.67 ? 73  THR A CG2 1 
ATOM   572  N N   . TRP A 1 74  ? 1.992   17.970  -1.335  1.00 12.55 ? 74  TRP A N   1 
ATOM   573  C CA  . TRP A 1 74  ? 2.679   17.466  -2.521  1.00 14.44 ? 74  TRP A CA  1 
ATOM   574  C C   . TRP A 1 74  ? 4.147   17.600  -2.338  1.00 18.08 ? 74  TRP A C   1 
ATOM   575  O O   . TRP A 1 74  ? 4.574   18.631  -1.875  1.00 16.15 ? 74  TRP A O   1 
ATOM   576  C CB  . TRP A 1 74  ? 2.251   18.307  -3.748  1.00 11.18 ? 74  TRP A CB  1 
ATOM   577  C CG  . TRP A 1 74  ? 0.777   18.155  -4.048  1.00 11.17 ? 74  TRP A CG  1 
ATOM   578  C CD1 . TRP A 1 74  ? -0.269  18.737  -3.400  1.00 16.22 ? 74  TRP A CD1 1 
ATOM   579  C CD2 . TRP A 1 74  ? 0.189   17.328  -5.033  1.00 11.63 ? 74  TRP A CD2 1 
ATOM   580  N NE1 . TRP A 1 74  ? -1.451  18.353  -3.955  1.00 14.52 ? 74  TRP A NE1 1 
ATOM   581  C CE2 . TRP A 1 74  ? -1.203  17.464  -4.947  1.00 13.66 ? 74  TRP A CE2 1 
ATOM   582  C CE3 . TRP A 1 74  ? 0.741   16.466  -5.985  1.00 14.49 ? 74  TRP A CE3 1 
ATOM   583  C CZ2 . TRP A 1 74  ? -2.076  16.755  -5.775  1.00 12.12 ? 74  TRP A CZ2 1 
ATOM   584  C CZ3 . TRP A 1 74  ? -0.124  15.810  -6.807  1.00 12.76 ? 74  TRP A CZ3 1 
ATOM   585  C CH2 . TRP A 1 74  ? -1.536  15.961  -6.723  1.00 14.27 ? 74  TRP A CH2 1 
ATOM   586  N N   . VAL A 1 75  ? 4.915   16.569  -2.688  1.00 10.47 ? 75  VAL A N   1 
ATOM   587  C CA  . VAL A 1 75  ? 6.330   16.597  -2.556  1.00 11.02 ? 75  VAL A CA  1 
ATOM   588  C C   . VAL A 1 75  ? 6.941   16.085  -3.848  1.00 13.48 ? 75  VAL A C   1 
ATOM   589  O O   . VAL A 1 75  ? 6.314   15.328  -4.613  1.00 14.46 ? 75  VAL A O   1 
ATOM   590  C CB  . VAL A 1 75  ? 6.808   15.796  -1.321  1.00 18.53 ? 75  VAL A CB  1 
ATOM   591  C CG1 . VAL A 1 75  ? 6.229   16.413  -0.021  1.00 17.56 ? 75  VAL A CG1 1 
ATOM   592  C CG2 . VAL A 1 75  ? 6.271   14.377  -1.503  1.00 12.79 ? 75  VAL A CG2 1 
ATOM   593  N N   . LYS A 1 76  ? 8.159   16.496  -4.080  1.00 13.59 ? 76  LYS A N   1 
ATOM   594  C CA  . LYS A 1 76  ? 8.891   16.119  -5.305  1.00 15.37 ? 76  LYS A CA  1 
ATOM   595  C C   . LYS A 1 76  ? 9.991   15.107  -5.194  1.00 22.56 ? 76  LYS A C   1 
ATOM   596  O O   . LYS A 1 76  ? 10.670  14.875  -6.159  1.00 17.81 ? 76  LYS A O   1 
ATOM   597  C CB  . LYS A 1 76  ? 9.507   17.378  -5.921  1.00 14.81 ? 76  LYS A CB  1 
ATOM   598  C CG  . LYS A 1 76  ? 8.374   18.332  -6.268  1.00 22.32 ? 76  LYS A CG  1 
ATOM   599  C CD  . LYS A 1 76  ? 8.845   19.463  -7.175  1.00 35.67 ? 76  LYS A CD  1 
ATOM   600  C CE  . LYS A 1 76  ? 7.727   20.342  -7.745  1.00 49.40 ? 76  LYS A CE  1 
ATOM   601  N NZ  . LYS A 1 76  ? 7.410   21.520  -6.888  1.00 57.22 ? 76  LYS A NZ  1 
ATOM   602  N N   . SER A 1 77  ? 10.213  14.467  -4.061  1.00 17.83 ? 77  SER A N   1 
ATOM   603  C CA  . SER A 1 77  ? 11.262  13.483  -3.943  1.00 10.49 ? 77  SER A CA  1 
ATOM   604  C C   . SER A 1 77  ? 10.975  12.637  -2.715  1.00 14.95 ? 77  SER A C   1 
ATOM   605  O O   . SER A 1 77  ? 10.198  13.069  -1.826  1.00 17.02 ? 77  SER A O   1 
ATOM   606  C CB  . SER A 1 77  ? 12.651  14.069  -3.734  1.00 13.74 ? 77  SER A CB  1 
ATOM   607  O OG  . SER A 1 77  ? 12.721  14.755  -2.481  1.00 22.29 ? 77  SER A OG  1 
ATOM   608  N N   . VAL A 1 78  ? 11.642  11.482  -2.720  1.00 19.64 ? 78  VAL A N   1 
ATOM   609  C CA  . VAL A 1 78  ? 11.503  10.564  -1.618  1.00 19.93 ? 78  VAL A CA  1 
ATOM   610  C C   . VAL A 1 78  ? 11.905  11.221  -0.331  1.00 16.20 ? 78  VAL A C   1 
ATOM   611  O O   . VAL A 1 78  ? 11.214  11.227  0.690   1.00 20.67 ? 78  VAL A O   1 
ATOM   612  C CB  . VAL A 1 78  ? 12.247  9.263   -1.827  1.00 19.88 ? 78  VAL A CB  1 
ATOM   613  C CG1 . VAL A 1 78  ? 12.373  8.538   -0.465  1.00 16.98 ? 78  VAL A CG1 1 
ATOM   614  C CG2 . VAL A 1 78  ? 11.507  8.474   -2.928  1.00 17.09 ? 78  VAL A CG2 1 
ATOM   615  N N   . ASP A 1 79  ? 13.038  11.851  -0.307  1.00 15.63 ? 79  ASP A N   1 
ATOM   616  C CA  . ASP A 1 79  ? 13.453  12.516  0.939   1.00 15.34 ? 79  ASP A CA  1 
ATOM   617  C C   . ASP A 1 79  ? 12.505  13.581  1.447   1.00 22.87 ? 79  ASP A C   1 
ATOM   618  O O   . ASP A 1 79  ? 12.318  13.763  2.644   1.00 18.50 ? 79  ASP A O   1 
ATOM   619  C CB  . ASP A 1 79  ? 14.893  13.091  0.830   1.00 23.46 ? 79  ASP A CB  1 
ATOM   620  C CG  . ASP A 1 79  ? 15.926  12.039  0.498   1.00 38.94 ? 79  ASP A CG  1 
ATOM   621  O OD1 . ASP A 1 79  ? 15.613  10.808  0.848   1.00 46.58 ? 79  ASP A OD1 1 
ATOM   622  O OD2 . ASP A 1 79  ? 16.948  12.323  -0.092  1.00 43.41 ? 79  ASP A OD2 1 
ATOM   623  N N   . GLU A 1 80  ? 11.880  14.322  0.544   1.00 18.65 ? 80  GLU A N   1 
ATOM   624  C CA  . GLU A 1 80  ? 10.987  15.305  1.054   1.00 16.06 ? 80  GLU A CA  1 
ATOM   625  C C   . GLU A 1 80  ? 9.736   14.624  1.534   1.00 17.48 ? 80  GLU A C   1 
ATOM   626  O O   . GLU A 1 80  ? 9.024   15.145  2.371   1.00 18.89 ? 80  GLU A O   1 
ATOM   627  C CB  . GLU A 1 80  ? 10.521  16.231  -0.032  1.00 28.56 ? 80  GLU A CB  1 
ATOM   628  C CG  . GLU A 1 80  ? 11.593  17.178  -0.576  1.00 40.21 ? 80  GLU A CG  1 
ATOM   629  C CD  . GLU A 1 80  ? 11.125  17.861  -1.857  1.00 55.64 ? 80  GLU A CD  1 
ATOM   630  O OE1 . GLU A 1 80  ? 9.792   18.203  -1.889  1.00 43.47 ? 80  GLU A OE1 1 
ATOM   631  O OE2 . GLU A 1 80  ? 11.935  18.013  -2.787  1.00 54.38 ? 80  GLU A OE2 1 
ATOM   632  N N   . ALA A 1 81  ? 9.420   13.461  0.944   1.00 17.39 ? 81  ALA A N   1 
ATOM   633  C CA  . ALA A 1 81  ? 8.176   12.828  1.413   1.00 15.98 ? 81  ALA A CA  1 
ATOM   634  C C   . ALA A 1 81  ? 8.290   12.453  2.891   1.00 17.61 ? 81  ALA A C   1 
ATOM   635  O O   . ALA A 1 81  ? 7.386   12.641  3.666   1.00 18.21 ? 81  ALA A O   1 
ATOM   636  C CB  . ALA A 1 81  ? 8.007   11.529  0.653   1.00 13.09 ? 81  ALA A CB  1 
ATOM   637  N N   . ILE A 1 82  ? 9.439   11.896  3.235   1.00 15.95 ? 82  ILE A N   1 
ATOM   638  C CA  . ILE A 1 82  ? 9.753   11.453  4.560   1.00 17.20 ? 82  ILE A CA  1 
ATOM   639  C C   . ILE A 1 82  ? 9.742   12.607  5.521   1.00 21.95 ? 82  ILE A C   1 
ATOM   640  O O   . ILE A 1 82  ? 9.123   12.576  6.594   1.00 17.80 ? 82  ILE A O   1 
ATOM   641  C CB  . ILE A 1 82  ? 11.003  10.567  4.546   1.00 18.57 ? 82  ILE A CB  1 
ATOM   642  C CG1 . ILE A 1 82  ? 10.766  9.227   3.816   1.00 18.87 ? 82  ILE A CG1 1 
ATOM   643  C CG2 . ILE A 1 82  ? 11.564  10.286  5.944   1.00 19.20 ? 82  ILE A CG2 1 
ATOM   644  C CD1 . ILE A 1 82  ? 12.089  8.517   3.521   1.00 23.31 ? 82  ILE A CD1 1 
ATOM   645  N N   . ALA A 1 83  ? 10.410  13.672  5.146   1.00 20.68 ? 83  ALA A N   1 
ATOM   646  C CA  . ALA A 1 83  ? 10.443  14.837  5.990   1.00 18.08 ? 83  ALA A CA  1 
ATOM   647  C C   . ALA A 1 83  ? 9.073   15.462  6.188   1.00 20.99 ? 83  ALA A C   1 
ATOM   648  O O   . ALA A 1 83  ? 8.766   16.040  7.232   1.00 22.20 ? 83  ALA A O   1 
ATOM   649  C CB  . ALA A 1 83  ? 11.397  15.829  5.356   1.00 18.92 ? 83  ALA A CB  1 
ATOM   650  N N   . ALA A 1 84  ? 8.173   15.365  5.209   1.00 17.67 ? 84  ALA A N   1 
ATOM   651  C CA  . ALA A 1 84  ? 6.860   15.969  5.404   1.00 18.57 ? 84  ALA A CA  1 
ATOM   652  C C   . ALA A 1 84  ? 6.002   15.197  6.404   1.00 19.79 ? 84  ALA A C   1 
ATOM   653  O O   . ALA A 1 84  ? 4.971   15.647  6.826   1.00 23.34 ? 84  ALA A O   1 
ATOM   654  C CB  . ALA A 1 84  ? 6.117   16.033  4.093   1.00 16.54 ? 84  ALA A CB  1 
ATOM   655  N N   . CYS A 1 85  ? 6.436   14.019  6.735   1.00 14.00 ? 85  CYS A N   1 
ATOM   656  C CA  . CYS A 1 85  ? 5.705   13.172  7.675   1.00 23.74 ? 85  CYS A CA  1 
ATOM   657  C C   . CYS A 1 85  ? 6.046   13.560  9.092   1.00 26.37 ? 85  CYS A C   1 
ATOM   658  O O   . CYS A 1 85  ? 5.324   13.295  10.044  1.00 27.10 ? 85  CYS A O   1 
ATOM   659  C CB  . CYS A 1 85  ? 6.031   11.667  7.541   1.00 18.12 ? 85  CYS A CB  1 
ATOM   660  S SG  . CYS A 1 85  ? 5.355   11.009  6.046   1.00 21.11 ? 85  CYS A SG  1 
ATOM   661  N N   . GLY A 1 86  ? 7.159   14.186  9.243   1.00 18.32 ? 86  GLY A N   1 
ATOM   662  C CA  . GLY A 1 86  ? 7.394   14.514  10.602  1.00 22.99 ? 86  GLY A CA  1 
ATOM   663  C C   . GLY A 1 86  ? 7.879   13.375  11.503  1.00 23.14 ? 86  GLY A C   1 
ATOM   664  O O   . GLY A 1 86  ? 8.210   12.265  11.069  1.00 33.77 ? 86  GLY A O   1 
ATOM   665  N N   . ASP A 1 87  ? 7.915   13.689  12.805  1.00 24.80 ? 87  ASP A N   1 
ATOM   666  C CA  . ASP A 1 87  ? 8.365   12.726  13.813  1.00 35.08 ? 87  ASP A CA  1 
ATOM   667  C C   . ASP A 1 87  ? 7.142   11.877  14.246  1.00 27.36 ? 87  ASP A C   1 
ATOM   668  O O   . ASP A 1 87  ? 6.358   12.265  15.154  1.00 29.26 ? 87  ASP A O   1 
ATOM   669  C CB  . ASP A 1 87  ? 9.185   13.478  14.940  1.00 42.78 ? 87  ASP A CB  1 
ATOM   670  C CG  . ASP A 1 87  ? 10.145  12.522  15.614  1.00 65.91 ? 87  ASP A CG  1 
ATOM   671  O OD1 . ASP A 1 87  ? 10.478  11.534  14.827  1.00 74.29 ? 87  ASP A OD1 1 
ATOM   672  O OD2 . ASP A 1 87  ? 10.511  12.568  16.780  1.00 78.13 ? 87  ASP A OD2 1 
ATOM   673  N N   . VAL A 1 88  ? 6.930   10.738  13.580  1.00 16.70 ? 88  VAL A N   1 
ATOM   674  C CA  . VAL A 1 88  ? 5.790   9.903   13.875  1.00 10.82 ? 88  VAL A CA  1 
ATOM   675  C C   . VAL A 1 88  ? 6.249   8.494   14.076  1.00 15.82 ? 88  VAL A C   1 
ATOM   676  O O   . VAL A 1 88  ? 7.273   8.075   13.618  1.00 16.67 ? 88  VAL A O   1 
ATOM   677  C CB  . VAL A 1 88  ? 4.748   9.833   12.778  1.00 11.11 ? 88  VAL A CB  1 
ATOM   678  C CG1 . VAL A 1 88  ? 4.076   11.172  12.679  1.00 16.67 ? 88  VAL A CG1 1 
ATOM   679  C CG2 . VAL A 1 88  ? 5.486   9.366   11.513  1.00 14.35 ? 88  VAL A CG2 1 
ATOM   680  N N   . PRO A 1 89  ? 5.453   7.727   14.765  1.00 12.77 ? 89  PRO A N   1 
ATOM   681  C CA  . PRO A 1 89  ? 5.908   6.388   14.982  1.00 17.41 ? 89  PRO A CA  1 
ATOM   682  C C   . PRO A 1 89  ? 5.931   5.520   13.759  1.00 21.56 ? 89  PRO A C   1 
ATOM   683  O O   . PRO A 1 89  ? 6.787   4.635   13.625  1.00 18.14 ? 89  PRO A O   1 
ATOM   684  C CB  . PRO A 1 89  ? 4.950   5.807   15.998  1.00 17.82 ? 89  PRO A CB  1 
ATOM   685  C CG  . PRO A 1 89  ? 4.159   6.971   16.604  1.00 24.05 ? 89  PRO A CG  1 
ATOM   686  C CD  . PRO A 1 89  ? 4.328   8.137   15.677  1.00 15.69 ? 89  PRO A CD  1 
ATOM   687  N N   . GLU A 1 90  ? 4.986   5.720   12.881  1.00 14.00 ? 90  GLU A N   1 
ATOM   688  C CA  . GLU A 1 90  ? 4.998   4.849   11.720  1.00 10.53 ? 90  GLU A CA  1 
ATOM   689  C C   . GLU A 1 90  ? 4.394   5.557   10.491  1.00 18.16 ? 90  GLU A C   1 
ATOM   690  O O   . GLU A 1 90  ? 3.347   6.173   10.558  1.00 13.15 ? 90  GLU A O   1 
ATOM   691  C CB  . GLU A 1 90  ? 4.044   3.665   12.046  1.00 9.18  ? 90  GLU A CB  1 
ATOM   692  C CG  . GLU A 1 90  ? 4.125   2.554   10.916  1.00 13.00 ? 90  GLU A CG  1 
ATOM   693  C CD  . GLU A 1 90  ? 3.337   1.288   11.264  1.00 14.27 ? 90  GLU A CD  1 
ATOM   694  O OE1 . GLU A 1 90  ? 2.346   1.436   12.128  1.00 15.56 ? 90  GLU A OE1 1 
ATOM   695  O OE2 . GLU A 1 90  ? 3.523   0.260   10.688  1.00 14.49 ? 90  GLU A OE2 1 
ATOM   696  N N   . ILE A 1 91  ? 5.121   5.451   9.374   1.00 14.81 ? 91  ILE A N   1 
ATOM   697  C CA  . ILE A 1 91  ? 4.715   6.044   8.109   1.00 13.49 ? 91  ILE A CA  1 
ATOM   698  C C   . ILE A 1 91  ? 4.238   4.877   7.208   1.00 12.78 ? 91  ILE A C   1 
ATOM   699  O O   . ILE A 1 91  ? 4.920   3.897   7.070   1.00 12.54 ? 91  ILE A O   1 
ATOM   700  C CB  . ILE A 1 91  ? 5.952   6.703   7.459   1.00 13.66 ? 91  ILE A CB  1 
ATOM   701  C CG1 . ILE A 1 91  ? 6.428   7.931   8.306   1.00 16.01 ? 91  ILE A CG1 1 
ATOM   702  C CG2 . ILE A 1 91  ? 5.516   7.158   6.017   1.00 13.18 ? 91  ILE A CG2 1 
ATOM   703  C CD1 . ILE A 1 91  ? 7.827   8.462   7.954   1.00 14.10 ? 91  ILE A CD1 1 
ATOM   704  N N   . MET A 1 92  ? 3.048   5.020   6.606   1.00 9.42  ? 92  MET A N   1 
ATOM   705  C CA  . MET A 1 92  ? 2.544   4.001   5.778   1.00 7.95  ? 92  MET A CA  1 
ATOM   706  C C   . MET A 1 92  ? 2.653   4.388   4.293   1.00 13.42 ? 92  MET A C   1 
ATOM   707  O O   . MET A 1 92  ? 2.099   5.426   3.939   1.00 15.73 ? 92  MET A O   1 
ATOM   708  C CB  . MET A 1 92  ? 1.002   3.852   6.104   1.00 13.72 ? 92  MET A CB  1 
ATOM   709  C CG  . MET A 1 92  ? 0.673   3.533   7.579   1.00 16.72 ? 92  MET A CG  1 
ATOM   710  S SD  . MET A 1 92  ? 1.436   1.950   8.116   1.00 16.38 ? 92  MET A SD  1 
ATOM   711  C CE  . MET A 1 92  ? 0.543   0.791   7.094   1.00 11.65 ? 92  MET A CE  1 
ATOM   712  N N   . VAL A 1 93  ? 3.318   3.575   3.489   1.00 9.36  ? 93  VAL A N   1 
ATOM   713  C CA  . VAL A 1 93  ? 3.417   3.838   2.028   1.00 7.60  ? 93  VAL A CA  1 
ATOM   714  C C   . VAL A 1 93  ? 2.332   2.982   1.426   1.00 10.21 ? 93  VAL A C   1 
ATOM   715  O O   . VAL A 1 93  ? 2.294   1.720   1.553   1.00 8.54  ? 93  VAL A O   1 
ATOM   716  C CB  . VAL A 1 93  ? 4.806   3.462   1.603   1.00 8.30  ? 93  VAL A CB  1 
ATOM   717  C CG1 . VAL A 1 93  ? 4.941   3.666   0.105   1.00 12.61 ? 93  VAL A CG1 1 
ATOM   718  C CG2 . VAL A 1 93  ? 5.852   4.319   2.373   1.00 10.00 ? 93  VAL A CG2 1 
ATOM   719  N N   . ILE A 1 94  ? 1.367   3.592   0.727   1.00 5.63  ? 94  ILE A N   1 
ATOM   720  C CA  . ILE A 1 94  ? 0.255   2.863   0.173   1.00 6.15  ? 94  ILE A CA  1 
ATOM   721  C C   . ILE A 1 94  ? 0.247   2.572   -1.321  1.00 10.47 ? 94  ILE A C   1 
ATOM   722  O O   . ILE A 1 94  ? -0.773  2.070   -1.763  1.00 11.56 ? 94  ILE A O   1 
ATOM   723  C CB  . ILE A 1 94  ? -1.084  3.451   0.645   1.00 7.32  ? 94  ILE A CB  1 
ATOM   724  C CG1 . ILE A 1 94  ? -1.268  4.802   -0.083  1.00 11.65 ? 94  ILE A CG1 1 
ATOM   725  C CG2 . ILE A 1 94  ? -1.068  3.704   2.188   1.00 10.13 ? 94  ILE A CG2 1 
ATOM   726  C CD1 . ILE A 1 94  ? -2.699  5.361   0.064   1.00 12.10 ? 94  ILE A CD1 1 
ATOM   727  N N   . GLY A 1 95  ? 1.315   2.882   -2.021  1.00 8.96  ? 95  GLY A N   1 
ATOM   728  C CA  . GLY A 1 95  ? 1.323   2.536   -3.420  1.00 9.37  ? 95  GLY A CA  1 
ATOM   729  C C   . GLY A 1 95  ? 1.664   3.746   -4.227  1.00 11.72 ? 95  GLY A C   1 
ATOM   730  O O   . GLY A 1 95  ? 1.801   4.807   -3.681  1.00 12.12 ? 95  GLY A O   1 
ATOM   731  N N   . GLY A 1 96  ? 1.814   3.614   -5.522  1.00 7.80  ? 96  GLY A N   1 
ATOM   732  C CA  . GLY A 1 96  ? 1.671   2.408   -6.319  1.00 10.50 ? 96  GLY A CA  1 
ATOM   733  C C   . GLY A 1 96  ? 3.007   1.696   -6.529  1.00 10.43 ? 96  GLY A C   1 
ATOM   734  O O   . GLY A 1 96  ? 3.924   1.816   -5.691  1.00 12.31 ? 96  GLY A O   1 
ATOM   735  N N   . GLY A 1 97  ? 3.115   0.963   -7.669  1.00 10.23 ? 97  GLY A N   1 
ATOM   736  C CA  . GLY A 1 97  ? 4.330   0.182   -7.960  1.00 5.84  ? 97  GLY A CA  1 
ATOM   737  C C   . GLY A 1 97  ? 5.595   0.971   -7.941  1.00 10.62 ? 97  GLY A C   1 
ATOM   738  O O   . GLY A 1 97  ? 6.542   0.525   -7.347  1.00 12.59 ? 97  GLY A O   1 
ATOM   739  N N   . ARG A 1 98  ? 5.633   2.183   -8.589  1.00 12.53 ? 98  ARG A N   1 
ATOM   740  C CA  . ARG A 1 98  ? 6.892   2.927   -8.553  1.00 9.25  ? 98  ARG A CA  1 
ATOM   741  C C   . ARG A 1 98  ? 7.280   3.374   -7.190  1.00 10.90 ? 98  ARG A C   1 
ATOM   742  O O   . ARG A 1 98  ? 8.445   3.425   -6.866  1.00 10.94 ? 98  ARG A O   1 
ATOM   743  C CB  . ARG A 1 98  ? 6.737   4.233   -9.338  1.00 14.04 ? 98  ARG A CB  1 
ATOM   744  C CG  . ARG A 1 98  ? 7.347   4.287   -10.705 1.00 39.34 ? 98  ARG A CG  1 
ATOM   745  C CD  . ARG A 1 98  ? 7.258   5.740   -11.201 1.00 55.79 ? 98  ARG A CD  1 
ATOM   746  N NE  . ARG A 1 98  ? 8.370   6.664   -10.803 1.00 65.69 ? 98  ARG A NE  1 
ATOM   747  C CZ  . ARG A 1 98  ? 8.542   8.017   -11.091 1.00 65.41 ? 98  ARG A CZ  1 
ATOM   748  N NH1 . ARG A 1 98  ? 7.682   8.781   -11.811 1.00 59.86 ? 98  ARG A NH1 1 
ATOM   749  N NH2 . ARG A 1 98  ? 9.641   8.650   -10.626 1.00 62.69 ? 98  ARG A NH2 1 
ATOM   750  N N   . VAL A 1 99  ? 6.286   3.726   -6.384  1.00 9.90  ? 99  VAL A N   1 
ATOM   751  C CA  . VAL A 1 99  ? 6.521   4.185   -5.000  1.00 11.65 ? 99  VAL A CA  1 
ATOM   752  C C   . VAL A 1 99  ? 7.025   3.004   -4.120  1.00 10.49 ? 99  VAL A C   1 
ATOM   753  O O   . VAL A 1 99  ? 8.020   3.121   -3.434  1.00 10.48 ? 99  VAL A O   1 
ATOM   754  C CB  . VAL A 1 99  ? 5.249   4.929   -4.436  1.00 11.13 ? 99  VAL A CB  1 
ATOM   755  C CG1 . VAL A 1 99  ? 5.562   5.293   -2.984  1.00 11.59 ? 99  VAL A CG1 1 
ATOM   756  C CG2 . VAL A 1 99  ? 5.083   6.234   -5.223  1.00 11.87 ? 99  VAL A CG2 1 
ATOM   757  N N   . TYR A 1 100 ? 6.368   1.894   -4.205  1.00 9.01  ? 100 TYR A N   1 
ATOM   758  C CA  . TYR A 1 100 ? 6.838   0.744   -3.391  1.00 9.48  ? 100 TYR A CA  1 
ATOM   759  C C   . TYR A 1 100 ? 8.274   0.391   -3.698  1.00 15.32 ? 100 TYR A C   1 
ATOM   760  O O   . TYR A 1 100 ? 9.092   0.126   -2.862  1.00 14.21 ? 100 TYR A O   1 
ATOM   761  C CB  . TYR A 1 100 ? 5.966   -0.511  -3.725  1.00 8.27  ? 100 TYR A CB  1 
ATOM   762  C CG  . TYR A 1 100 ? 4.522   -0.520  -3.261  1.00 6.86  ? 100 TYR A CG  1 
ATOM   763  C CD1 . TYR A 1 100 ? 4.171   -0.116  -1.969  1.00 10.36 ? 100 TYR A CD1 1 
ATOM   764  C CD2 . TYR A 1 100 ? 3.486   -1.017  -4.072  1.00 7.52  ? 100 TYR A CD2 1 
ATOM   765  C CE1 . TYR A 1 100 ? 2.824   -0.173  -1.564  1.00 7.91  ? 100 TYR A CE1 1 
ATOM   766  C CE2 . TYR A 1 100 ? 2.161   -1.096  -3.687  1.00 10.43 ? 100 TYR A CE2 1 
ATOM   767  C CZ  . TYR A 1 100 ? 1.844   -0.670  -2.407  1.00 7.47  ? 100 TYR A CZ  1 
ATOM   768  O OH  . TYR A 1 100 ? 0.534   -0.719  -1.968  1.00 11.31 ? 100 TYR A OH  1 
ATOM   769  N N   . GLU A 1 101 ? 8.638   0.388   -4.971  1.00 10.84 ? 101 GLU A N   1 
ATOM   770  C CA  . GLU A 1 101 ? 9.979   0.051   -5.339  1.00 13.65 ? 101 GLU A CA  1 
ATOM   771  C C   . GLU A 1 101 ? 10.991  0.974   -4.699  1.00 10.45 ? 101 GLU A C   1 
ATOM   772  O O   . GLU A 1 101 ? 12.099  0.587   -4.291  1.00 14.32 ? 101 GLU A O   1 
ATOM   773  C CB  . GLU A 1 101 ? 9.951   0.111   -6.876  1.00 19.66 ? 101 GLU A CB  1 
ATOM   774  C CG  . GLU A 1 101 ? 11.281  0.035   -7.562  1.00 42.47 ? 101 GLU A CG  1 
ATOM   775  C CD  . GLU A 1 101 ? 10.987  -0.327  -8.985  1.00 59.47 ? 101 GLU A CD  1 
ATOM   776  O OE1 . GLU A 1 101 ? 9.730   -0.774  -9.144  1.00 52.33 ? 101 GLU A OE1 1 
ATOM   777  O OE2 . GLU A 1 101 ? 11.854  -0.274  -9.850  1.00 67.08 ? 101 GLU A OE2 1 
ATOM   778  N N   . GLN A 1 102 ? 10.682  2.249   -4.571  1.00 13.31 ? 102 GLN A N   1 
ATOM   779  C CA  . GLN A 1 102 ? 11.669  3.122   -3.969  1.00 13.38 ? 102 GLN A CA  1 
ATOM   780  C C   . GLN A 1 102 ? 11.739  3.067   -2.433  1.00 15.47 ? 102 GLN A C   1 
ATOM   781  O O   . GLN A 1 102 ? 12.754  3.317   -1.796  1.00 17.27 ? 102 GLN A O   1 
ATOM   782  C CB  . GLN A 1 102 ? 11.286  4.569   -4.384  1.00 12.81 ? 102 GLN A CB  1 
ATOM   783  C CG  . GLN A 1 102 ? 11.545  4.855   -5.893  1.00 14.46 ? 102 GLN A CG  1 
ATOM   784  C CD  . GLN A 1 102 ? 10.891  6.168   -6.333  1.00 20.08 ? 102 GLN A CD  1 
ATOM   785  O OE1 . GLN A 1 102 ? 11.535  7.216   -6.253  1.00 20.55 ? 102 GLN A OE1 1 
ATOM   786  N NE2 . GLN A 1 102 ? 9.574   6.194   -6.635  1.00 14.58 ? 102 GLN A NE2 1 
ATOM   787  N N   . PHE A 1 103 ? 10.634  2.747   -1.824  1.00 13.09 ? 103 PHE A N   1 
ATOM   788  C CA  . PHE A 1 103 ? 10.603  2.696   -0.338  1.00 11.81 ? 103 PHE A CA  1 
ATOM   789  C C   . PHE A 1 103 ? 10.912  1.326   0.266   1.00 10.71 ? 103 PHE A C   1 
ATOM   790  O O   . PHE A 1 103 ? 11.215  1.262   1.443   1.00 14.73 ? 103 PHE A O   1 
ATOM   791  C CB  . PHE A 1 103 ? 9.182   3.104   0.178   1.00 9.37  ? 103 PHE A CB  1 
ATOM   792  C CG  . PHE A 1 103 ? 9.031   4.603   0.157   1.00 14.71 ? 103 PHE A CG  1 
ATOM   793  C CD1 . PHE A 1 103 ? 8.549   5.290   -0.964  1.00 15.89 ? 103 PHE A CD1 1 
ATOM   794  C CD2 . PHE A 1 103 ? 9.400   5.311   1.295   1.00 15.15 ? 103 PHE A CD2 1 
ATOM   795  C CE1 . PHE A 1 103 ? 8.414   6.677   -1.002  1.00 14.72 ? 103 PHE A CE1 1 
ATOM   796  C CE2 . PHE A 1 103 ? 9.287   6.699   1.294   1.00 23.09 ? 103 PHE A CE2 1 
ATOM   797  C CZ  . PHE A 1 103 ? 8.794   7.366   0.157   1.00 22.27 ? 103 PHE A CZ  1 
ATOM   798  N N   . LEU A 1 104 ? 10.812  0.280   -0.522  1.00 9.79  ? 104 LEU A N   1 
ATOM   799  C CA  . LEU A 1 104 ? 11.059  -1.069  0.013   1.00 15.18 ? 104 LEU A CA  1 
ATOM   800  C C   . LEU A 1 104 ? 12.378  -1.166  0.742   1.00 19.10 ? 104 LEU A C   1 
ATOM   801  O O   . LEU A 1 104 ? 12.460  -1.628  1.845   1.00 15.74 ? 104 LEU A O   1 
ATOM   802  C CB  . LEU A 1 104 ? 11.026  -2.095  -1.104  1.00 16.89 ? 104 LEU A CB  1 
ATOM   803  C CG  . LEU A 1 104 ? 11.229  -3.530  -0.640  1.00 21.03 ? 104 LEU A CG  1 
ATOM   804  C CD1 . LEU A 1 104 ? 10.104  -3.906  0.318   1.00 20.75 ? 104 LEU A CD1 1 
ATOM   805  C CD2 . LEU A 1 104 ? 11.148  -4.482  -1.848  1.00 24.49 ? 104 LEU A CD2 1 
ATOM   806  N N   . PRO A 1 105 ? 13.441  -0.691  0.134   1.00 17.69 ? 105 PRO A N   1 
ATOM   807  C CA  . PRO A 1 105 ? 14.715  -0.744  0.803   1.00 18.27 ? 105 PRO A CA  1 
ATOM   808  C C   . PRO A 1 105 ? 14.784  0.010   2.119   1.00 19.60 ? 105 PRO A C   1 
ATOM   809  O O   . PRO A 1 105 ? 15.703  -0.229  2.934   1.00 23.35 ? 105 PRO A O   1 
ATOM   810  C CB  . PRO A 1 105 ? 15.720  -0.128  -0.152  1.00 17.46 ? 105 PRO A CB  1 
ATOM   811  C CG  . PRO A 1 105 ? 14.992  0.051   -1.469  1.00 23.64 ? 105 PRO A CG  1 
ATOM   812  C CD  . PRO A 1 105 ? 13.530  -0.117  -1.238  1.00 16.65 ? 105 PRO A CD  1 
ATOM   813  N N   . LYS A 1 106 ? 13.872  0.931   2.369   1.00 14.86 ? 106 LYS A N   1 
ATOM   814  C CA  . LYS A 1 106 ? 13.948  1.635   3.631   1.00 13.18 ? 106 LYS A CA  1 
ATOM   815  C C   . LYS A 1 106 ? 12.873  1.144   4.606   1.00 16.64 ? 106 LYS A C   1 
ATOM   816  O O   . LYS A 1 106 ? 12.802  1.632   5.700   1.00 19.46 ? 106 LYS A O   1 
ATOM   817  C CB  . LYS A 1 106 ? 13.581  3.092   3.446   1.00 23.82 ? 106 LYS A CB  1 
ATOM   818  C CG  . LYS A 1 106 ? 14.427  3.775   2.374   1.00 31.41 ? 106 LYS A CG  1 
ATOM   819  C CD  . LYS A 1 106 ? 14.024  5.250   2.210   1.00 27.57 ? 106 LYS A CD  1 
ATOM   820  C CE  . LYS A 1 106 ? 14.933  6.297   2.836   1.00 42.02 ? 106 LYS A CE  1 
ATOM   821  N NZ  . LYS A 1 106 ? 16.158  6.610   2.059   1.00 47.61 ? 106 LYS A NZ  1 
ATOM   822  N N   . ALA A 1 107 ? 12.024  0.203   4.191   1.00 12.84 ? 107 ALA A N   1 
ATOM   823  C CA  . ALA A 1 107 ? 10.958  -0.250  5.028   1.00 11.56 ? 107 ALA A CA  1 
ATOM   824  C C   . ALA A 1 107 ? 11.395  -1.303  6.070   1.00 15.95 ? 107 ALA A C   1 
ATOM   825  O O   . ALA A 1 107 ? 12.257  -2.138  5.835   1.00 16.16 ? 107 ALA A O   1 
ATOM   826  C CB  . ALA A 1 107 ? 9.900   -0.773  4.076   1.00 14.65 ? 107 ALA A CB  1 
ATOM   827  N N   . GLN A 1 108 ? 10.743  -1.232  7.218   1.00 13.39 ? 108 GLN A N   1 
ATOM   828  C CA  . GLN A 1 108 ? 11.007  -2.168  8.339   1.00 16.01 ? 108 GLN A CA  1 
ATOM   829  C C   . GLN A 1 108 ? 9.869   -3.182  8.454   1.00 16.07 ? 108 GLN A C   1 
ATOM   830  O O   . GLN A 1 108 ? 10.040  -4.237  9.007   1.00 13.98 ? 108 GLN A O   1 
ATOM   831  C CB  . GLN A 1 108 ? 11.071  -1.480  9.705   1.00 20.34 ? 108 GLN A CB  1 
ATOM   832  C CG  . GLN A 1 108 ? 12.167  -0.396  9.831   1.00 42.29 ? 108 GLN A CG  1 
ATOM   833  C CD  . GLN A 1 108 ? 13.545  -0.920  9.448   1.00 56.78 ? 108 GLN A CD  1 
ATOM   834  O OE1 . GLN A 1 108 ? 14.353  -0.225  8.778   1.00 69.80 ? 108 GLN A OE1 1 
ATOM   835  N NE2 . GLN A 1 108 ? 13.829  -2.157  9.861   1.00 60.61 ? 108 GLN A NE2 1 
ATOM   836  N N   . LYS A 1 109 ? 8.676   -2.879  7.901   1.00 11.25 ? 109 LYS A N   1 
ATOM   837  C CA  . LYS A 1 109 ? 7.553   -3.806  7.994   1.00 10.43 ? 109 LYS A CA  1 
ATOM   838  C C   . LYS A 1 109 ? 6.686   -3.753  6.749   1.00 17.41 ? 109 LYS A C   1 
ATOM   839  O O   . LYS A 1 109 ? 6.541   -2.686  6.134   1.00 14.77 ? 109 LYS A O   1 
ATOM   840  C CB  . LYS A 1 109 ? 6.777   -3.207  9.132   1.00 15.01 ? 109 LYS A CB  1 
ATOM   841  C CG  . LYS A 1 109 ? 5.701   -4.043  9.799   1.00 34.17 ? 109 LYS A CG  1 
ATOM   842  C CD  . LYS A 1 109 ? 5.348   -3.496  11.205  1.00 25.58 ? 109 LYS A CD  1 
ATOM   843  C CE  . LYS A 1 109 ? 4.163   -4.224  11.825  1.00 37.67 ? 109 LYS A CE  1 
ATOM   844  N NZ  . LYS A 1 109 ? 3.543   -3.539  12.976  1.00 32.74 ? 109 LYS A NZ  1 
ATOM   845  N N   . LEU A 1 110 ? 6.120   -4.866  6.394   1.00 12.01 ? 110 LEU A N   1 
ATOM   846  C CA  . LEU A 1 110 ? 5.208   -4.999  5.244   1.00 13.79 ? 110 LEU A CA  1 
ATOM   847  C C   . LEU A 1 110 ? 3.913   -5.586  5.760   1.00 16.95 ? 110 LEU A C   1 
ATOM   848  O O   . LEU A 1 110 ? 3.874   -6.534  6.585   1.00 14.89 ? 110 LEU A O   1 
ATOM   849  C CB  . LEU A 1 110 ? 5.695   -6.016  4.226   1.00 8.67  ? 110 LEU A CB  1 
ATOM   850  C CG  . LEU A 1 110 ? 7.135   -5.826  3.790   1.00 11.33 ? 110 LEU A CG  1 
ATOM   851  C CD1 . LEU A 1 110 ? 7.479   -6.899  2.783   1.00 10.70 ? 110 LEU A CD1 1 
ATOM   852  C CD2 . LEU A 1 110 ? 7.239   -4.435  3.119   1.00 16.09 ? 110 LEU A CD2 1 
ATOM   853  N N   . TYR A 1 111 ? 2.822   -5.020  5.303   1.00 8.06  ? 111 TYR A N   1 
ATOM   854  C CA  . TYR A 1 111 ? 1.493   -5.454  5.640   1.00 7.78  ? 111 TYR A CA  1 
ATOM   855  C C   . TYR A 1 111 ? 0.946   -5.894  4.293   1.00 14.44 ? 111 TYR A C   1 
ATOM   856  O O   . TYR A 1 111 ? 0.596   -5.081  3.460   1.00 9.51  ? 111 TYR A O   1 
ATOM   857  C CB  . TYR A 1 111 ? 0.570   -4.381  6.159   1.00 9.82  ? 111 TYR A CB  1 
ATOM   858  C CG  . TYR A 1 111 ? 0.934   -3.758  7.451   1.00 11.60 ? 111 TYR A CG  1 
ATOM   859  C CD1 . TYR A 1 111 ? 1.943   -2.800  7.489   1.00 12.96 ? 111 TYR A CD1 1 
ATOM   860  C CD2 . TYR A 1 111 ? 0.220   -4.029  8.630   1.00 13.94 ? 111 TYR A CD2 1 
ATOM   861  C CE1 . TYR A 1 111 ? 2.251   -2.143  8.693   1.00 16.78 ? 111 TYR A CE1 1 
ATOM   862  C CE2 . TYR A 1 111 ? 0.525   -3.379  9.830   1.00 13.73 ? 111 TYR A CE2 1 
ATOM   863  C CZ  . TYR A 1 111 ? 1.533   -2.415  9.866   1.00 16.54 ? 111 TYR A CZ  1 
ATOM   864  O OH  . TYR A 1 111 ? 1.866   -1.733  11.042  1.00 13.86 ? 111 TYR A OH  1 
ATOM   865  N N   . LEU A 1 112 ? 0.831   -7.174  4.091   1.00 8.91  ? 112 LEU A N   1 
ATOM   866  C CA  . LEU A 1 112 ? 0.372   -7.686  2.822   1.00 9.18  ? 112 LEU A CA  1 
ATOM   867  C C   . LEU A 1 112 ? -0.901  -8.446  2.812   1.00 16.68 ? 112 LEU A C   1 
ATOM   868  O O   . LEU A 1 112 ? -1.156  -9.187  3.737   1.00 14.77 ? 112 LEU A O   1 
ATOM   869  C CB  . LEU A 1 112 ? 1.433   -8.636  2.202   1.00 10.89 ? 112 LEU A CB  1 
ATOM   870  C CG  . LEU A 1 112 ? 2.865   -8.097  2.139   1.00 12.73 ? 112 LEU A CG  1 
ATOM   871  C CD1 . LEU A 1 112 ? 3.790   -9.138  1.549   1.00 14.35 ? 112 LEU A CD1 1 
ATOM   872  C CD2 . LEU A 1 112 ? 2.984   -6.827  1.280   1.00 12.86 ? 112 LEU A CD2 1 
ATOM   873  N N   . THR A 1 113 ? -1.706  -8.295  1.770   1.00 9.84  ? 113 THR A N   1 
ATOM   874  C CA  . THR A 1 113 ? -2.903  -9.070  1.630   1.00 8.51  ? 113 THR A CA  1 
ATOM   875  C C   . THR A 1 113 ? -2.641  -9.961  0.407   1.00 11.82 ? 113 THR A C   1 
ATOM   876  O O   . THR A 1 113 ? -2.427  -9.433  -0.689  1.00 13.81 ? 113 THR A O   1 
ATOM   877  C CB  . THR A 1 113 ? -4.150  -8.305  1.379   1.00 12.29 ? 113 THR A CB  1 
ATOM   878  O OG1 . THR A 1 113 ? -4.277  -7.463  2.469   1.00 11.64 ? 113 THR A OG1 1 
ATOM   879  C CG2 . THR A 1 113 ? -5.354  -9.246  1.183   1.00 7.93  ? 113 THR A CG2 1 
ATOM   880  N N   . HIS A 1 114 ? -2.575  -11.281 0.512   1.00 9.29  ? 114 HIS A N   1 
ATOM   881  C CA  . HIS A 1 114 ? -2.318  -12.162 -0.655  1.00 10.84 ? 114 HIS A CA  1 
ATOM   882  C C   . HIS A 1 114 ? -3.635  -12.632 -1.165  1.00 14.19 ? 114 HIS A C   1 
ATOM   883  O O   . HIS A 1 114 ? -4.405  -13.238 -0.463  1.00 15.79 ? 114 HIS A O   1 
ATOM   884  C CB  . HIS A 1 114 ? -1.513  -13.360 -0.197  1.00 13.34 ? 114 HIS A CB  1 
ATOM   885  C CG  . HIS A 1 114 ? -0.156  -12.977 0.322   1.00 14.73 ? 114 HIS A CG  1 
ATOM   886  N ND1 . HIS A 1 114 ? 0.876   -12.611 -0.547  1.00 15.61 ? 114 HIS A ND1 1 
ATOM   887  C CD2 . HIS A 1 114 ? 0.328   -12.978 1.605   1.00 21.71 ? 114 HIS A CD2 1 
ATOM   888  C CE1 . HIS A 1 114 ? 1.943   -12.392 0.229   1.00 20.04 ? 114 HIS A CE1 1 
ATOM   889  N NE2 . HIS A 1 114 ? 1.643   -12.595 1.528   1.00 21.56 ? 114 HIS A NE2 1 
ATOM   890  N N   . ILE A 1 115 ? -3.961  -12.349 -2.403  1.00 9.90  ? 115 ILE A N   1 
ATOM   891  C CA  . ILE A 1 115 ? -5.282  -12.761 -2.891  1.00 10.00 ? 115 ILE A CA  1 
ATOM   892  C C   . ILE A 1 115 ? -5.145  -13.908 -3.836  1.00 14.39 ? 115 ILE A C   1 
ATOM   893  O O   . ILE A 1 115 ? -4.298  -13.866 -4.721  1.00 13.87 ? 115 ILE A O   1 
ATOM   894  C CB  . ILE A 1 115 ? -5.904  -11.558 -3.655  1.00 10.26 ? 115 ILE A CB  1 
ATOM   895  C CG1 . ILE A 1 115 ? -5.996  -10.359 -2.726  1.00 12.28 ? 115 ILE A CG1 1 
ATOM   896  C CG2 . ILE A 1 115 ? -7.282  -11.870 -4.286  1.00 13.44 ? 115 ILE A CG2 1 
ATOM   897  C CD1 . ILE A 1 115 ? -6.077  -9.051  -3.482  1.00 18.03 ? 115 ILE A CD1 1 
ATOM   898  N N   . ASP A 1 116 ? -5.973  -14.910 -3.677  1.00 15.19 ? 116 ASP A N   1 
ATOM   899  C CA  . ASP A 1 116 ? -5.874  -16.044 -4.572  1.00 12.35 ? 116 ASP A CA  1 
ATOM   900  C C   . ASP A 1 116 ? -6.638  -15.793 -5.858  1.00 13.88 ? 116 ASP A C   1 
ATOM   901  O O   . ASP A 1 116 ? -7.677  -16.375 -6.098  1.00 13.14 ? 116 ASP A O   1 
ATOM   902  C CB  . ASP A 1 116 ? -6.505  -17.256 -3.864  1.00 12.03 ? 116 ASP A CB  1 
ATOM   903  C CG  . ASP A 1 116 ? -5.728  -17.619 -2.614  1.00 14.07 ? 116 ASP A CG  1 
ATOM   904  O OD1 . ASP A 1 116 ? -4.446  -17.698 -2.895  1.00 16.58 ? 116 ASP A OD1 1 
ATOM   905  O OD2 . ASP A 1 116 ? -6.225  -17.826 -1.503  1.00 19.71 ? 116 ASP A OD2 1 
ATOM   906  N N   . ALA A 1 117 ? -6.101  -14.920 -6.701  1.00 15.66 ? 117 ALA A N   1 
ATOM   907  C CA  . ALA A 1 117 ? -6.740  -14.572 -7.969  1.00 18.46 ? 117 ALA A CA  1 
ATOM   908  C C   . ALA A 1 117 ? -5.628  -14.486 -9.026  1.00 19.43 ? 117 ALA A C   1 
ATOM   909  O O   . ALA A 1 117 ? -4.495  -14.114 -8.744  1.00 17.42 ? 117 ALA A O   1 
ATOM   910  C CB  . ALA A 1 117 ? -7.408  -13.213 -7.797  1.00 15.78 ? 117 ALA A CB  1 
ATOM   911  N N   . GLU A 1 118 ? -5.900  -14.898 -10.240 1.00 16.05 ? 118 GLU A N   1 
ATOM   912  C CA  . GLU A 1 118 ? -4.886  -14.810 -11.288 1.00 20.15 ? 118 GLU A CA  1 
ATOM   913  C C   . GLU A 1 118 ? -5.453  -13.675 -12.144 1.00 18.37 ? 118 GLU A C   1 
ATOM   914  O O   . GLU A 1 118 ? -6.549  -13.795 -12.662 1.00 23.38 ? 118 GLU A O   1 
ATOM   915  C CB  . GLU A 1 118 ? -4.827  -16.062 -12.187 1.00 37.96 ? 118 GLU A CB  1 
ATOM   916  C CG  . GLU A 1 118 ? -3.417  -16.112 -12.827 1.00 52.54 ? 118 GLU A CG  1 
ATOM   917  C CD  . GLU A 1 118 ? -3.146  -17.095 -13.967 1.00 68.16 ? 118 GLU A CD  1 
ATOM   918  O OE1 . GLU A 1 118 ? -3.846  -18.225 -13.865 1.00 66.72 ? 118 GLU A OE1 1 
ATOM   919  O OE2 . GLU A 1 118 ? -2.297  -16.870 -14.863 1.00 75.44 ? 118 GLU A OE2 1 
ATOM   920  N N   . VAL A 1 119 ? -4.745  -12.587 -12.264 1.00 18.06 ? 119 VAL A N   1 
ATOM   921  C CA  . VAL A 1 119 ? -5.237  -11.464 -13.051 1.00 17.15 ? 119 VAL A CA  1 
ATOM   922  C C   . VAL A 1 119 ? -4.078  -10.938 -13.916 1.00 21.36 ? 119 VAL A C   1 
ATOM   923  O O   . VAL A 1 119 ? -2.900  -11.137 -13.615 1.00 25.70 ? 119 VAL A O   1 
ATOM   924  C CB  . VAL A 1 119 ? -5.832  -10.310 -12.233 1.00 24.17 ? 119 VAL A CB  1 
ATOM   925  C CG1 . VAL A 1 119 ? -7.013  -10.766 -11.413 1.00 28.82 ? 119 VAL A CG1 1 
ATOM   926  C CG2 . VAL A 1 119 ? -4.848  -9.736  -11.253 1.00 35.05 ? 119 VAL A CG2 1 
ATOM   927  N N   . GLU A 1 120 ? -4.436  -10.274 -15.012 1.00 27.35 ? 120 GLU A N   1 
ATOM   928  C CA  . GLU A 1 120 ? -3.448  -9.674  -15.941 1.00 31.56 ? 120 GLU A CA  1 
ATOM   929  C C   . GLU A 1 120 ? -3.184  -8.276  -15.375 1.00 20.63 ? 120 GLU A C   1 
ATOM   930  O O   . GLU A 1 120 ? -4.096  -7.498  -15.056 1.00 32.13 ? 120 GLU A O   1 
ATOM   931  C CB  . GLU A 1 120 ? -3.941  -9.515  -17.410 1.00 46.87 ? 120 GLU A CB  1 
ATOM   932  C CG  . GLU A 1 120 ? -4.079  -10.768 -18.320 1.00 54.63 ? 120 GLU A CG  1 
ATOM   933  C CD  . GLU A 1 120 ? -2.844  -11.645 -18.559 1.00 75.83 ? 120 GLU A CD  1 
ATOM   934  O OE1 . GLU A 1 120 ? -1.957  -11.903 -17.710 1.00 80.75 ? 120 GLU A OE1 1 
ATOM   935  O OE2 . GLU A 1 120 ? -2.893  -12.216 -19.759 1.00 82.41 ? 120 GLU A OE2 1 
ATOM   936  N N   . GLY A 1 121 ? -1.941  -7.927  -15.185 1.00 14.48 ? 121 GLY A N   1 
ATOM   937  C CA  . GLY A 1 121 ? -1.737  -6.585  -14.629 1.00 24.87 ? 121 GLY A CA  1 
ATOM   938  C C   . GLY A 1 121 ? -0.459  -5.973  -15.160 1.00 20.64 ? 121 GLY A C   1 
ATOM   939  O O   . GLY A 1 121 ? 0.418   -6.664  -15.599 1.00 22.87 ? 121 GLY A O   1 
ATOM   940  N N   . ASP A 1 122 ? -0.316  -4.674  -15.117 1.00 13.33 ? 122 ASP A N   1 
ATOM   941  C CA  . ASP A 1 122 ? 0.915   -4.150  -15.647 1.00 18.78 ? 122 ASP A CA  1 
ATOM   942  C C   . ASP A 1 122 ? 1.797   -3.590  -14.562 1.00 16.26 ? 122 ASP A C   1 
ATOM   943  O O   . ASP A 1 122 ? 2.831   -2.992  -14.867 1.00 13.66 ? 122 ASP A O   1 
ATOM   944  C CB  . ASP A 1 122 ? 0.523   -2.930  -16.549 1.00 22.31 ? 122 ASP A CB  1 
ATOM   945  C CG  . ASP A 1 122 ? -0.404  -1.932  -15.873 1.00 28.48 ? 122 ASP A CG  1 
ATOM   946  O OD1 . ASP A 1 122 ? -0.617  -1.863  -14.683 1.00 32.69 ? 122 ASP A OD1 1 
ATOM   947  O OD2 . ASP A 1 122 ? -1.065  -1.178  -16.683 1.00 38.19 ? 122 ASP A OD2 1 
ATOM   948  N N   . THR A 1 123 ? 1.358   -3.726  -13.297 1.00 12.98 ? 123 THR A N   1 
ATOM   949  C CA  . THR A 1 123 ? 2.126   -3.189  -12.164 1.00 7.97  ? 123 THR A CA  1 
ATOM   950  C C   . THR A 1 123 ? 2.251   -4.313  -11.116 1.00 13.31 ? 123 THR A C   1 
ATOM   951  O O   . THR A 1 123 ? 1.237   -4.924  -10.841 1.00 12.18 ? 123 THR A O   1 
ATOM   952  C CB  . THR A 1 123 ? 1.294   -2.034  -11.526 1.00 13.58 ? 123 THR A CB  1 
ATOM   953  O OG1 . THR A 1 123 ? 1.116   -1.109  -12.591 1.00 19.87 ? 123 THR A OG1 1 
ATOM   954  C CG2 . THR A 1 123 ? 2.140   -1.316  -10.490 1.00 14.26 ? 123 THR A CG2 1 
ATOM   955  N N   . HIS A 1 124 ? 3.484   -4.446  -10.582 1.00 11.64 ? 124 HIS A N   1 
ATOM   956  C CA  . HIS A 1 124 ? 3.755   -5.443  -9.600  1.00 11.86 ? 124 HIS A CA  1 
ATOM   957  C C   . HIS A 1 124 ? 4.396   -4.932  -8.340  1.00 13.89 ? 124 HIS A C   1 
ATOM   958  O O   . HIS A 1 124 ? 5.087   -3.902  -8.306  1.00 14.81 ? 124 HIS A O   1 
ATOM   959  C CB  . HIS A 1 124 ? 4.812   -6.346  -10.253 1.00 13.68 ? 124 HIS A CB  1 
ATOM   960  C CG  . HIS A 1 124 ? 4.278   -7.010  -11.478 1.00 14.97 ? 124 HIS A CG  1 
ATOM   961  N ND1 . HIS A 1 124 ? 4.404   -6.427  -12.735 1.00 15.58 ? 124 HIS A ND1 1 
ATOM   962  C CD2 . HIS A 1 124 ? 3.611   -8.197  -11.675 1.00 13.57 ? 124 HIS A CD2 1 
ATOM   963  C CE1 . HIS A 1 124 ? 3.838   -7.218  -13.638 1.00 20.47 ? 124 HIS A CE1 1 
ATOM   964  N NE2 . HIS A 1 124 ? 3.346   -8.305  -13.043 1.00 17.46 ? 124 HIS A NE2 1 
ATOM   965  N N   . PHE A 1 125 ? 4.169   -5.676  -7.247  1.00 11.90 ? 125 PHE A N   1 
ATOM   966  C CA  . PHE A 1 125 ? 4.809   -5.315  -6.008  1.00 12.70 ? 125 PHE A CA  1 
ATOM   967  C C   . PHE A 1 125 ? 6.261   -5.786  -6.214  1.00 15.01 ? 125 PHE A C   1 
ATOM   968  O O   . PHE A 1 125 ? 6.545   -6.799  -6.910  1.00 13.33 ? 125 PHE A O   1 
ATOM   969  C CB  . PHE A 1 125 ? 4.174   -6.165  -4.876  1.00 11.53 ? 125 PHE A CB  1 
ATOM   970  C CG  . PHE A 1 125 ? 4.688   -5.673  -3.523  1.00 8.55  ? 125 PHE A CG  1 
ATOM   971  C CD1 . PHE A 1 125 ? 4.146   -4.525  -2.941  1.00 10.55 ? 125 PHE A CD1 1 
ATOM   972  C CD2 . PHE A 1 125 ? 5.678   -6.396  -2.858  1.00 14.36 ? 125 PHE A CD2 1 
ATOM   973  C CE1 . PHE A 1 125 ? 4.623   -4.107  -1.698  1.00 14.49 ? 125 PHE A CE1 1 
ATOM   974  C CE2 . PHE A 1 125 ? 6.175   -5.980  -1.623  1.00 14.95 ? 125 PHE A CE2 1 
ATOM   975  C CZ  . PHE A 1 125 ? 5.623   -4.830  -1.048  1.00 13.91 ? 125 PHE A CZ  1 
ATOM   976  N N   . PRO A 1 126 ? 7.255   -5.092  -5.631  1.00 12.30 ? 126 PRO A N   1 
ATOM   977  C CA  . PRO A 1 126 ? 8.624   -5.524  -5.845  1.00 16.58 ? 126 PRO A CA  1 
ATOM   978  C C   . PRO A 1 126 ? 8.945   -6.889  -5.273  1.00 18.83 ? 126 PRO A C   1 
ATOM   979  O O   . PRO A 1 126 ? 8.365   -7.439  -4.373  1.00 17.33 ? 126 PRO A O   1 
ATOM   980  C CB  . PRO A 1 126 ? 9.514   -4.489  -5.161  1.00 17.86 ? 126 PRO A CB  1 
ATOM   981  C CG  . PRO A 1 126 ? 8.608   -3.527  -4.424  1.00 12.65 ? 126 PRO A CG  1 
ATOM   982  C CD  . PRO A 1 126 ? 7.173   -3.898  -4.756  1.00 10.81 ? 126 PRO A CD  1 
ATOM   983  N N   . ASP A 1 127 ? 9.928   -7.441  -5.860  1.00 19.42 ? 127 ASP A N   1 
ATOM   984  C CA  . ASP A 1 127 ? 10.333  -8.703  -5.444  1.00 25.73 ? 127 ASP A CA  1 
ATOM   985  C C   . ASP A 1 127 ? 10.997  -8.612  -4.107  1.00 24.86 ? 127 ASP A C   1 
ATOM   986  O O   . ASP A 1 127 ? 11.776  -7.735  -3.840  1.00 26.67 ? 127 ASP A O   1 
ATOM   987  C CB  . ASP A 1 127 ? 11.299  -9.223  -6.481  1.00 47.00 ? 127 ASP A CB  1 
ATOM   988  C CG  . ASP A 1 127 ? 11.306  -10.698 -6.410  1.00 60.36 ? 127 ASP A CG  1 
ATOM   989  O OD1 . ASP A 1 127 ? 10.127  -11.174 -6.088  1.00 60.75 ? 127 ASP A OD1 1 
ATOM   990  O OD2 . ASP A 1 127 ? 12.319  -11.346 -6.566  1.00 70.86 ? 127 ASP A OD2 1 
ATOM   991  N N   . TYR A 1 128 ? 10.685  -9.545  -3.255  1.00 23.77 ? 128 TYR A N   1 
ATOM   992  C CA  . TYR A 1 128 ? 11.268  -9.516  -1.972  1.00 24.87 ? 128 TYR A CA  1 
ATOM   993  C C   . TYR A 1 128 ? 11.649  -10.957 -1.666  1.00 25.55 ? 128 TYR A C   1 
ATOM   994  O O   . TYR A 1 128 ? 11.061  -11.865 -2.227  1.00 24.70 ? 128 TYR A O   1 
ATOM   995  C CB  . TYR A 1 128 ? 10.263  -8.856  -0.981  1.00 27.45 ? 128 TYR A CB  1 
ATOM   996  C CG  . TYR A 1 128 ? 8.980   -9.638  -0.804  1.00 25.09 ? 128 TYR A CG  1 
ATOM   997  C CD1 . TYR A 1 128 ? 7.939   -9.500  -1.725  1.00 22.96 ? 128 TYR A CD1 1 
ATOM   998  C CD2 . TYR A 1 128 ? 8.826   -10.528 0.262   1.00 23.26 ? 128 TYR A CD2 1 
ATOM   999  C CE1 . TYR A 1 128 ? 6.776   -10.250 -1.598  1.00 25.60 ? 128 TYR A CE1 1 
ATOM   1000 C CE2 . TYR A 1 128 ? 7.644   -11.266 0.413   1.00 19.79 ? 128 TYR A CE2 1 
ATOM   1001 C CZ  . TYR A 1 128 ? 6.616   -11.125 -0.523  1.00 29.03 ? 128 TYR A CZ  1 
ATOM   1002 O OH  . TYR A 1 128 ? 5.429   -11.862 -0.407  1.00 28.03 ? 128 TYR A OH  1 
ATOM   1003 N N   . GLU A 1 129 ? 12.636  -11.145 -0.812  1.00 23.04 ? 129 GLU A N   1 
ATOM   1004 C CA  . GLU A 1 129 ? 13.150  -12.451 -0.410  1.00 29.80 ? 129 GLU A CA  1 
ATOM   1005 C C   . GLU A 1 129 ? 12.533  -12.810 0.934   1.00 40.61 ? 129 GLU A C   1 
ATOM   1006 O O   . GLU A 1 129 ? 12.820  -12.154 1.921   1.00 23.62 ? 129 GLU A O   1 
ATOM   1007 C CB  . GLU A 1 129 ? 14.647  -12.296 -0.216  1.00 36.55 ? 129 GLU A CB  1 
ATOM   1008 C CG  . GLU A 1 129 ? 15.274  -13.643 0.129   1.00 55.06 ? 129 GLU A CG  1 
ATOM   1009 C CD  . GLU A 1 129 ? 14.999  -14.560 -1.021  1.00 68.45 ? 129 GLU A CD  1 
ATOM   1010 O OE1 . GLU A 1 129 ? 15.182  -14.009 -2.218  1.00 71.54 ? 129 GLU A OE1 1 
ATOM   1011 O OE2 . GLU A 1 129 ? 14.581  -15.677 -0.850  1.00 71.14 ? 129 GLU A OE2 1 
ATOM   1012 N N   . PRO A 1 130 ? 11.681  -13.844 1.014   1.00 47.98 ? 130 PRO A N   1 
ATOM   1013 C CA  . PRO A 1 130 ? 11.092  -14.107 2.324   1.00 47.91 ? 130 PRO A CA  1 
ATOM   1014 C C   . PRO A 1 130 ? 12.005  -14.300 3.522   1.00 49.83 ? 130 PRO A C   1 
ATOM   1015 O O   . PRO A 1 130 ? 11.652  -14.038 4.692   1.00 50.62 ? 130 PRO A O   1 
ATOM   1016 C CB  . PRO A 1 130 ? 9.863   -15.015 2.151   1.00 49.59 ? 130 PRO A CB  1 
ATOM   1017 C CG  . PRO A 1 130 ? 9.696   -15.152 0.628   1.00 48.23 ? 130 PRO A CG  1 
ATOM   1018 C CD  . PRO A 1 130 ? 11.035  -14.745 -0.011  1.00 39.57 ? 130 PRO A CD  1 
ATOM   1019 N N   . ASP A 1 131 ? 13.205  -14.733 3.184   1.00 45.67 ? 131 ASP A N   1 
ATOM   1020 C CA  . ASP A 1 131 ? 14.223  -14.997 4.165   1.00 46.60 ? 131 ASP A CA  1 
ATOM   1021 C C   . ASP A 1 131 ? 14.681  -13.856 4.993   1.00 45.70 ? 131 ASP A C   1 
ATOM   1022 O O   . ASP A 1 131 ? 15.136  -14.094 6.099   1.00 44.71 ? 131 ASP A O   1 
ATOM   1023 C CB  . ASP A 1 131 ? 15.369  -15.852 3.642   1.00 63.43 ? 131 ASP A CB  1 
ATOM   1024 C CG  . ASP A 1 131 ? 14.956  -17.308 3.619   1.00 80.65 ? 131 ASP A CG  1 
ATOM   1025 O OD1 . ASP A 1 131 ? 13.956  -17.615 4.468   1.00 79.19 ? 131 ASP A OD1 1 
ATOM   1026 O OD2 . ASP A 1 131 ? 15.525  -18.111 2.882   1.00 89.47 ? 131 ASP A OD2 1 
ATOM   1027 N N   . ASP A 1 132 ? 14.553  -12.654 4.423   1.00 40.97 ? 132 ASP A N   1 
ATOM   1028 C CA  . ASP A 1 132 ? 14.936  -11.412 5.054   1.00 33.51 ? 132 ASP A CA  1 
ATOM   1029 C C   . ASP A 1 132 ? 13.881  -10.864 5.976   1.00 22.98 ? 132 ASP A C   1 
ATOM   1030 O O   . ASP A 1 132 ? 14.079  -9.855  6.636   1.00 28.39 ? 132 ASP A O   1 
ATOM   1031 C CB  . ASP A 1 132 ? 15.107  -10.361 3.976   1.00 39.13 ? 132 ASP A CB  1 
ATOM   1032 C CG  . ASP A 1 132 ? 16.204  -10.701 3.020   1.00 57.54 ? 132 ASP A CG  1 
ATOM   1033 O OD1 . ASP A 1 132 ? 16.954  -11.669 3.174   1.00 50.67 ? 132 ASP A OD1 1 
ATOM   1034 O OD2 . ASP A 1 132 ? 16.286  -9.797  2.054   1.00 55.80 ? 132 ASP A OD2 1 
ATOM   1035 N N   . TRP A 1 133 ? 12.750  -11.535 5.990   1.00 23.00 ? 133 TRP A N   1 
ATOM   1036 C CA  . TRP A 1 133 ? 11.720  -11.026 6.846   1.00 22.59 ? 133 TRP A CA  1 
ATOM   1037 C C   . TRP A 1 133 ? 11.196  -12.048 7.792   1.00 28.02 ? 133 TRP A C   1 
ATOM   1038 O O   . TRP A 1 133 ? 11.192  -13.271 7.583   1.00 36.31 ? 133 TRP A O   1 
ATOM   1039 C CB  . TRP A 1 133 ? 10.522  -10.733 5.894   1.00 22.55 ? 133 TRP A CB  1 
ATOM   1040 C CG  . TRP A 1 133 ? 10.949  -9.670  4.916   1.00 18.88 ? 133 TRP A CG  1 
ATOM   1041 C CD1 . TRP A 1 133 ? 11.587  -9.899  3.748   1.00 20.60 ? 133 TRP A CD1 1 
ATOM   1042 C CD2 . TRP A 1 133 ? 10.783  -8.226  5.032   1.00 14.76 ? 133 TRP A CD2 1 
ATOM   1043 N NE1 . TRP A 1 133 ? 11.844  -8.712  3.091   1.00 19.45 ? 133 TRP A NE1 1 
ATOM   1044 C CE2 . TRP A 1 133 ? 11.372  -7.651  3.876   1.00 18.92 ? 133 TRP A CE2 1 
ATOM   1045 C CE3 . TRP A 1 133 ? 10.203  -7.401  5.991   1.00 10.88 ? 133 TRP A CE3 1 
ATOM   1046 C CZ2 . TRP A 1 133 ? 11.385  -6.256  3.675   1.00 14.88 ? 133 TRP A CZ2 1 
ATOM   1047 C CZ3 . TRP A 1 133 ? 10.204  -6.000  5.801   1.00 15.45 ? 133 TRP A CZ3 1 
ATOM   1048 C CH2 . TRP A 1 133 ? 10.785  -5.432  4.649   1.00 14.73 ? 133 TRP A CH2 1 
ATOM   1049 N N   . GLU A 1 134 ? 10.715  -11.525 8.876   1.00 17.42 ? 134 GLU A N   1 
ATOM   1050 C CA  . GLU A 1 134 ? 10.111  -12.454 9.804   1.00 28.14 ? 134 GLU A CA  1 
ATOM   1051 C C   . GLU A 1 134 ? 8.554   -12.369 9.744   1.00 18.68 ? 134 GLU A C   1 
ATOM   1052 O O   . GLU A 1 134 ? 7.998   -11.304 9.931   1.00 23.03 ? 134 GLU A O   1 
ATOM   1053 C CB  . GLU A 1 134 ? 10.600  -12.252 11.237  1.00 27.41 ? 134 GLU A CB  1 
ATOM   1054 C CG  . GLU A 1 134 ? 10.306  -13.505 12.100  1.00 55.72 ? 134 GLU A CG  1 
ATOM   1055 C CD  . GLU A 1 134 ? 10.929  -13.408 13.475  1.00 72.02 ? 134 GLU A CD  1 
ATOM   1056 O OE1 . GLU A 1 134 ? 12.221  -13.078 13.430  1.00 77.37 ? 134 GLU A OE1 1 
ATOM   1057 O OE2 . GLU A 1 134 ? 10.297  -13.630 14.514  1.00 80.02 ? 134 GLU A OE2 1 
ATOM   1058 N N   . SER A 1 135 ? 7.829   -13.471 9.502   1.00 23.96 ? 135 SER A N   1 
ATOM   1059 C CA  . SER A 1 135 ? 6.374   -13.409 9.464   1.00 19.96 ? 135 SER A CA  1 
ATOM   1060 C C   . SER A 1 135 ? 5.884   -13.342 10.891  1.00 21.04 ? 135 SER A C   1 
ATOM   1061 O O   . SER A 1 135 ? 5.982   -14.273 11.655  1.00 34.27 ? 135 SER A O   1 
ATOM   1062 C CB  . SER A 1 135 ? 5.872   -14.692 8.840   1.00 26.96 ? 135 SER A CB  1 
ATOM   1063 O OG  . SER A 1 135 ? 4.546   -14.485 8.440   1.00 26.28 ? 135 SER A OG  1 
ATOM   1064 N N   . VAL A 1 136 ? 5.345   -12.253 11.302  1.00 14.93 ? 136 VAL A N   1 
ATOM   1065 C CA  . VAL A 1 136 ? 4.890   -12.160 12.627  1.00 18.90 ? 136 VAL A CA  1 
ATOM   1066 C C   . VAL A 1 136 ? 3.422   -12.391 12.828  1.00 29.40 ? 136 VAL A C   1 
ATOM   1067 O O   . VAL A 1 136 ? 2.976   -12.658 13.954  1.00 21.29 ? 136 VAL A O   1 
ATOM   1068 C CB  . VAL A 1 136 ? 5.295   -10.834 13.297  1.00 30.40 ? 136 VAL A CB  1 
ATOM   1069 C CG1 . VAL A 1 136 ? 6.789   -10.530 13.110  1.00 25.95 ? 136 VAL A CG1 1 
ATOM   1070 C CG2 . VAL A 1 136 ? 4.361   -9.706  12.885  1.00 30.04 ? 136 VAL A CG2 1 
ATOM   1071 N N   . PHE A 1 137 ? 2.672   -12.259 11.758  1.00 18.68 ? 137 PHE A N   1 
ATOM   1072 C CA  . PHE A 1 137 ? 1.272   -12.448 11.868  1.00 12.36 ? 137 PHE A CA  1 
ATOM   1073 C C   . PHE A 1 137 ? 0.811   -12.979 10.544  1.00 18.08 ? 137 PHE A C   1 
ATOM   1074 O O   . PHE A 1 137 ? 1.330   -12.567 9.505   1.00 15.60 ? 137 PHE A O   1 
ATOM   1075 C CB  . PHE A 1 137 ? 0.672   -11.093 12.095  1.00 14.64 ? 137 PHE A CB  1 
ATOM   1076 C CG  . PHE A 1 137 ? -0.812  -11.121 11.955  1.00 17.49 ? 137 PHE A CG  1 
ATOM   1077 C CD1 . PHE A 1 137 ? -1.620  -11.402 13.050  1.00 13.96 ? 137 PHE A CD1 1 
ATOM   1078 C CD2 . PHE A 1 137 ? -1.423  -10.848 10.750  1.00 15.01 ? 137 PHE A CD2 1 
ATOM   1079 C CE1 . PHE A 1 137 ? -3.011  -11.419 12.973  1.00 15.33 ? 137 PHE A CE1 1 
ATOM   1080 C CE2 . PHE A 1 137 ? -2.800  -10.870 10.661  1.00 14.30 ? 137 PHE A CE2 1 
ATOM   1081 C CZ  . PHE A 1 137 ? -3.626  -11.157 11.748  1.00 18.85 ? 137 PHE A CZ  1 
ATOM   1082 N N   . SER A 1 138 ? -0.134  -13.946 10.585  1.00 14.72 ? 138 SER A N   1 
ATOM   1083 C CA  . SER A 1 138 ? -0.655  -14.505 9.326   1.00 10.40 ? 138 SER A CA  1 
ATOM   1084 C C   . SER A 1 138 ? -2.047  -15.062 9.560   1.00 24.62 ? 138 SER A C   1 
ATOM   1085 O O   . SER A 1 138 ? -2.292  -15.713 10.571  1.00 20.81 ? 138 SER A O   1 
ATOM   1086 C CB  . SER A 1 138 ? 0.254   -15.451 8.600   1.00 20.15 ? 138 SER A CB  1 
ATOM   1087 O OG  . SER A 1 138 ? -0.189  -16.690 8.948   1.00 41.25 ? 138 SER A OG  1 
ATOM   1088 N N   . GLU A 1 139 ? -2.984  -14.787 8.668   1.00 11.92 ? 139 GLU A N   1 
ATOM   1089 C CA  . GLU A 1 139 ? -4.311  -15.268 8.865   1.00 11.97 ? 139 GLU A CA  1 
ATOM   1090 C C   . GLU A 1 139 ? -5.077  -15.368 7.544   1.00 14.64 ? 139 GLU A C   1 
ATOM   1091 O O   . GLU A 1 139 ? -5.376  -14.378 6.858   1.00 18.32 ? 139 GLU A O   1 
ATOM   1092 C CB  . GLU A 1 139 ? -4.988  -14.231 9.754   1.00 16.07 ? 139 GLU A CB  1 
ATOM   1093 C CG  . GLU A 1 139 ? -6.469  -14.459 9.894   1.00 33.46 ? 139 GLU A CG  1 
ATOM   1094 C CD  . GLU A 1 139 ? -7.038  -13.424 10.808  1.00 45.96 ? 139 GLU A CD  1 
ATOM   1095 O OE1 . GLU A 1 139 ? -6.995  -13.555 12.024  1.00 40.71 ? 139 GLU A OE1 1 
ATOM   1096 O OE2 . GLU A 1 139 ? -7.448  -12.330 10.171  1.00 32.02 ? 139 GLU A OE2 1 
ATOM   1097 N N   . PHE A 1 140 ? -5.393  -16.598 7.223   1.00 13.37 ? 140 PHE A N   1 
ATOM   1098 C CA  . PHE A 1 140 ? -6.092  -16.996 6.033   1.00 12.15 ? 140 PHE A CA  1 
ATOM   1099 C C   . PHE A 1 140 ? -7.574  -16.941 6.172   1.00 20.88 ? 140 PHE A C   1 
ATOM   1100 O O   . PHE A 1 140 ? -8.138  -17.207 7.242   1.00 17.39 ? 140 PHE A O   1 
ATOM   1101 C CB  . PHE A 1 140 ? -5.626  -18.408 5.598   1.00 14.26 ? 140 PHE A CB  1 
ATOM   1102 C CG  . PHE A 1 140 ? -6.457  -18.849 4.450   1.00 29.77 ? 140 PHE A CG  1 
ATOM   1103 C CD1 . PHE A 1 140 ? -6.114  -18.452 3.144   1.00 37.41 ? 140 PHE A CD1 1 
ATOM   1104 C CD2 . PHE A 1 140 ? -7.612  -19.627 4.611   1.00 34.92 ? 140 PHE A CD2 1 
ATOM   1105 C CE1 . PHE A 1 140 ? -6.875  -18.827 2.032   1.00 21.13 ? 140 PHE A CE1 1 
ATOM   1106 C CE2 . PHE A 1 140 ? -8.382  -20.008 3.502   1.00 22.22 ? 140 PHE A CE2 1 
ATOM   1107 C CZ  . PHE A 1 140 ? -8.006  -19.623 2.220   1.00 20.05 ? 140 PHE A CZ  1 
ATOM   1108 N N   . HIS A 1 141 ? -8.242  -16.591 5.057   1.00 16.94 ? 141 HIS A N   1 
ATOM   1109 C CA  . HIS A 1 141 ? -9.685  -16.495 5.015   1.00 13.77 ? 141 HIS A CA  1 
ATOM   1110 C C   . HIS A 1 141 ? -10.190 -17.013 3.728   1.00 12.84 ? 141 HIS A C   1 
ATOM   1111 O O   . HIS A 1 141 ? -9.608  -16.759 2.673   1.00 14.70 ? 141 HIS A O   1 
ATOM   1112 C CB  . HIS A 1 141 ? -10.122 -15.003 5.053   1.00 10.21 ? 141 HIS A CB  1 
ATOM   1113 C CG  . HIS A 1 141 ? -9.738  -14.416 6.359   1.00 16.41 ? 141 HIS A CG  1 
ATOM   1114 N ND1 . HIS A 1 141 ? -10.600 -14.442 7.443   1.00 23.64 ? 141 HIS A ND1 1 
ATOM   1115 C CD2 . HIS A 1 141 ? -8.573  -13.835 6.765   1.00 20.24 ? 141 HIS A CD2 1 
ATOM   1116 C CE1 . HIS A 1 141 ? -9.971  -13.861 8.447   1.00 23.96 ? 141 HIS A CE1 1 
ATOM   1117 N NE2 . HIS A 1 141 ? -8.769  -13.484 8.092   1.00 19.17 ? 141 HIS A NE2 1 
ATOM   1118 N N   . ASP A 1 142 ? -11.270 -17.747 3.807   1.00 16.95 ? 142 ASP A N   1 
ATOM   1119 C CA  . ASP A 1 142 ? -11.903 -18.272 2.602   1.00 12.15 ? 142 ASP A CA  1 
ATOM   1120 C C   . ASP A 1 142 ? -12.835 -17.168 1.981   1.00 12.15 ? 142 ASP A C   1 
ATOM   1121 O O   . ASP A 1 142 ? -13.219 -16.213 2.617   1.00 13.92 ? 142 ASP A O   1 
ATOM   1122 C CB  . ASP A 1 142 ? -12.859 -19.401 3.012   1.00 16.73 ? 142 ASP A CB  1 
ATOM   1123 C CG  . ASP A 1 142 ? -12.199 -20.695 3.469   1.00 36.95 ? 142 ASP A CG  1 
ATOM   1124 O OD1 . ASP A 1 142 ? -11.082 -20.978 2.887   1.00 38.78 ? 142 ASP A OD1 1 
ATOM   1125 O OD2 . ASP A 1 142 ? -12.709 -21.475 4.247   1.00 59.18 ? 142 ASP A OD2 1 
ATOM   1126 N N   . ALA A 1 143 ? -13.193 -17.324 0.708   1.00 12.66 ? 143 ALA A N   1 
ATOM   1127 C CA  . ALA A 1 143 ? -14.088 -16.355 0.103   1.00 11.88 ? 143 ALA A CA  1 
ATOM   1128 C C   . ALA A 1 143 ? -15.465 -16.576 0.753   1.00 17.39 ? 143 ALA A C   1 
ATOM   1129 O O   . ALA A 1 143 ? -15.773 -17.683 1.239   1.00 21.51 ? 143 ALA A O   1 
ATOM   1130 C CB  . ALA A 1 143 ? -14.253 -16.809 -1.342  1.00 10.49 ? 143 ALA A CB  1 
ATOM   1131 N N   . ASP A 1 144 ? -16.337 -15.612 0.760   1.00 14.89 ? 144 ASP A N   1 
ATOM   1132 C CA  . ASP A 1 144 ? -17.654 -15.724 1.354   1.00 10.96 ? 144 ASP A CA  1 
ATOM   1133 C C   . ASP A 1 144 ? -18.658 -14.906 0.594   1.00 15.90 ? 144 ASP A C   1 
ATOM   1134 O O   . ASP A 1 144 ? -18.450 -14.482 -0.554  1.00 16.14 ? 144 ASP A O   1 
ATOM   1135 C CB  . ASP A 1 144 ? -17.562 -15.450 2.860   1.00 14.30 ? 144 ASP A CB  1 
ATOM   1136 C CG  . ASP A 1 144 ? -17.141 -14.074 3.135   1.00 22.45 ? 144 ASP A CG  1 
ATOM   1137 O OD1 . ASP A 1 144 ? -17.170 -13.209 2.319   1.00 19.72 ? 144 ASP A OD1 1 
ATOM   1138 O OD2 . ASP A 1 144 ? -16.670 -13.894 4.314   1.00 21.48 ? 144 ASP A OD2 1 
ATOM   1139 N N   . ALA A 1 145 ? -19.768 -14.667 1.187   1.00 15.91 ? 145 ALA A N   1 
ATOM   1140 C CA  . ALA A 1 145 ? -20.834 -13.895 0.520   1.00 20.21 ? 145 ALA A CA  1 
ATOM   1141 C C   . ALA A 1 145 ? -20.437 -12.451 0.206   1.00 19.84 ? 145 ALA A C   1 
ATOM   1142 O O   . ALA A 1 145 ? -21.023 -11.802 -0.673  1.00 18.84 ? 145 ALA A O   1 
ATOM   1143 C CB  . ALA A 1 145 ? -22.101 -13.919 1.343   1.00 19.28 ? 145 ALA A CB  1 
ATOM   1144 N N   . GLN A 1 146 ? -19.427 -11.938 0.904   1.00 18.39 ? 146 GLN A N   1 
ATOM   1145 C CA  . GLN A 1 146 ? -19.029 -10.569 0.608   1.00 18.16 ? 146 GLN A CA  1 
ATOM   1146 C C   . GLN A 1 146 ? -17.684 -10.444 -0.035  1.00 13.16 ? 146 GLN A C   1 
ATOM   1147 O O   . GLN A 1 146 ? -17.442 -9.369  -0.521  1.00 15.73 ? 146 GLN A O   1 
ATOM   1148 C CB  . GLN A 1 146 ? -18.733 -9.982  1.955   1.00 21.96 ? 146 GLN A CB  1 
ATOM   1149 C CG  . GLN A 1 146 ? -19.840 -10.478 2.842   1.00 43.76 ? 146 GLN A CG  1 
ATOM   1150 C CD  . GLN A 1 146 ? -20.300 -9.306  3.600   1.00 71.98 ? 146 GLN A CD  1 
ATOM   1151 O OE1 . GLN A 1 146 ? -20.851 -8.382  2.972   1.00 89.40 ? 146 GLN A OE1 1 
ATOM   1152 N NE2 . GLN A 1 146 ? -19.808 -9.223  4.838   1.00 75.70 ? 146 GLN A NE2 1 
ATOM   1153 N N   . ASN A 1 147 ? -16.855 -11.512 0.025   1.00 13.29 ? 147 ASN A N   1 
ATOM   1154 C CA  . ASN A 1 147 ? -15.483 -11.528 -0.528  1.00 11.09 ? 147 ASN A CA  1 
ATOM   1155 C C   . ASN A 1 147 ? -15.419 -12.526 -1.625  1.00 19.46 ? 147 ASN A C   1 
ATOM   1156 O O   . ASN A 1 147 ? -15.618 -13.699 -1.420  1.00 13.64 ? 147 ASN A O   1 
ATOM   1157 C CB  . ASN A 1 147 ? -14.405 -11.774 0.604   1.00 10.96 ? 147 ASN A CB  1 
ATOM   1158 C CG  . ASN A 1 147 ? -14.513 -10.691 1.694   1.00 14.78 ? 147 ASN A CG  1 
ATOM   1159 O OD1 . ASN A 1 147 ? -13.900 -9.614  1.629   1.00 13.83 ? 147 ASN A OD1 1 
ATOM   1160 N ND2 . ASN A 1 147 ? -15.330 -10.908 2.716   1.00 14.12 ? 147 ASN A ND2 1 
ATOM   1161 N N   . SER A 1 148 ? -15.117 -12.050 -2.818  1.00 12.33 ? 148 SER A N   1 
ATOM   1162 C CA  . SER A 1 148 ? -15.083 -12.897 -3.983  1.00 11.96 ? 148 SER A CA  1 
ATOM   1163 C C   . SER A 1 148 ? -14.033 -13.977 -4.138  1.00 13.67 ? 148 SER A C   1 
ATOM   1164 O O   . SER A 1 148 ? -14.231 -14.940 -4.857  1.00 15.59 ? 148 SER A O   1 
ATOM   1165 C CB  . SER A 1 148 ? -15.050 -12.014 -5.221  1.00 12.85 ? 148 SER A CB  1 
ATOM   1166 O OG  . SER A 1 148 ? -13.848 -11.282 -5.224  1.00 11.40 ? 148 SER A OG  1 
ATOM   1167 N N   . HIS A 1 149 ? -12.893 -13.826 -3.477  1.00 12.38 ? 149 HIS A N   1 
ATOM   1168 C CA  . HIS A 1 149 ? -11.775 -14.762 -3.534  1.00 10.52 ? 149 HIS A CA  1 
ATOM   1169 C C   . HIS A 1 149 ? -11.205 -14.942 -2.115  1.00 17.82 ? 149 HIS A C   1 
ATOM   1170 O O   . HIS A 1 149 ? -11.451 -14.139 -1.210  1.00 16.08 ? 149 HIS A O   1 
ATOM   1171 C CB  . HIS A 1 149 ? -10.650 -14.060 -4.337  1.00 13.15 ? 149 HIS A CB  1 
ATOM   1172 C CG  . HIS A 1 149 ? -10.993 -13.830 -5.782  1.00 15.46 ? 149 HIS A CG  1 
ATOM   1173 N ND1 . HIS A 1 149 ? -11.753 -12.727 -6.203  1.00 17.20 ? 149 HIS A ND1 1 
ATOM   1174 C CD2 . HIS A 1 149 ? -10.654 -14.555 -6.892  1.00 16.37 ? 149 HIS A CD2 1 
ATOM   1175 C CE1 . HIS A 1 149 ? -11.861 -12.832 -7.523  1.00 15.81 ? 149 HIS A CE1 1 
ATOM   1176 N NE2 . HIS A 1 149 ? -11.203 -13.912 -7.957  1.00 17.29 ? 149 HIS A NE2 1 
ATOM   1177 N N   . SER A 1 150 ? -10.423 -16.000 -1.919  1.00 13.05 ? 150 SER A N   1 
ATOM   1178 C CA  . SER A 1 150 ? -9.804  -16.231 -0.627  1.00 10.85 ? 150 SER A CA  1 
ATOM   1179 C C   . SER A 1 150 ? -8.625  -15.354 -0.612  1.00 12.61 ? 150 SER A C   1 
ATOM   1180 O O   . SER A 1 150 ? -8.158  -14.924 -1.679  1.00 13.24 ? 150 SER A O   1 
ATOM   1181 C CB  . SER A 1 150 ? -9.422  -17.684 -0.359  1.00 10.46 ? 150 SER A CB  1 
ATOM   1182 O OG  . SER A 1 150 ? -8.721  -18.247 -1.476  1.00 14.67 ? 150 SER A OG  1 
ATOM   1183 N N   . TYR A 1 151 ? -8.164  -15.059 0.593   1.00 10.53 ? 151 TYR A N   1 
ATOM   1184 C CA  . TYR A 1 151 ? -7.057  -14.163 0.828   1.00 10.08 ? 151 TYR A CA  1 
ATOM   1185 C C   . TYR A 1 151 ? -6.423  -14.438 2.182   1.00 15.80 ? 151 TYR A C   1 
ATOM   1186 O O   . TYR A 1 151 ? -7.050  -15.094 3.073   1.00 18.38 ? 151 TYR A O   1 
ATOM   1187 C CB  . TYR A 1 151 ? -7.608  -12.690 0.828   1.00 13.93 ? 151 TYR A CB  1 
ATOM   1188 C CG  . TYR A 1 151 ? -8.756  -12.480 1.834   1.00 11.81 ? 151 TYR A CG  1 
ATOM   1189 C CD1 . TYR A 1 151 ? -10.059 -12.858 1.514   1.00 14.82 ? 151 TYR A CD1 1 
ATOM   1190 C CD2 . TYR A 1 151 ? -8.553  -11.937 3.102   1.00 13.89 ? 151 TYR A CD2 1 
ATOM   1191 C CE1 . TYR A 1 151 ? -11.135 -12.713 2.397   1.00 13.17 ? 151 TYR A CE1 1 
ATOM   1192 C CE2 . TYR A 1 151 ? -9.605  -11.787 4.004   1.00 11.12 ? 151 TYR A CE2 1 
ATOM   1193 C CZ  . TYR A 1 151 ? -10.895 -12.156 3.653   1.00 12.29 ? 151 TYR A CZ  1 
ATOM   1194 O OH  . TYR A 1 151 ? -11.926 -12.040 4.531   1.00 16.74 ? 151 TYR A OH  1 
ATOM   1195 N N   . CYS A 1 152 ? -5.222  -13.918 2.339   1.00 9.75  ? 152 CYS A N   1 
ATOM   1196 C CA  . CYS A 1 152 ? -4.491  -14.073 3.564   1.00 8.52  ? 152 CYS A CA  1 
ATOM   1197 C C   . CYS A 1 152 ? -3.815  -12.798 3.955   1.00 12.93 ? 152 CYS A C   1 
ATOM   1198 O O   . CYS A 1 152 ? -3.163  -12.201 3.141   1.00 15.24 ? 152 CYS A O   1 
ATOM   1199 C CB  . CYS A 1 152 ? -3.441  -15.177 3.286   1.00 14.96 ? 152 CYS A CB  1 
ATOM   1200 S SG  . CYS A 1 152 ? -2.402  -15.579 4.735   1.00 26.82 ? 152 CYS A SG  1 
ATOM   1201 N N   . PHE A 1 153 ? -3.957  -12.378 5.192   1.00 8.64  ? 153 PHE A N   1 
ATOM   1202 C CA  . PHE A 1 153 ? -3.282  -11.193 5.669   1.00 8.78  ? 153 PHE A CA  1 
ATOM   1203 C C   . PHE A 1 153 ? -1.975  -11.619 6.283   1.00 21.20 ? 153 PHE A C   1 
ATOM   1204 O O   . PHE A 1 153 ? -1.948  -12.591 7.034   1.00 15.75 ? 153 PHE A O   1 
ATOM   1205 C CB  . PHE A 1 153 ? -4.024  -10.556 6.816   1.00 8.76  ? 153 PHE A CB  1 
ATOM   1206 C CG  . PHE A 1 153 ? -5.353  -10.029 6.362   1.00 10.79 ? 153 PHE A CG  1 
ATOM   1207 C CD1 . PHE A 1 153 ? -5.429  -9.165  5.273   1.00 15.90 ? 153 PHE A CD1 1 
ATOM   1208 C CD2 . PHE A 1 153 ? -6.536  -10.338 7.017   1.00 11.96 ? 153 PHE A CD2 1 
ATOM   1209 C CE1 . PHE A 1 153 ? -6.659  -8.665  4.837   1.00 14.38 ? 153 PHE A CE1 1 
ATOM   1210 C CE2 . PHE A 1 153 ? -7.759  -9.799  6.593   1.00 14.74 ? 153 PHE A CE2 1 
ATOM   1211 C CZ  . PHE A 1 153 ? -7.857  -8.958  5.485   1.00 12.67 ? 153 PHE A CZ  1 
ATOM   1212 N N   . GLU A 1 154 ? -0.866  -10.936 6.023   1.00 11.47 ? 154 GLU A N   1 
ATOM   1213 C CA  . GLU A 1 154 ? 0.412   -11.287 6.598   1.00 9.65  ? 154 GLU A CA  1 
ATOM   1214 C C   . GLU A 1 154 ? 1.155   -9.985  6.971   1.00 17.02 ? 154 GLU A C   1 
ATOM   1215 O O   . GLU A 1 154 ? 1.068   -8.956  6.264   1.00 12.99 ? 154 GLU A O   1 
ATOM   1216 C CB  . GLU A 1 154 ? 1.220   -12.021 5.491   1.00 12.48 ? 154 GLU A CB  1 
ATOM   1217 C CG  . GLU A 1 154 ? 2.614   -12.361 5.963   1.00 24.33 ? 154 GLU A CG  1 
ATOM   1218 C CD  . GLU A 1 154 ? 3.333   -13.379 5.083   1.00 38.14 ? 154 GLU A CD  1 
ATOM   1219 O OE1 . GLU A 1 154 ? 3.286   -13.136 3.769   1.00 32.13 ? 154 GLU A OE1 1 
ATOM   1220 O OE2 . GLU A 1 154 ? 4.014   -14.251 5.612   1.00 40.50 ? 154 GLU A OE2 1 
ATOM   1221 N N   . ILE A 1 155 ? 1.870   -10.003 8.104   1.00 9.60  ? 155 ILE A N   1 
ATOM   1222 C CA  . ILE A 1 155 ? 2.675   -8.875  8.594   1.00 9.49  ? 155 ILE A CA  1 
ATOM   1223 C C   . ILE A 1 155 ? 4.097   -9.438  8.695   1.00 15.97 ? 155 ILE A C   1 
ATOM   1224 O O   . ILE A 1 155 ? 4.324   -10.485 9.344   1.00 14.78 ? 155 ILE A O   1 
ATOM   1225 C CB  . ILE A 1 155 ? 2.264   -8.185  9.908   1.00 14.17 ? 155 ILE A CB  1 
ATOM   1226 C CG1 . ILE A 1 155 ? 0.856   -7.623  9.799   1.00 13.92 ? 155 ILE A CG1 1 
ATOM   1227 C CG2 . ILE A 1 155 ? 3.211   -6.989  10.223  1.00 13.56 ? 155 ILE A CG2 1 
ATOM   1228 C CD1 . ILE A 1 155 ? 0.308   -6.912  11.078  1.00 15.61 ? 155 ILE A CD1 1 
ATOM   1229 N N   . LEU A 1 156 ? 5.056   -8.787  8.014   1.00 10.92 ? 156 LEU A N   1 
ATOM   1230 C CA  . LEU A 1 156 ? 6.437   -9.244  8.040   1.00 13.22 ? 156 LEU A CA  1 
ATOM   1231 C C   . LEU A 1 156 ? 7.319   -8.141  8.571   1.00 18.49 ? 156 LEU A C   1 
ATOM   1232 O O   . LEU A 1 156 ? 7.099   -6.937  8.282   1.00 15.15 ? 156 LEU A O   1 
ATOM   1233 C CB  . LEU A 1 156 ? 6.936   -9.569  6.639   1.00 11.30 ? 156 LEU A CB  1 
ATOM   1234 C CG  . LEU A 1 156 ? 6.026   -10.555 5.967   1.00 23.93 ? 156 LEU A CG  1 
ATOM   1235 C CD1 . LEU A 1 156 ? 6.390   -10.629 4.515   1.00 24.19 ? 156 LEU A CD1 1 
ATOM   1236 C CD2 . LEU A 1 156 ? 6.299   -11.902 6.606   1.00 34.34 ? 156 LEU A CD2 1 
ATOM   1237 N N   . GLU A 1 157 ? 8.311   -8.507  9.378   1.00 14.09 ? 157 GLU A N   1 
ATOM   1238 C CA  . GLU A 1 157 ? 9.248   -7.528  9.987   1.00 13.43 ? 157 GLU A CA  1 
ATOM   1239 C C   . GLU A 1 157 ? 10.599  -7.801  9.421   1.00 13.11 ? 157 GLU A C   1 
ATOM   1240 O O   . GLU A 1 157 ? 10.950  -8.947  9.188   1.00 22.79 ? 157 GLU A O   1 
ATOM   1241 C CB  . GLU A 1 157 ? 9.256   -7.496  11.491  1.00 19.14 ? 157 GLU A CB  1 
ATOM   1242 C CG  . GLU A 1 157 ? 7.866   -7.094  11.982  1.00 39.24 ? 157 GLU A CG  1 
ATOM   1243 C CD  . GLU A 1 157 ? 7.821   -6.761  13.453  1.00 51.76 ? 157 GLU A CD  1 
ATOM   1244 O OE1 . GLU A 1 157 ? 8.738   -7.052  14.196  1.00 50.93 ? 157 GLU A OE1 1 
ATOM   1245 O OE2 . GLU A 1 157 ? 6.709   -6.134  13.823  1.00 56.94 ? 157 GLU A OE2 1 
ATOM   1246 N N   . ARG A 1 158 ? 11.350  -6.750  9.141   1.00 13.58 ? 158 ARG A N   1 
ATOM   1247 C CA  . ARG A 1 158 ? 12.617  -7.046  8.514   1.00 26.60 ? 158 ARG A CA  1 
ATOM   1248 C C   . ARG A 1 158 ? 13.593  -7.607  9.509   1.00 24.83 ? 158 ARG A C   1 
ATOM   1249 O O   . ARG A 1 158 ? 13.716  -7.003  10.540  1.00 26.19 ? 158 ARG A O   1 
ATOM   1250 C CB  . ARG A 1 158 ? 13.192  -5.752  7.913   1.00 20.63 ? 158 ARG A CB  1 
ATOM   1251 C CG  . ARG A 1 158 ? 14.286  -6.034  6.924   1.00 21.39 ? 158 ARG A CG  1 
ATOM   1252 C CD  . ARG A 1 158 ? 14.905  -4.706  6.588   1.00 36.11 ? 158 ARG A CD  1 
ATOM   1253 N NE  . ARG A 1 158 ? 14.164  -3.925  5.584   1.00 40.39 ? 158 ARG A NE  1 
ATOM   1254 C CZ  . ARG A 1 158 ? 14.287  -4.226  4.293   1.00 40.00 ? 158 ARG A CZ  1 
ATOM   1255 N NH1 . ARG A 1 158 ? 15.055  -5.261  3.904   1.00 36.18 ? 158 ARG A NH1 1 
ATOM   1256 N NH2 . ARG A 1 158 ? 13.641  -3.531  3.376   1.00 25.56 ? 158 ARG A NH2 1 
ATOM   1257 N N   . ARG A 1 159 ? 14.266  -8.706  9.208   1.00 33.27 ? 159 ARG A N   1 
ATOM   1258 C CA  . ARG A 1 159 ? 15.244  -9.279  10.163  1.00 34.86 ? 159 ARG A CA  1 
ATOM   1259 C C   . ARG A 1 159 ? 16.358  -8.215  10.284  1.00 52.45 ? 159 ARG A C   1 
ATOM   1260 O O   . ARG A 1 159 ? 16.430  -7.480  11.328  1.00 59.13 ? 159 ARG A O   1 
ATOM   1261 C CB  . ARG A 1 159 ? 15.808  -10.624 9.658   1.00 35.75 ? 159 ARG A CB  1 
ATOM   1262 C CG  . ARG A 1 159 ? 14.826  -11.806 9.719   1.00 37.17 ? 159 ARG A CG  1 
ATOM   1263 C CD  . ARG A 1 159 ? 15.264  -13.235 9.297   1.00 39.12 ? 159 ARG A CD  1 
ATOM   1264 N NE  . ARG A 1 159 ? 14.011  -14.074 9.254   1.00 58.30 ? 159 ARG A NE  1 
ATOM   1265 C CZ  . ARG A 1 159 ? 13.662  -15.398 9.063   1.00 61.95 ? 159 ARG A CZ  1 
ATOM   1266 N NH1 . ARG A 1 159 ? 14.491  -16.433 8.837   1.00 63.90 ? 159 ARG A NH1 1 
ATOM   1267 N NH2 . ARG A 1 159 ? 12.357  -15.704 9.107   1.00 55.28 ? 159 ARG A NH2 1 
ATOM   1268 O OXT . ARG A 1 159 ? 17.022  -7.960  9.236   1.00 48.22 ? 159 ARG A OXT 1 
HETATM 1269 P PA  . NAP B 2 .   ? 2.112   5.348   -8.531  1.00 12.14 ? 164 NAP A PA  1 
HETATM 1270 O O1A . NAP B 2 .   ? 3.363   4.774   -7.993  1.00 9.84  ? 164 NAP A O1A 1 
HETATM 1271 O O2A . NAP B 2 .   ? 0.862   5.536   -7.866  1.00 11.70 ? 164 NAP A O2A 1 
HETATM 1272 O O5B . NAP B 2 .   ? 2.468   6.817   -9.130  1.00 11.81 ? 164 NAP A O5B 1 
HETATM 1273 C C5B . NAP B 2 .   ? 3.643   6.977   -9.853  1.00 9.53  ? 164 NAP A C5B 1 
HETATM 1274 C C4B . NAP B 2 .   ? 3.788   8.585   -9.978  1.00 10.67 ? 164 NAP A C4B 1 
HETATM 1275 O O4B . NAP B 2 .   ? 4.209   9.185   -8.658  1.00 12.67 ? 164 NAP A O4B 1 
HETATM 1276 C C3B . NAP B 2 .   ? 4.947   9.023   -10.972 1.00 8.86  ? 164 NAP A C3B 1 
HETATM 1277 O O3B . NAP B 2 .   ? 4.276   9.059   -12.242 1.00 15.86 ? 164 NAP A O3B 1 
HETATM 1278 C C2B . NAP B 2 .   ? 5.320   10.400  -10.370 1.00 10.62 ? 164 NAP A C2B 1 
HETATM 1279 O O2B . NAP B 2 .   ? 4.117   11.278  -10.600 1.00 12.75 ? 164 NAP A O2B 1 
HETATM 1280 C C1B . NAP B 2 .   ? 5.246   10.167  -8.839  1.00 10.12 ? 164 NAP A C1B 1 
HETATM 1281 N N9A . NAP B 2 .   ? 6.495   9.750   -8.309  1.00 11.58 ? 164 NAP A N9A 1 
HETATM 1282 C C8A . NAP B 2 .   ? 6.911   8.470   -7.998  1.00 12.92 ? 164 NAP A C8A 1 
HETATM 1283 N N7A . NAP B 2 .   ? 8.107   8.479   -7.546  1.00 13.46 ? 164 NAP A N7A 1 
HETATM 1284 C C5A . NAP B 2 .   ? 8.498   9.821   -7.561  1.00 15.51 ? 164 NAP A C5A 1 
HETATM 1285 C C6A . NAP B 2 .   ? 9.683   10.474  -7.192  1.00 22.87 ? 164 NAP A C6A 1 
HETATM 1286 N N6A . NAP B 2 .   ? 10.784  9.863   -6.701  1.00 17.37 ? 164 NAP A N6A 1 
HETATM 1287 N N1A . NAP B 2 .   ? 9.709   11.818  -7.350  1.00 23.89 ? 164 NAP A N1A 1 
HETATM 1288 C C2A . NAP B 2 .   ? 8.627   12.436  -7.837  1.00 22.24 ? 164 NAP A C2A 1 
HETATM 1289 N N3A . NAP B 2 .   ? 7.478   11.929  -8.214  1.00 14.63 ? 164 NAP A N3A 1 
HETATM 1290 C C4A . NAP B 2 .   ? 7.500   10.590  -8.041  1.00 10.46 ? 164 NAP A C4A 1 
HETATM 1291 O O3  . NAP B 2 .   ? 1.862   4.656   -9.911  1.00 14.97 ? 164 NAP A O3  1 
HETATM 1292 P PN  . NAP B 2 .   ? 2.072   3.133   -10.486 1.00 15.25 ? 164 NAP A PN  1 
HETATM 1293 O O1N . NAP B 2 .   ? 3.448   2.795   -10.540 1.00 17.39 ? 164 NAP A O1N 1 
HETATM 1294 O O2N . NAP B 2 .   ? 1.257   2.208   -9.600  1.00 15.40 ? 164 NAP A O2N 1 
HETATM 1295 O O5D . NAP B 2 .   ? 1.276   3.199   -11.861 1.00 22.88 ? 164 NAP A O5D 1 
HETATM 1296 P P2B . NAP B 2 .   ? 4.200   12.427  -11.970 1.00 14.24 ? 164 NAP A P2B 1 
HETATM 1297 O O1X . NAP B 2 .   ? 3.057   13.373  -11.641 1.00 13.75 ? 164 NAP A O1X 1 
HETATM 1298 O O2X . NAP B 2 .   ? 5.611   12.899  -11.863 1.00 12.16 ? 164 NAP A O2X 1 
HETATM 1299 O O3X . NAP B 2 .   ? 3.978   11.486  -13.102 1.00 13.65 ? 164 NAP A O3X 1 
HETATM 1300 O O   . HOH C 3 .   ? -6.359  26.394  -1.172  1.00 16.11 ? 700 HOH A O   1 
HETATM 1301 O O   . HOH C 3 .   ? 2.311   6.951   12.955  1.00 16.25 ? 701 HOH A O   1 
HETATM 1302 O O   . HOH C 3 .   ? 4.976   1.133   -12.064 1.00 21.90 ? 702 HOH A O   1 
HETATM 1303 O O   . HOH C 3 .   ? -3.685  -4.048  -5.499  1.00 24.50 ? 703 HOH A O   1 
HETATM 1304 O O   . HOH C 3 .   ? -0.754  -1.245  12.370  1.00 34.99 ? 704 HOH A O   1 
HETATM 1305 O O   . HOH C 3 .   ? 4.427   -4.106  -17.106 1.00 31.04 ? 705 HOH A O   1 
HETATM 1306 O O   . HOH C 3 .   ? 13.286  10.809  -4.986  1.00 24.15 ? 706 HOH A O   1 
HETATM 1307 O O   . HOH C 3 .   ? -1.546  16.557  -10.474 1.00 29.39 ? 707 HOH A O   1 
HETATM 1308 O O   . HOH C 3 .   ? -12.410 -5.047  -3.118  1.00 32.29 ? 708 HOH A O   1 
HETATM 1309 O O   . HOH C 3 .   ? -4.012  4.000   14.880  1.00 45.47 ? 709 HOH A O   1 
HETATM 1310 O O   . HOH C 3 .   ? 1.166   15.458  -12.699 1.00 27.19 ? 710 HOH A O   1 
HETATM 1311 O O   . HOH C 3 .   ? -1.360  -0.054  -4.129  1.00 39.83 ? 712 HOH A O   1 
HETATM 1312 O O   . HOH C 3 .   ? -10.472 -5.651  -14.923 1.00 32.55 ? 714 HOH A O   1 
HETATM 1313 O O   . HOH C 3 .   ? 7.521   11.507  -13.071 1.00 25.04 ? 715 HOH A O   1 
HETATM 1314 O O   . HOH C 3 .   ? 5.332   20.057  -5.458  1.00 27.72 ? 716 HOH A O   1 
HETATM 1315 O O   . HOH C 3 .   ? 0.646   9.171   13.462  1.00 26.12 ? 717 HOH A O   1 
HETATM 1316 O O   . HOH C 3 .   ? 9.171   18.176  3.092   1.00 40.89 ? 718 HOH A O   1 
HETATM 1317 O O   . HOH C 3 .   ? 1.907   20.894  -0.997  1.00 22.17 ? 719 HOH A O   1 
HETATM 1318 O O   . HOH C 3 .   ? -11.464 12.020  10.315  1.00 44.34 ? 720 HOH A O   1 
HETATM 1319 O O   . HOH C 3 .   ? 5.535   13.149  17.874  1.00 23.56 ? 721 HOH A O   1 
HETATM 1320 O O   . HOH C 3 .   ? 15.204  16.136  -1.891  1.00 39.51 ? 722 HOH A O   1 
HETATM 1321 O O   . HOH C 3 .   ? 4.568   17.847  -6.524  1.00 21.30 ? 723 HOH A O   1 
HETATM 1322 O O   . HOH C 3 .   ? -1.936  -2.733  -3.297  1.00 21.47 ? 724 HOH A O   1 
HETATM 1323 O O   . HOH C 3 .   ? 2.153   -10.256 -14.682 1.00 24.99 ? 726 HOH A O   1 
HETATM 1324 O O   . HOH C 3 .   ? 5.337   10.807  -15.271 1.00 24.89 ? 727 HOH A O   1 
HETATM 1325 O O   . HOH C 3 .   ? 0.976   17.003  -9.983  1.00 21.86 ? 729 HOH A O   1 
HETATM 1326 O O   . HOH C 3 .   ? 9.497   11.707  9.114   1.00 36.60 ? 730 HOH A O   1 
HETATM 1327 O O   . HOH C 3 .   ? -2.137  11.350  14.491  1.00 42.05 ? 731 HOH A O   1 
HETATM 1328 O O   . HOH C 3 .   ? -2.086  -12.376 -11.243 1.00 23.45 ? 733 HOH A O   1 
HETATM 1329 O O   . HOH C 3 .   ? 2.803   9.584   -15.672 1.00 37.12 ? 734 HOH A O   1 
HETATM 1330 O O   . HOH C 3 .   ? -2.987  11.127  -15.717 1.00 61.12 ? 735 HOH A O   1 
HETATM 1331 O O   . HOH C 3 .   ? 3.040   0.463   -14.536 1.00 60.52 ? 736 HOH A O   1 
HETATM 1332 O O   . HOH C 3 .   ? -2.368  -5.561  3.152   1.00 12.38 ? 738 HOH A O   1 
HETATM 1333 O O   . HOH C 3 .   ? -9.844  10.426  12.624  1.00 31.73 ? 739 HOH A O   1 
HETATM 1334 O O   . HOH C 3 .   ? 0.110   -12.804 -3.200  1.00 19.84 ? 740 HOH A O   1 
HETATM 1335 O O   . HOH C 3 .   ? -19.165 -7.500  -1.342  1.00 33.90 ? 741 HOH A O   1 
HETATM 1336 O O   . HOH C 3 .   ? -8.225  -16.255 -10.513 1.00 30.52 ? 742 HOH A O   1 
HETATM 1337 O O   . HOH C 3 .   ? 2.028   -13.263 -5.404  1.00 32.77 ? 743 HOH A O   1 
HETATM 1338 O O   . HOH C 3 .   ? -1.686  -14.721 -4.094  1.00 25.30 ? 744 HOH A O   1 
HETATM 1339 O O   . HOH C 3 .   ? -10.444 -7.320  7.848   1.00 29.18 ? 745 HOH A O   1 
HETATM 1340 O O   . HOH C 3 .   ? -13.719 -13.983 3.988   1.00 33.15 ? 746 HOH A O   1 
HETATM 1341 O O   . HOH C 3 .   ? -4.820  -16.876 0.308   1.00 39.82 ? 747 HOH A O   1 
HETATM 1342 O O   . HOH C 3 .   ? 2.969   -0.824  13.820  1.00 34.91 ? 748 HOH A O   1 
HETATM 1343 O O   . HOH C 3 .   ? -6.482  -1.179  -11.304 1.00 44.59 ? 749 HOH A O   1 
HETATM 1344 O O   . HOH C 3 .   ? -4.408  -3.493  1.861   1.00 28.19 ? 750 HOH A O   1 
HETATM 1345 O O   . HOH C 3 .   ? 2.049   -18.106 -11.793 1.00 38.46 ? 751 HOH A O   1 
HETATM 1346 O O   . HOH C 3 .   ? 0.720   20.548  -12.330 1.00 44.82 ? 752 HOH A O   1 
HETATM 1347 O O   . HOH C 3 .   ? 0.562   -12.474 -14.335 1.00 49.26 ? 753 HOH A O   1 
HETATM 1348 O O   . HOH C 3 .   ? -4.068  -1.739  -0.444  1.00 34.94 ? 754 HOH A O   1 
HETATM 1349 O O   . HOH C 3 .   ? -4.759  -18.713 9.041   1.00 39.85 ? 755 HOH A O   1 
HETATM 1350 O O   . HOH C 3 .   ? -7.019  23.012  -4.048  1.00 34.56 ? 756 HOH A O   1 
HETATM 1351 O O   . HOH C 3 .   ? -11.305 -1.702  10.161  1.00 48.21 ? 757 HOH A O   1 
HETATM 1352 O O   . HOH C 3 .   ? -8.320  -9.874  10.676  1.00 44.94 ? 758 HOH A O   1 
HETATM 1353 O O   . HOH C 3 .   ? 3.111   -15.871 10.902  1.00 45.40 ? 759 HOH A O   1 
HETATM 1354 O O   . HOH C 3 .   ? -1.106  21.217  1.091   1.00 50.41 ? 760 HOH A O   1 
HETATM 1355 O O   . HOH C 3 .   ? 10.606  15.012  -9.380  1.00 39.05 ? 761 HOH A O   1 
HETATM 1356 O O   . HOH C 3 .   ? 3.336   14.624  11.218  1.00 33.27 ? 762 HOH A O   1 
HETATM 1357 O O   . HOH C 3 .   ? -2.512  0.279   -0.601  1.00 43.12 ? 763 HOH A O   1 
HETATM 1358 O O   . HOH C 3 .   ? -1.270  16.958  4.667   1.00 45.68 ? 764 HOH A O   1 
HETATM 1359 O O   . HOH C 3 .   ? 15.622  -15.590 -5.503  1.00 45.87 ? 765 HOH A O   1 
HETATM 1360 O O   . HOH C 3 .   ? -11.340 -12.799 -11.012 1.00 34.85 ? 766 HOH A O   1 
HETATM 1361 O O   . HOH C 3 .   ? 13.308  2.011   11.380  1.00 57.69 ? 767 HOH A O   1 
HETATM 1362 O O   . HOH C 3 .   ? 3.458   20.552  -15.783 1.00 35.44 ? 768 HOH A O   1 
HETATM 1363 O O   . HOH C 3 .   ? -11.277 13.467  2.812   1.00 49.51 ? 769 HOH A O   1 
HETATM 1364 O O   . HOH C 3 .   ? 5.367   15.315  13.494  1.00 30.44 ? 770 HOH A O   1 
HETATM 1365 O O   . HOH C 3 .   ? 6.221   7.408   -13.672 1.00 40.85 ? 771 HOH A O   1 
HETATM 1366 O O   . HOH C 3 .   ? 7.117   21.601  -14.252 1.00 41.83 ? 772 HOH A O   1 
HETATM 1367 O O   . HOH C 3 .   ? 5.564   20.155  -0.172  1.00 49.91 ? 773 HOH A O   1 
HETATM 1368 O O   . HOH C 3 .   ? -2.740  1.023   13.578  1.00 54.88 ? 774 HOH A O   1 
HETATM 1369 O O   . HOH C 3 .   ? -3.657  14.045  -13.982 1.00 54.22 ? 775 HOH A O   1 
HETATM 1370 O O   . HOH C 3 .   ? 3.148   21.697  -5.683  1.00 31.06 ? 776 HOH A O   1 
HETATM 1371 O O   . HOH C 3 .   ? 2.276   2.573   15.087  1.00 37.50 ? 779 HOH A O   1 
HETATM 1372 O O   . HOH C 3 .   ? 1.844   22.243  -3.538  1.00 35.97 ? 780 HOH A O   1 
HETATM 1373 O O   . HOH C 3 .   ? -2.187  1.317   -15.431 1.00 46.90 ? 781 HOH A O   1 
HETATM 1374 O O   . HOH C 3 .   ? -0.424  2.969   -13.974 1.00 40.32 ? 782 HOH A O   1 
HETATM 1375 O O   . HOH C 3 .   ? 3.168   18.234  6.425   1.00 66.79 ? 783 HOH A O   1 
HETATM 1376 O O   . HOH C 3 .   ? -1.214  18.780  -13.138 1.00 55.40 ? 784 HOH A O   1 
HETATM 1377 O O   . HOH C 3 .   ? 12.483  12.823  -7.685  1.00 43.74 ? 785 HOH A O   1 
HETATM 1378 O O   . HOH C 3 .   ? 11.181  5.896   -9.794  1.00 46.17 ? 786 HOH A O   1 
HETATM 1379 O O   . HOH C 3 .   ? -12.090 -11.183 7.162   1.00 49.76 ? 787 HOH A O   1 
HETATM 1380 O O   . HOH C 3 .   ? -5.664  16.401  -7.933  1.00 38.31 ? 789 HOH A O   1 
HETATM 1381 O O   . HOH C 3 .   ? 11.947  2.181   8.633   1.00 31.00 ? 790 HOH A O   1 
HETATM 1382 O O   . HOH C 3 .   ? 13.509  -15.909 1.147   1.00 39.88 ? 791 HOH A O   1 
HETATM 1383 O O   . HOH C 3 .   ? -2.166  16.328  -13.430 1.00 55.61 ? 792 HOH A O   1 
HETATM 1384 O O   . HOH C 3 .   ? 7.083   -2.043  -7.701  1.00 35.78 ? 793 HOH A O   1 
HETATM 1385 O O   . HOH C 3 .   ? 1.780   -17.700 -14.452 1.00 61.52 ? 794 HOH A O   1 
HETATM 1386 O O   . HOH C 3 .   ? 6.034   21.498  -3.104  1.00 67.57 ? 795 HOH A O   1 
HETATM 1387 O O   . HOH C 3 .   ? -4.097  -20.064 -0.700  1.00 35.39 ? 796 HOH A O   1 
HETATM 1388 O O   . HOH C 3 .   ? -4.637  -18.460 11.769  1.00 60.43 ? 797 HOH A O   1 
HETATM 1389 O O   . HOH C 3 .   ? -14.139 -0.823  6.393   1.00 36.55 ? 798 HOH A O   1 
HETATM 1390 O O   . HOH C 3 .   ? -1.311  11.739  10.152  1.00 45.12 ? 799 HOH A O   1 
HETATM 1391 O O   . HOH C 3 .   ? 8.995   -16.310 8.281   1.00 52.34 ? 800 HOH A O   1 
HETATM 1392 O O   . HOH C 3 .   ? -3.941  23.530  -6.569  1.00 42.41 ? 801 HOH A O   1 
HETATM 1393 O O   . HOH C 3 .   ? -1.767  21.546  -4.491  1.00 25.01 ? 802 HOH A O   1 
HETATM 1394 O O   . HOH C 3 .   ? 15.068  11.632  -2.416  1.00 32.73 ? 803 HOH A O   1 
HETATM 1395 O O   . HOH C 3 .   ? -13.019 -19.751 -0.543  1.00 44.60 ? 804 HOH A O   1 
HETATM 1396 O O   . HOH C 3 .   ? 8.793   -14.629 5.412   1.00 49.03 ? 805 HOH A O   1 
HETATM 1397 O O   . HOH C 3 .   ? -9.874  14.108  7.770   1.00 44.40 ? 806 HOH A O   1 
HETATM 1398 O O   . HOH C 3 .   ? -15.176 -3.331  4.671   1.00 43.43 ? 808 HOH A O   1 
HETATM 1399 O O   . HOH C 3 .   ? 2.355   22.664  -14.194 1.00 50.12 ? 809 HOH A O   1 
HETATM 1400 O O   . HOH C 3 .   ? -2.506  3.513   -12.596 1.00 51.00 ? 810 HOH A O   1 
HETATM 1401 O O   . HOH C 3 .   ? -5.491  11.877  12.037  1.00 61.58 ? 812 HOH A O   1 
HETATM 1402 O O   . HOH C 3 .   ? -12.619 -16.125 6.902   1.00 54.49 ? 813 HOH A O   1 
HETATM 1403 O O   . HOH C 3 .   ? -0.711  0.561   -9.011  1.00 41.41 ? 814 HOH A O   1 
HETATM 1404 O O   . HOH C 3 .   ? -7.431  -18.716 -12.738 1.00 52.51 ? 815 HOH A O   1 
HETATM 1405 O O   . HOH C 3 .   ? -1.690  1.874   -6.093  1.00 48.10 ? 816 HOH A O   1 
HETATM 1406 O O   . HOH C 3 .   ? -2.792  19.151  4.378   1.00 53.64 ? 817 HOH A O   1 
HETATM 1407 O O   . HOH C 3 .   ? 8.092   -3.899  -9.388  1.00 46.47 ? 818 HOH A O   1 
HETATM 1408 O O   . HOH C 3 .   ? -16.132 -9.268  4.882   1.00 37.18 ? 819 HOH A O   1 
HETATM 1409 O O   . HOH C 3 .   ? -3.211  -3.558  -17.946 1.00 53.94 ? 820 HOH A O   1 
HETATM 1410 O O   . HOH C 3 .   ? -5.540  18.464  -12.260 1.00 68.51 ? 822 HOH A O   1 
HETATM 1411 O O   . HOH C 3 .   ? -23.600 -12.897 -1.931  1.00 59.83 ? 823 HOH A O   1 
HETATM 1412 O O   . HOH C 3 .   ? -13.316 -7.066  8.706   1.00 43.54 ? 824 HOH A O   1 
HETATM 1413 O O   . HOH C 3 .   ? 9.963   -14.457 -6.231  1.00 49.15 ? 825 HOH A O   1 
HETATM 1414 O O   . HOH C 3 .   ? -13.162 -17.443 -5.547  1.00 48.78 ? 826 HOH A O   1 
HETATM 1415 O O   . HOH C 3 .   ? -17.094 -11.923 5.444   1.00 50.60 ? 828 HOH A O   1 
HETATM 1416 O O   . HOH C 3 .   ? -2.951  0.370   -10.829 1.00 52.07 ? 829 HOH A O   1 
HETATM 1417 O O   . HOH C 3 .   ? 0.230   20.994  2.933   1.00 52.57 ? 830 HOH A O   1 
HETATM 1418 O O   . HOH C 3 .   ? 13.022  -1.894  -4.574  1.00 45.27 ? 831 HOH A O   1 
HETATM 1419 O O   . HOH C 3 .   ? 15.256  3.764   -2.283  1.00 49.68 ? 832 HOH A O   1 
HETATM 1420 O O   . HOH C 3 .   ? -5.156  6.593   -12.195 1.00 53.94 ? 833 HOH A O   1 
HETATM 1421 O O   . HOH C 3 .   ? -3.749  14.451  -10.041 1.00 34.92 ? 834 HOH A O   1 
HETATM 1422 O O   . HOH C 3 .   ? -3.991  15.802  4.467   1.00 44.28 ? 835 HOH A O   1 
HETATM 1423 O O   . HOH C 3 .   ? 11.350  4.061   13.665  1.00 56.64 ? 837 HOH A O   1 
HETATM 1424 O O   . HOH C 3 .   ? 12.467  -3.944  11.640  1.00 53.86 ? 838 HOH A O   1 
HETATM 1425 O O   . HOH C 3 .   ? -9.866  21.223  -3.397  1.00 51.75 ? 839 HOH A O   1 
HETATM 1426 O O   . HOH C 3 .   ? 14.003  8.385   -5.693  1.00 44.22 ? 841 HOH A O   1 
HETATM 1427 O O   . HOH C 3 .   ? 1.181   1.159   -15.899 1.00 54.47 ? 842 HOH A O   1 
HETATM 1428 O O   . HOH C 3 .   ? -11.010 9.046   -9.086  1.00 56.64 ? 843 HOH A O   1 
HETATM 1429 O O   . HOH C 3 .   ? -1.403  23.829  -9.506  1.00 60.46 ? 844 HOH A O   1 
HETATM 1430 O O   . HOH C 3 .   ? 10.437  18.070  -11.321 1.00 54.90 ? 845 HOH A O   1 
HETATM 1431 O O   . HOH C 3 .   ? 13.005  -9.436  12.097  1.00 54.11 ? 846 HOH A O   1 
HETATM 1432 O O   . HOH C 3 .   ? 11.773  -14.235 -3.722  1.00 51.20 ? 847 HOH A O   1 
HETATM 1433 O O   . HOH C 3 .   ? -9.069  -17.424 9.819   1.00 56.26 ? 848 HOH A O   1 
HETATM 1434 O O   . HOH C 3 .   ? 8.683   -11.559 -3.697  1.00 56.81 ? 849 HOH A O   1 
HETATM 1435 O O   . HOH C 3 .   ? -8.299  4.252   13.927  1.00 49.65 ? 850 HOH A O   1 
HETATM 1436 O O   . HOH C 3 .   ? -13.894 8.752   -5.089  1.00 67.21 ? 851 HOH A O   1 
HETATM 1437 O O   . HOH C 3 .   ? -2.495  -0.551  -6.731  1.00 62.28 ? 852 HOH A O   1 
HETATM 1438 O O   . HOH C 3 .   ? -7.364  13.511  5.250   1.00 49.75 ? 853 HOH A O   1 
HETATM 1439 O O   . HOH C 3 .   ? -10.841 -21.833 0.399   1.00 52.77 ? 855 HOH A O   1 
HETATM 1440 O O   . HOH C 3 .   ? -8.588  -4.929  -2.607  1.00 51.39 ? 856 HOH A O   1 
HETATM 1441 O O   . HOH C 3 .   ? -6.128  1.968   -13.483 1.00 57.83 ? 858 HOH A O   1 
HETATM 1442 O O   . HOH C 3 .   ? -8.143  16.803  -6.758  1.00 43.88 ? 859 HOH A O   1 
HETATM 1443 O O   . HOH C 3 .   ? 1.487   4.302   -15.120 1.00 52.43 ? 860 HOH A O   1 
HETATM 1444 O O   . HOH C 3 .   ? -11.488 -17.854 8.167   1.00 56.12 ? 861 HOH A O   1 
HETATM 1445 O O   . HOH C 3 .   ? -2.182  6.344   14.989  1.00 52.35 ? 862 HOH A O   1 
HETATM 1446 O O   . HOH C 3 .   ? -3.431  8.617   -12.914 1.00 49.75 ? 863 HOH A O   1 
HETATM 1447 O O   . HOH C 3 .   ? -9.257  11.811  -8.928  1.00 58.03 ? 864 HOH A O   1 
HETATM 1448 O O   . HOH C 3 .   ? 8.697   0.390   -11.476 1.00 57.78 ? 865 HOH A O   1 
HETATM 1449 O O   . HOH C 3 .   ? -1.579  -0.016  -13.661 1.00 48.90 ? 866 HOH A O   1 
HETATM 1450 O O   . HOH C 3 .   ? -20.855 -16.458 3.622   1.00 41.30 ? 867 HOH A O   1 
HETATM 1451 O O   . HOH C 3 .   ? 3.331   -7.058  14.205  1.00 42.53 ? 868 HOH A O   1 
HETATM 1452 O O   . HOH C 3 .   ? 13.779  -7.093  -2.264  1.00 44.94 ? 869 HOH A O   1 
HETATM 1453 O O   . HOH C 3 .   ? -2.062  -19.657 5.008   1.00 38.77 ? 870 HOH A O   1 
HETATM 1454 O O   . HOH C 3 .   ? 10.879  3.106   -9.231  1.00 38.90 ? 871 HOH A O   1 
HETATM 1455 O O   . HOH C 3 .   ? -4.147  2.843   12.131  1.00 40.95 ? 872 HOH A O   1 
HETATM 1456 O O   . HOH C 3 .   ? -9.412  -8.100  -15.384 1.00 40.30 ? 873 HOH A O   1 
HETATM 1457 O O   . HOH C 3 .   ? -16.511 -19.207 3.337   1.00 41.09 ? 874 HOH A O   1 
HETATM 1458 O O   . HOH C 3 .   ? -9.015  -18.188 -8.128  1.00 39.62 ? 875 HOH A O   1 
HETATM 1459 O O   . HOH C 3 .   ? 1.216   -17.767 11.630  1.00 44.26 ? 877 HOH A O   1 
HETATM 1460 O O   . HOH C 3 .   ? -6.773  -7.052  11.944  1.00 38.78 ? 879 HOH A O   1 
HETATM 1461 O O   . HOH C 3 .   ? 8.414   3.242   15.843  1.00 42.16 ? 880 HOH A O   1 
HETATM 1462 O O   . HOH C 3 .   ? -14.824 -17.005 5.356   1.00 40.81 ? 881 HOH A O   1 
# 
